data_9I2C
#
_entry.id   9I2C
#
_cell.length_a   1.00
_cell.length_b   1.00
_cell.length_c   1.00
_cell.angle_alpha   90.00
_cell.angle_beta   90.00
_cell.angle_gamma   90.00
#
_symmetry.space_group_name_H-M   'P 1'
#
loop_
_entity.id
_entity.type
_entity.pdbx_description
1 polymer 'Isoform 1 of Kelch repeat and BTB domain-containing protein 4'
2 polymer 'Histone deacetylase 2'
3 polymer 'REST corepressor 1'
4 non-polymer (1r,4r)-N~1~-[(7P)-2-benzyl-7-(2-methyl-2H-tetrazol-5-yl)-9H-pyrimido[4,5-b]indol-4-yl]cyclohexane-1,4-diamine
5 non-polymer 'ZINC ION'
#
loop_
_entity_poly.entity_id
_entity_poly.type
_entity_poly.pdbx_seq_one_letter_code
_entity_poly.pdbx_strand_id
1 'polypeptide(L)'
;MESPEEPGASMDENYFVNYTFKDRSHSGRVAQGIMKLCLEEELFADVTISVEGREFQLHRLVLSAQSCFFRSMFTSNLKE
AHNRVIVLQDVSESVFQLLVDYIYHGTVKLRAEELQEIYEVSDMYQLTSLFEECSRFLARTVQVGNCLQVMWLADRHSDP
ELYTAAKHCAKTHLAQLQNTEEFLHLPHRLLTDIISDGVPCSQNPTEAIEAWINFNKEEREAFAESLRTSLKEIGENVHI
YLIGKESSRTHSLAVSLHCAEDDSISVSGQNSLCHQITAACKHGGDLYVVGGSIPRRMWKCNNATVDWEWCAPLPRDRLQ
HTLVSVPGKDAIYSLGGKTLQDTLSNAVIYYRVGDNVWTETTQLEVAVSGAAGANLNGIIYLLGGEENDLDFFTKPSRLI
QCFDTETDKCHVKPYVLPFAGRMHAAVHKDLVFIVAEGDSLVCYNPLLDSFTRLCLPEAWSSAPSLWKIASCNGSIYVFR
DRYKKGDANTYKLDPATSAVTVTRGIKVLLTNLQFVLA
;
A,C
2 'polypeptide(L)'
;MAYSQGGGKKKVCYYYDGDIGNYYYGQGHPMKPHRIRMTHNLLLNYGLYRKMEIYRPHKATAEEMTKYHSDEYIKFLRSI
RPDNMSEYSKQMQRFNVGEDCPVFDGLFEFCQLSTGGSVAGAVKLNRQQTDMAVNWAGGLHHAKKSEASGFCYVNDIVLA
ILELLKYHQRVLYIDIDIHHGDGVEEAFYTTDRVMTVSFHKYGEYFPGTGDLRDIGAGKGKYYAVNFPMRDGIDDESYGQ
IFKPIISKVMEMYQPSAVVLQCGADSLSGDRLGCFNLTVKGHAKCVEVVKTFNLPLLMLGGGGYTIRNVARCWTYETAVA
LDCEIPNELPYNDYFEYFGPDFKLHISPSNMTNQNTPEYMEKIKQRLFENLRMLPHAPGVQMQAIPEDAVHEDSGDEDGE
DPDKRISIRASDKRIACDEEFSDSEDEGEGGRRNVADHKKGAKKARIEEDKKETEDKKTDVKEEDKSKDNSGEKTDTKGT
KSEQLSNP
;
B
3 'polypeptide(L)'
;MSWEEGSSGSSSDEEHGGGGMRVGPQYQAVVPDFDPAKLARRSQERDNLGMLVWSPNQNLSEAKLDEYIAIAKEKHGYNM
EQALGMLFWHKHNIEKSLADLPNFTPFPDEWTVEDKVLFEQAFSFHGKTFHRIQQMLPDKSIASLVKFYYSWKKTRTKTS
VMDRAENLYFQSHHHHHHHHHHDYKDDDDK
;
D
#
# COMPACT_ATOMS: atom_id res chain seq x y z
N ASP A 12 25.29 9.15 -25.41
CA ASP A 12 24.47 7.95 -25.54
C ASP A 12 23.52 8.08 -26.73
N GLU A 13 23.96 8.77 -27.78
CA GLU A 13 23.12 8.96 -28.95
C GLU A 13 22.82 7.64 -29.65
N ASN A 14 23.82 6.78 -29.77
CA ASN A 14 23.63 5.49 -30.45
C ASN A 14 24.57 4.47 -29.82
N TYR A 15 24.00 3.37 -29.34
CA TYR A 15 24.81 2.34 -28.69
C TYR A 15 25.77 1.67 -29.66
N PHE A 16 25.44 1.64 -30.95
CA PHE A 16 26.26 0.98 -31.94
C PHE A 16 27.30 1.90 -32.58
N VAL A 17 27.32 3.19 -32.22
CA VAL A 17 28.29 4.12 -32.79
C VAL A 17 29.12 4.74 -31.67
N ASN A 18 28.47 5.47 -30.76
CA ASN A 18 29.18 6.10 -29.66
C ASN A 18 28.20 6.36 -28.52
N TYR A 19 28.61 5.98 -27.31
CA TYR A 19 27.79 6.21 -26.12
C TYR A 19 28.70 6.28 -24.90
N THR A 20 28.16 6.87 -23.83
CA THR A 20 28.90 6.98 -22.59
C THR A 20 28.68 5.74 -21.73
N PHE A 21 29.78 5.22 -21.17
CA PHE A 21 29.75 4.05 -20.32
C PHE A 21 29.91 4.45 -18.87
N LYS A 22 28.97 4.04 -18.02
CA LYS A 22 29.00 4.33 -16.60
C LYS A 22 29.15 3.03 -15.83
N ASP A 23 30.17 2.95 -14.98
CA ASP A 23 30.44 1.77 -14.18
C ASP A 23 29.88 2.01 -12.77
N ARG A 24 28.85 1.25 -12.41
CA ARG A 24 28.24 1.41 -11.08
C ARG A 24 29.17 0.93 -9.98
N SER A 25 29.96 -0.10 -10.24
CA SER A 25 30.86 -0.65 -9.22
C SER A 25 32.16 0.15 -9.09
N HIS A 26 32.38 1.13 -9.96
CA HIS A 26 33.64 1.88 -9.94
C HIS A 26 33.88 2.51 -8.57
N SER A 27 32.86 3.17 -8.01
CA SER A 27 33.00 3.75 -6.69
C SER A 27 33.36 2.69 -5.66
N GLY A 28 32.75 1.51 -5.76
CA GLY A 28 33.16 0.40 -4.91
C GLY A 28 34.55 -0.10 -5.28
N ARG A 29 34.85 -0.17 -6.58
CA ARG A 29 36.12 -0.74 -7.02
C ARG A 29 37.29 0.07 -6.49
N VAL A 30 37.18 1.40 -6.50
CA VAL A 30 38.21 2.23 -5.89
C VAL A 30 38.22 2.03 -4.37
N ALA A 31 37.03 1.88 -3.78
CA ALA A 31 36.95 1.72 -2.32
C ALA A 31 37.66 0.45 -1.87
N GLN A 32 37.45 -0.66 -2.58
CA GLN A 32 38.11 -1.90 -2.23
C GLN A 32 39.60 -1.88 -2.56
N GLY A 33 40.03 -0.99 -3.45
CA GLY A 33 41.43 -0.86 -3.80
C GLY A 33 42.27 -0.01 -2.88
N ILE A 34 41.65 0.60 -1.87
CA ILE A 34 42.36 1.44 -0.91
C ILE A 34 42.66 0.67 0.38
N MET A 35 41.64 0.04 0.96
CA MET A 35 41.85 -0.72 2.19
C MET A 35 42.81 -1.89 1.97
N LYS A 36 42.67 -2.59 0.83
CA LYS A 36 43.54 -3.70 0.52
C LYS A 36 44.96 -3.26 0.21
N LEU A 37 45.20 -1.98 -0.03
CA LEU A 37 46.53 -1.46 -0.35
C LEU A 37 47.07 -0.54 0.72
N CYS A 38 46.35 0.51 1.09
CA CYS A 38 46.85 1.48 2.04
C CYS A 38 46.99 0.93 3.45
N LEU A 39 46.39 -0.22 3.75
CA LEU A 39 46.45 -0.81 5.09
C LEU A 39 47.14 -2.16 5.11
N GLU A 40 46.78 -3.06 4.19
CA GLU A 40 47.39 -4.40 4.19
C GLU A 40 48.87 -4.34 3.89
N GLU A 41 49.28 -3.53 2.90
CA GLU A 41 50.68 -3.40 2.50
C GLU A 41 50.96 -1.93 2.23
N GLU A 42 51.43 -1.23 3.26
CA GLU A 42 51.64 0.21 3.20
C GLU A 42 52.56 0.60 2.06
N LEU A 43 52.02 1.28 1.05
CA LEU A 43 52.77 1.70 -0.12
C LEU A 43 52.40 3.13 -0.48
N PHE A 44 53.30 3.79 -1.20
CA PHE A 44 53.11 5.16 -1.66
C PHE A 44 52.85 6.13 -0.51
N ALA A 45 53.43 5.84 0.65
CA ALA A 45 53.22 6.66 1.85
C ALA A 45 54.08 7.91 1.75
N ASP A 46 53.45 9.05 1.49
CA ASP A 46 54.17 10.30 1.30
C ASP A 46 54.32 11.12 2.57
N VAL A 47 53.45 10.92 3.57
CA VAL A 47 53.44 11.74 4.78
C VAL A 47 53.64 10.85 6.00
N THR A 48 54.45 11.34 6.94
CA THR A 48 54.60 10.72 8.25
C THR A 48 53.98 11.65 9.28
N ILE A 49 53.03 11.14 10.05
CA ILE A 49 52.33 11.92 11.07
C ILE A 49 52.60 11.29 12.43
N SER A 50 53.11 12.10 13.36
CA SER A 50 53.48 11.63 14.69
C SER A 50 52.53 12.23 15.71
N VAL A 51 51.89 11.37 16.50
CA VAL A 51 51.00 11.79 17.58
C VAL A 51 51.48 11.12 18.86
N GLU A 52 51.85 11.92 19.87
CA GLU A 52 52.36 11.42 21.14
C GLU A 52 53.55 10.47 20.91
N GLY A 53 54.41 10.84 19.97
CA GLY A 53 55.56 10.00 19.64
C GLY A 53 55.20 8.68 18.99
N ARG A 54 54.24 8.69 18.08
CA ARG A 54 53.83 7.48 17.36
C ARG A 54 53.70 7.83 15.88
N GLU A 55 54.66 7.38 15.08
CA GLU A 55 54.67 7.70 13.66
C GLU A 55 53.73 6.79 12.89
N PHE A 56 52.98 7.38 11.95
CA PHE A 56 52.09 6.65 11.07
C PHE A 56 52.29 7.14 9.64
N GLN A 57 52.29 6.20 8.70
CA GLN A 57 52.50 6.50 7.29
C GLN A 57 51.14 6.72 6.62
N LEU A 58 50.86 7.94 6.20
CA LEU A 58 49.58 8.31 5.62
C LEU A 58 49.80 9.00 4.28
N HIS A 59 48.75 8.95 3.46
CA HIS A 59 48.75 9.55 2.13
C HIS A 59 47.98 10.86 2.15
N ARG A 60 48.49 11.85 1.43
CA ARG A 60 47.81 13.14 1.35
C ARG A 60 46.47 13.02 0.63
N LEU A 61 46.41 12.21 -0.43
CA LEU A 61 45.21 12.16 -1.26
C LEU A 61 44.00 11.63 -0.50
N VAL A 62 44.17 10.50 0.20
CA VAL A 62 43.04 9.90 0.91
C VAL A 62 42.57 10.81 2.03
N LEU A 63 43.50 11.36 2.80
CA LEU A 63 43.13 12.24 3.91
C LEU A 63 42.43 13.50 3.41
N SER A 64 42.91 14.07 2.30
CA SER A 64 42.26 15.24 1.73
C SER A 64 40.86 14.90 1.22
N ALA A 65 40.71 13.73 0.60
CA ALA A 65 39.41 13.33 0.08
C ALA A 65 38.41 13.10 1.21
N GLN A 66 38.85 12.48 2.30
CA GLN A 66 37.93 12.18 3.40
C GLN A 66 37.73 13.38 4.31
N SER A 67 38.81 14.02 4.73
CA SER A 67 38.76 15.12 5.69
C SER A 67 39.13 16.42 5.01
N CYS A 68 38.34 17.47 5.27
CA CYS A 68 38.63 18.79 4.76
C CYS A 68 39.62 19.57 5.63
N PHE A 69 39.89 19.09 6.84
CA PHE A 69 40.83 19.78 7.73
C PHE A 69 42.28 19.51 7.31
N PHE A 70 42.61 18.24 7.06
CA PHE A 70 43.97 17.90 6.65
C PHE A 70 44.28 18.42 5.25
N ARG A 71 43.26 18.57 4.41
CA ARG A 71 43.48 19.10 3.06
C ARG A 71 44.00 20.53 3.12
N SER A 72 43.44 21.36 4.01
CA SER A 72 43.93 22.72 4.16
C SER A 72 45.37 22.76 4.62
N MET A 73 45.72 21.89 5.57
CA MET A 73 47.11 21.82 6.04
C MET A 73 48.05 21.39 4.92
N PHE A 74 47.63 20.41 4.12
CA PHE A 74 48.46 19.95 3.01
C PHE A 74 48.67 21.04 1.98
N THR A 75 47.62 21.80 1.67
CA THR A 75 47.70 22.86 0.67
C THR A 75 48.34 24.13 1.21
N SER A 76 48.60 24.21 2.51
CA SER A 76 49.20 25.40 3.09
C SER A 76 50.72 25.34 3.02
N ASN A 83 57.16 20.16 5.39
CA ASN A 83 56.10 19.18 5.59
C ASN A 83 56.68 17.77 5.78
N ARG A 84 57.86 17.70 6.40
CA ARG A 84 58.51 16.41 6.62
C ARG A 84 57.67 15.54 7.55
N VAL A 85 57.13 16.12 8.62
CA VAL A 85 56.33 15.37 9.57
C VAL A 85 55.30 16.29 10.23
N ILE A 86 54.03 15.91 10.19
CA ILE A 86 52.96 16.66 10.83
C ILE A 86 52.81 16.17 12.25
N VAL A 87 52.84 17.10 13.21
CA VAL A 87 52.79 16.77 14.64
C VAL A 87 51.49 17.33 15.21
N LEU A 88 50.73 16.46 15.88
CA LEU A 88 49.49 16.84 16.54
C LEU A 88 49.63 16.60 18.04
N GLN A 89 48.91 17.41 18.81
CA GLN A 89 49.01 17.37 20.27
C GLN A 89 47.69 17.02 20.96
N ASP A 90 46.55 17.51 20.45
CA ASP A 90 45.29 17.29 21.13
C ASP A 90 44.85 15.83 21.06
N VAL A 91 45.17 15.14 19.98
CA VAL A 91 44.69 13.77 19.75
C VAL A 91 45.70 12.78 20.32
N SER A 92 45.20 11.80 21.07
CA SER A 92 46.04 10.76 21.64
C SER A 92 46.32 9.68 20.59
N GLU A 93 47.13 8.69 20.97
CA GLU A 93 47.58 7.68 20.01
C GLU A 93 46.44 6.77 19.59
N SER A 94 45.69 6.23 20.56
CA SER A 94 44.67 5.24 20.24
C SER A 94 43.50 5.86 19.47
N VAL A 95 43.06 7.05 19.88
CA VAL A 95 41.96 7.71 19.18
C VAL A 95 42.38 8.07 17.76
N PHE A 96 43.62 8.54 17.58
CA PHE A 96 44.11 8.83 16.24
C PHE A 96 44.18 7.57 15.40
N GLN A 97 44.63 6.46 15.99
CA GLN A 97 44.73 5.20 15.23
C GLN A 97 43.35 4.74 14.77
N LEU A 98 42.37 4.77 15.67
CA LEU A 98 41.03 4.34 15.28
C LEU A 98 40.41 5.30 14.28
N LEU A 99 40.68 6.60 14.39
CA LEU A 99 40.19 7.56 13.42
C LEU A 99 40.78 7.30 12.04
N VAL A 100 42.09 7.01 11.99
CA VAL A 100 42.73 6.71 10.72
C VAL A 100 42.17 5.43 10.12
N ASP A 101 41.93 4.42 10.96
CA ASP A 101 41.32 3.18 10.48
C ASP A 101 39.93 3.45 9.91
N TYR A 102 39.15 4.29 10.59
CA TYR A 102 37.83 4.66 10.07
C TYR A 102 37.94 5.39 8.74
N ILE A 103 38.90 6.32 8.63
CA ILE A 103 39.06 7.09 7.40
C ILE A 103 39.41 6.16 6.24
N TYR A 104 40.34 5.24 6.46
CA TYR A 104 40.80 4.37 5.37
C TYR A 104 39.80 3.27 5.04
N HIS A 105 39.07 2.76 6.03
CA HIS A 105 38.20 1.61 5.82
C HIS A 105 36.71 1.95 5.85
N GLY A 106 36.30 2.93 6.64
CA GLY A 106 34.90 3.29 6.77
C GLY A 106 34.17 2.65 7.94
N THR A 107 34.81 1.73 8.65
CA THR A 107 34.22 1.05 9.79
C THR A 107 35.10 1.24 11.02
N VAL A 108 34.47 1.53 12.16
CA VAL A 108 35.18 1.72 13.41
C VAL A 108 34.27 1.30 14.54
N LYS A 109 34.87 0.76 15.61
CA LYS A 109 34.13 0.28 16.77
C LYS A 109 34.16 1.36 17.84
N LEU A 110 33.03 2.06 18.01
CA LEU A 110 32.95 3.12 19.00
C LEU A 110 32.87 2.53 20.41
N ARG A 111 33.49 3.22 21.36
CA ARG A 111 33.49 2.81 22.75
C ARG A 111 33.06 3.99 23.62
N ALA A 112 32.23 3.71 24.63
CA ALA A 112 31.70 4.77 25.48
C ALA A 112 32.79 5.40 26.34
N GLU A 113 33.86 4.66 26.64
CA GLU A 113 34.92 5.20 27.49
C GLU A 113 35.61 6.40 26.83
N GLU A 114 35.88 6.31 25.53
CA GLU A 114 36.57 7.37 24.80
C GLU A 114 35.63 8.12 23.85
N LEU A 115 34.33 8.10 24.12
CA LEU A 115 33.37 8.72 23.20
C LEU A 115 33.55 10.23 23.12
N GLN A 116 33.84 10.88 24.25
CA GLN A 116 34.00 12.33 24.24
C GLN A 116 35.17 12.76 23.37
N GLU A 117 36.31 12.07 23.50
CA GLU A 117 37.50 12.43 22.76
C GLU A 117 37.30 12.26 21.26
N ILE A 118 36.74 11.12 20.84
CA ILE A 118 36.52 10.91 19.41
C ILE A 118 35.47 11.89 18.89
N TYR A 119 34.46 12.20 19.70
CA TYR A 119 33.45 13.17 19.28
C TYR A 119 34.07 14.54 19.01
N GLU A 120 34.87 15.03 19.97
CA GLU A 120 35.46 16.35 19.79
C GLU A 120 36.50 16.37 18.68
N VAL A 121 37.24 15.27 18.51
CA VAL A 121 38.22 15.22 17.42
C VAL A 121 37.53 15.22 16.06
N SER A 122 36.45 14.44 15.93
CA SER A 122 35.71 14.44 14.67
C SER A 122 35.08 15.80 14.41
N ASP A 123 34.61 16.47 15.47
CA ASP A 123 34.11 17.84 15.31
C ASP A 123 35.21 18.78 14.82
N MET A 124 36.42 18.62 15.36
CA MET A 124 37.52 19.49 14.95
C MET A 124 37.99 19.18 13.53
N TYR A 125 37.95 17.91 13.14
CA TYR A 125 38.48 17.49 11.83
C TYR A 125 37.43 17.50 10.73
N GLN A 126 36.23 18.02 11.00
CA GLN A 126 35.19 18.22 10.00
C GLN A 126 34.74 16.90 9.37
N LEU A 127 34.88 15.79 10.11
CA LEU A 127 34.38 14.49 9.65
C LEU A 127 32.93 14.36 10.09
N THR A 128 32.03 14.78 9.21
CA THR A 128 30.61 14.85 9.56
C THR A 128 30.03 13.46 9.83
N SER A 129 30.44 12.45 9.04
CA SER A 129 29.87 11.13 9.19
C SER A 129 30.12 10.55 10.59
N LEU A 130 31.34 10.70 11.09
CA LEU A 130 31.64 10.23 12.43
C LEU A 130 31.23 11.24 13.51
N PHE A 131 31.04 12.50 13.14
CA PHE A 131 30.59 13.49 14.12
C PHE A 131 29.11 13.31 14.44
N GLU A 132 28.29 13.08 13.42
CA GLU A 132 26.86 12.88 13.65
C GLU A 132 26.61 11.60 14.44
N GLU A 133 27.33 10.52 14.11
CA GLU A 133 27.13 9.25 14.82
C GLU A 133 27.53 9.37 16.28
N CYS A 134 28.65 10.04 16.56
CA CYS A 134 29.07 10.24 17.94
C CYS A 134 28.10 11.15 18.69
N SER A 135 27.54 12.14 18.01
CA SER A 135 26.54 13.00 18.63
C SER A 135 25.29 12.20 19.01
N ARG A 136 24.86 11.30 18.13
CA ARG A 136 23.71 10.45 18.45
C ARG A 136 24.05 9.46 19.56
N PHE A 137 25.30 8.98 19.60
CA PHE A 137 25.73 8.14 20.71
C PHE A 137 25.67 8.88 22.04
N LEU A 138 26.14 10.13 22.06
CA LEU A 138 26.07 10.92 23.28
C LEU A 138 24.64 11.20 23.68
N ALA A 139 23.78 11.53 22.71
CA ALA A 139 22.38 11.79 23.02
C ALA A 139 21.64 10.52 23.42
N ARG A 140 22.16 9.35 23.08
CA ARG A 140 21.51 8.09 23.41
C ARG A 140 21.82 7.64 24.83
N THR A 141 23.05 7.86 25.28
CA THR A 141 23.51 7.41 26.59
C THR A 141 23.69 8.57 27.57
N VAL A 142 22.82 9.56 27.48
CA VAL A 142 22.87 10.69 28.39
C VAL A 142 22.17 10.31 29.70
N GLN A 143 22.86 10.53 30.82
CA GLN A 143 22.34 10.21 32.14
C GLN A 143 22.31 11.45 33.01
N VAL A 144 21.58 11.37 34.12
CA VAL A 144 21.46 12.50 35.02
C VAL A 144 22.80 12.85 35.66
N GLY A 145 23.71 11.89 35.76
CA GLY A 145 25.01 12.17 36.33
C GLY A 145 25.85 13.11 35.48
N ASN A 146 25.78 12.94 34.15
CA ASN A 146 26.61 13.72 33.23
C ASN A 146 25.76 14.56 32.28
N CYS A 147 24.50 14.82 32.62
CA CYS A 147 23.65 15.61 31.74
C CYS A 147 24.16 17.05 31.61
N LEU A 148 24.56 17.65 32.72
CA LEU A 148 25.08 19.01 32.67
C LEU A 148 26.38 19.08 31.89
N GLN A 149 27.27 18.10 32.09
CA GLN A 149 28.55 18.10 31.39
C GLN A 149 28.34 17.96 29.88
N VAL A 150 27.47 17.04 29.47
CA VAL A 150 27.22 16.86 28.04
C VAL A 150 26.48 18.06 27.46
N MET A 151 25.61 18.70 28.25
CA MET A 151 24.97 19.93 27.79
C MET A 151 26.00 21.03 27.54
N TRP A 152 26.95 21.19 28.46
CA TRP A 152 28.00 22.18 28.27
C TRP A 152 28.86 21.86 27.06
N LEU A 153 29.19 20.58 26.87
CA LEU A 153 29.97 20.17 25.71
C LEU A 153 29.24 20.46 24.41
N ALA A 154 27.94 20.15 24.37
CA ALA A 154 27.14 20.45 23.17
C ALA A 154 27.05 21.94 22.93
N ASP A 155 26.92 22.73 23.99
CA ASP A 155 26.88 24.19 23.84
C ASP A 155 28.18 24.72 23.28
N ARG A 156 29.32 24.18 23.73
CA ARG A 156 30.60 24.62 23.20
C ARG A 156 30.74 24.26 21.72
N HIS A 157 30.33 23.05 21.34
CA HIS A 157 30.46 22.59 19.96
C HIS A 157 29.26 22.93 19.10
N SER A 158 28.23 23.56 19.67
CA SER A 158 27.02 23.96 18.93
C SER A 158 26.37 22.75 18.25
N ASP A 159 25.95 21.80 19.08
CA ASP A 159 25.29 20.58 18.60
C ASP A 159 23.81 20.64 18.98
N PRO A 160 22.90 20.81 18.03
CA PRO A 160 21.49 21.02 18.37
C PRO A 160 20.83 19.81 19.03
N GLU A 161 20.97 18.62 18.42
CA GLU A 161 20.28 17.44 18.92
C GLU A 161 20.79 17.05 20.30
N LEU A 162 22.10 17.05 20.49
CA LEU A 162 22.66 16.73 21.79
C LEU A 162 22.25 17.77 22.84
N TYR A 163 22.25 19.04 22.45
CA TYR A 163 21.86 20.09 23.39
C TYR A 163 20.41 19.93 23.82
N THR A 164 19.52 19.64 22.88
CA THR A 164 18.10 19.51 23.25
C THR A 164 17.84 18.23 24.05
N ALA A 165 18.58 17.15 23.76
CA ALA A 165 18.44 15.95 24.57
C ALA A 165 18.91 16.20 26.01
N ALA A 166 20.05 16.88 26.15
CA ALA A 166 20.53 17.21 27.49
C ALA A 166 19.59 18.15 28.21
N LYS A 167 19.00 19.11 27.49
CA LYS A 167 18.03 20.02 28.08
C LYS A 167 16.78 19.26 28.54
N HIS A 168 16.33 18.28 27.75
CA HIS A 168 15.20 17.45 28.16
C HIS A 168 15.53 16.68 29.43
N CYS A 169 16.72 16.08 29.49
CA CYS A 169 17.11 15.36 30.70
C CYS A 169 17.17 16.30 31.91
N ALA A 170 17.73 17.49 31.72
CA ALA A 170 17.82 18.45 32.82
C ALA A 170 16.44 18.89 33.28
N LYS A 171 15.53 19.16 32.34
CA LYS A 171 14.20 19.62 32.73
C LYS A 171 13.36 18.51 33.34
N THR A 172 13.67 17.25 33.04
CA THR A 172 12.92 16.16 33.65
C THR A 172 13.58 15.62 34.92
N HIS A 173 14.81 16.04 35.25
CA HIS A 173 15.42 15.60 36.51
C HIS A 173 16.02 16.75 37.31
N LEU A 174 15.55 17.98 37.10
CA LEU A 174 16.04 19.10 37.91
C LEU A 174 15.78 18.88 39.39
N ALA A 175 14.77 18.08 39.75
CA ALA A 175 14.48 17.84 41.16
C ALA A 175 15.68 17.27 41.88
N GLN A 176 16.38 16.31 41.27
CA GLN A 176 17.60 15.78 41.84
C GLN A 176 18.84 16.55 41.40
N LEU A 177 18.78 17.26 40.27
CA LEU A 177 19.92 18.05 39.83
C LEU A 177 20.13 19.30 40.66
N GLN A 178 19.13 19.71 41.45
CA GLN A 178 19.26 20.93 42.26
C GLN A 178 20.40 20.85 43.26
N ASN A 179 20.86 19.65 43.62
CA ASN A 179 21.95 19.46 44.55
C ASN A 179 23.05 18.62 43.94
N THR A 180 23.35 18.85 42.66
CA THR A 180 24.35 18.09 41.94
C THR A 180 25.73 18.74 41.96
N GLU A 181 25.88 19.87 42.66
CA GLU A 181 27.12 20.64 42.82
C GLU A 181 27.58 21.29 41.52
N GLU A 182 26.91 21.05 40.40
CA GLU A 182 27.23 21.71 39.14
C GLU A 182 26.11 22.64 38.67
N PHE A 183 24.89 22.45 39.15
CA PHE A 183 23.80 23.38 38.82
C PHE A 183 24.09 24.77 39.36
N LEU A 184 24.66 24.85 40.58
CA LEU A 184 24.98 26.15 41.16
C LEU A 184 26.02 26.89 40.33
N HIS A 185 27.05 26.18 39.86
CA HIS A 185 28.10 26.78 39.03
C HIS A 185 27.77 26.58 37.55
N LEU A 186 26.69 27.24 37.13
CA LEU A 186 26.24 27.18 35.76
C LEU A 186 25.95 28.59 35.25
N PRO A 187 26.25 28.88 33.98
CA PRO A 187 25.94 30.20 33.44
C PRO A 187 24.44 30.45 33.39
N HIS A 188 24.08 31.74 33.43
CA HIS A 188 22.68 32.12 33.47
C HIS A 188 21.94 31.69 32.21
N ARG A 189 22.62 31.72 31.06
CA ARG A 189 21.97 31.34 29.80
C ARG A 189 21.54 29.88 29.83
N LEU A 190 22.41 28.98 30.34
CA LEU A 190 22.06 27.57 30.40
C LEU A 190 20.90 27.33 31.35
N LEU A 191 20.89 28.00 32.50
CA LEU A 191 19.80 27.86 33.45
C LEU A 191 18.49 28.35 32.85
N THR A 192 18.53 29.49 32.15
CA THR A 192 17.32 30.00 31.50
C THR A 192 16.82 29.05 30.42
N ASP A 193 17.73 28.48 29.64
CA ASP A 193 17.34 27.53 28.61
C ASP A 193 16.72 26.28 29.22
N ILE A 194 17.30 25.78 30.32
CA ILE A 194 16.75 24.60 30.98
C ILE A 194 15.37 24.89 31.54
N ILE A 195 15.20 26.06 32.17
CA ILE A 195 13.91 26.42 32.76
C ILE A 195 12.93 26.97 31.73
N SER A 196 13.35 27.07 30.47
CA SER A 196 12.49 27.68 29.45
C SER A 196 11.20 26.86 29.24
N ASP A 197 11.31 25.54 29.21
CA ASP A 197 10.17 24.67 28.95
C ASP A 197 10.28 23.43 29.82
N GLY A 198 9.26 22.58 29.73
CA GLY A 198 9.24 21.36 30.52
C GLY A 198 9.14 21.66 32.00
N VAL A 199 10.09 21.12 32.76
CA VAL A 199 10.23 21.27 34.21
C VAL A 199 8.87 21.20 34.89
N PRO A 200 8.28 20.02 35.02
CA PRO A 200 6.96 19.92 35.66
C PRO A 200 7.00 20.36 37.11
N CYS A 201 5.84 20.84 37.59
CA CYS A 201 5.75 21.34 38.96
C CYS A 201 6.07 20.29 40.01
N SER A 202 6.00 19.00 39.65
CA SER A 202 6.34 17.94 40.60
C SER A 202 7.81 18.01 41.02
N GLN A 203 8.67 18.62 40.20
CA GLN A 203 10.08 18.77 40.53
C GLN A 203 10.36 19.98 41.42
N ASN A 204 9.34 20.79 41.71
CA ASN A 204 9.46 22.00 42.53
C ASN A 204 10.50 22.94 41.97
N PRO A 205 10.24 23.56 40.80
CA PRO A 205 11.23 24.48 40.22
C PRO A 205 11.47 25.72 41.06
N THR A 206 10.53 26.12 41.91
CA THR A 206 10.69 27.34 42.69
C THR A 206 11.87 27.23 43.65
N GLU A 207 12.01 26.09 44.33
CA GLU A 207 13.12 25.91 45.26
C GLU A 207 14.46 25.94 44.53
N ALA A 208 14.53 25.27 43.38
CA ALA A 208 15.77 25.28 42.60
C ALA A 208 16.11 26.68 42.12
N ILE A 209 15.11 27.44 41.67
CA ILE A 209 15.36 28.80 41.21
C ILE A 209 15.84 29.67 42.36
N GLU A 210 15.23 29.51 43.54
CA GLU A 210 15.66 30.28 44.70
C GLU A 210 17.09 29.93 45.11
N ALA A 211 17.43 28.64 45.08
CA ALA A 211 18.77 28.21 45.47
C ALA A 211 19.83 28.55 44.42
N TRP A 212 19.42 28.75 43.17
CA TRP A 212 20.38 29.11 42.13
C TRP A 212 21.03 30.46 42.42
N ILE A 213 20.26 31.42 42.91
CA ILE A 213 20.82 32.73 43.24
C ILE A 213 21.86 32.61 44.34
N ASN A 214 21.55 31.83 45.38
CA ASN A 214 22.47 31.64 46.48
C ASN A 214 23.64 30.75 46.08
N ALA A 224 18.22 38.25 39.35
CA ALA A 224 17.37 37.06 39.45
C ALA A 224 15.96 37.39 39.01
N GLU A 225 15.80 37.86 37.77
CA GLU A 225 14.51 38.21 37.22
C GLU A 225 14.16 37.44 35.96
N SER A 226 15.14 37.15 35.10
CA SER A 226 14.87 36.44 33.86
C SER A 226 14.36 35.02 34.15
N LEU A 227 14.95 34.34 35.12
CA LEU A 227 14.48 33.00 35.47
C LEU A 227 13.08 33.04 36.05
N ARG A 228 12.78 34.04 36.89
CA ARG A 228 11.46 34.13 37.51
C ARG A 228 10.38 34.41 36.47
N THR A 229 10.66 35.31 35.52
CA THR A 229 9.67 35.67 34.52
C THR A 229 9.52 34.64 33.42
N SER A 230 10.46 33.68 33.31
CA SER A 230 10.42 32.63 32.29
C SER A 230 10.56 31.29 33.00
N LEU A 231 9.44 30.74 33.46
CA LEU A 231 9.44 29.43 34.13
C LEU A 231 8.07 28.81 33.87
N LYS A 232 8.00 27.93 32.87
CA LYS A 232 6.76 27.27 32.49
C LYS A 232 6.71 25.89 33.12
N GLU A 233 5.64 25.61 33.86
CA GLU A 233 5.45 24.32 34.52
C GLU A 233 4.56 23.45 33.64
N ILE A 234 5.07 22.29 33.24
CA ILE A 234 4.30 21.38 32.39
C ILE A 234 3.35 20.54 33.23
N GLY A 235 3.80 20.07 34.39
CA GLY A 235 2.98 19.24 35.24
C GLY A 235 3.12 17.77 34.92
N GLU A 236 3.28 16.94 35.95
CA GLU A 236 3.43 15.50 35.76
C GLU A 236 2.14 14.91 35.19
N ASN A 237 2.29 13.98 34.25
CA ASN A 237 1.17 13.32 33.62
C ASN A 237 1.42 11.82 33.56
N VAL A 238 0.34 11.06 33.51
CA VAL A 238 0.44 9.60 33.45
C VAL A 238 1.04 9.19 32.12
N HIS A 239 2.03 8.29 32.17
CA HIS A 239 2.72 7.85 30.98
C HIS A 239 2.63 6.34 30.74
N ILE A 240 2.01 5.59 31.65
CA ILE A 240 1.85 4.15 31.50
C ILE A 240 0.39 3.79 31.73
N TYR A 241 -0.19 3.06 30.79
CA TYR A 241 -1.57 2.60 30.90
C TYR A 241 -1.62 1.09 30.69
N LEU A 242 -2.32 0.39 31.57
CA LEU A 242 -2.44 -1.06 31.50
C LEU A 242 -3.92 -1.41 31.35
N ILE A 243 -4.30 -1.95 30.19
CA ILE A 243 -5.65 -2.41 29.94
C ILE A 243 -5.68 -3.92 30.15
N GLY A 244 -6.43 -4.36 31.14
CA GLY A 244 -6.49 -5.76 31.48
C GLY A 244 -7.78 -6.12 32.18
N LYS A 245 -7.76 -7.28 32.84
CA LYS A 245 -8.86 -7.87 33.60
C LYS A 245 -10.00 -8.35 32.69
N GLU A 246 -9.92 -8.12 31.38
CA GLU A 246 -10.95 -8.55 30.43
C GLU A 246 -12.34 -8.03 30.83
N HIS A 251 -16.15 -6.71 32.38
CA HIS A 251 -15.78 -5.40 32.91
C HIS A 251 -14.27 -5.18 32.84
N SER A 252 -13.79 -4.80 31.65
CA SER A 252 -12.37 -4.55 31.46
C SER A 252 -11.94 -3.31 32.26
N LEU A 253 -10.72 -3.36 32.79
CA LEU A 253 -10.17 -2.29 33.59
C LEU A 253 -8.99 -1.65 32.88
N ALA A 254 -8.82 -0.34 33.06
CA ALA A 254 -7.72 0.42 32.47
C ALA A 254 -7.04 1.19 33.59
N VAL A 255 -6.02 0.57 34.18
CA VAL A 255 -5.29 1.17 35.28
C VAL A 255 -4.18 2.06 34.74
N SER A 256 -3.74 3.00 35.55
CA SER A 256 -2.70 3.95 35.17
C SER A 256 -1.54 3.87 36.15
N LEU A 257 -0.33 4.14 35.64
CA LEU A 257 0.88 4.09 36.44
C LEU A 257 1.64 5.39 36.31
N HIS A 258 2.36 5.75 37.38
CA HIS A 258 3.19 6.96 37.41
C HIS A 258 4.52 6.58 38.06
N CYS A 259 5.56 6.47 37.23
CA CYS A 259 6.88 6.08 37.73
C CYS A 259 7.53 7.29 38.40
N ALA A 260 7.59 7.27 39.73
CA ALA A 260 8.19 8.37 40.49
C ALA A 260 9.21 7.83 41.48
N GLU A 261 9.73 8.70 42.33
CA GLU A 261 10.72 8.36 43.36
C GLU A 261 11.95 7.81 42.63
N ASP A 262 12.52 6.68 43.06
CA ASP A 262 13.68 6.09 42.42
C ASP A 262 13.39 4.62 42.14
N ASP A 263 13.27 4.28 40.85
CA ASP A 263 12.99 2.90 40.43
C ASP A 263 11.74 2.35 41.10
N SER A 264 10.69 3.17 41.18
CA SER A 264 9.44 2.80 41.80
C SER A 264 8.28 3.18 40.89
N ILE A 265 7.18 2.45 41.01
CA ILE A 265 5.97 2.69 40.23
C ILE A 265 4.80 2.87 41.19
N SER A 266 3.90 3.78 40.83
CA SER A 266 2.72 4.08 41.64
C SER A 266 1.48 3.98 40.76
N VAL A 267 0.31 4.03 41.41
CA VAL A 267 -0.98 3.94 40.73
C VAL A 267 -1.76 5.21 41.03
N SER A 268 -2.31 5.84 39.99
CA SER A 268 -3.04 7.09 40.14
C SER A 268 -4.37 7.09 39.39
N GLY A 269 -4.94 5.91 39.13
CA GLY A 269 -6.22 5.84 38.45
C GLY A 269 -6.66 4.42 38.13
N GLN A 270 -7.96 4.14 38.32
CA GLN A 270 -8.53 2.83 38.06
C GLN A 270 -9.79 2.96 37.21
N ASN A 271 -9.70 3.74 36.15
CA ASN A 271 -10.84 3.96 35.27
C ASN A 271 -11.19 2.67 34.53
N SER A 272 -12.49 2.39 34.44
CA SER A 272 -12.99 1.20 33.74
C SER A 272 -14.04 1.63 32.73
N LEU A 273 -13.84 1.23 31.47
CA LEU A 273 -14.78 1.56 30.41
C LEU A 273 -15.98 0.63 30.36
N CYS A 274 -15.91 -0.52 31.04
CA CYS A 274 -17.00 -1.51 31.06
C CYS A 274 -17.37 -1.95 29.65
N HIS A 275 -16.37 -2.08 28.79
CA HIS A 275 -16.59 -2.52 27.42
C HIS A 275 -15.54 -3.55 27.01
N GLN A 276 -15.56 -3.94 25.74
CA GLN A 276 -14.62 -4.92 25.19
C GLN A 276 -13.65 -4.17 24.27
N ILE A 277 -12.57 -3.67 24.84
CA ILE A 277 -11.57 -2.93 24.09
C ILE A 277 -10.69 -3.91 23.33
N THR A 278 -10.57 -3.73 22.02
CA THR A 278 -9.77 -4.61 21.18
C THR A 278 -8.56 -3.93 20.56
N ALA A 279 -8.45 -2.60 20.66
CA ALA A 279 -7.31 -1.88 20.13
C ALA A 279 -7.23 -0.53 20.83
N ALA A 280 -6.00 -0.09 21.12
CA ALA A 280 -5.80 1.16 21.83
C ALA A 280 -4.47 1.77 21.44
N CYS A 281 -4.36 3.08 21.66
CA CYS A 281 -3.13 3.81 21.41
C CYS A 281 -3.06 4.99 22.36
N LYS A 282 -1.85 5.29 22.82
CA LYS A 282 -1.61 6.40 23.74
C LYS A 282 -1.01 7.56 22.96
N HIS A 283 -1.76 8.66 22.87
CA HIS A 283 -1.32 9.88 22.21
C HIS A 283 -1.21 10.98 23.26
N GLY A 284 -0.01 11.55 23.39
CA GLY A 284 0.20 12.59 24.39
C GLY A 284 -0.06 12.08 25.78
N GLY A 285 -0.83 12.84 26.56
CA GLY A 285 -1.20 12.45 27.89
C GLY A 285 -2.60 11.88 27.98
N ASP A 286 -3.15 11.51 26.83
CA ASP A 286 -4.51 10.98 26.74
C ASP A 286 -4.47 9.54 26.26
N LEU A 287 -5.44 8.75 26.73
CA LEU A 287 -5.57 7.35 26.36
C LEU A 287 -6.75 7.20 25.42
N TYR A 288 -6.48 6.74 24.19
CA TYR A 288 -7.50 6.49 23.19
C TYR A 288 -7.68 4.99 23.03
N VAL A 289 -8.91 4.52 23.21
CA VAL A 289 -9.22 3.09 23.13
C VAL A 289 -10.32 2.88 22.10
N VAL A 290 -10.31 1.70 21.50
CA VAL A 290 -11.30 1.29 20.50
C VAL A 290 -11.84 -0.08 20.89
N GLY A 291 -13.16 -0.23 20.86
CA GLY A 291 -13.73 -1.52 21.21
C GLY A 291 -15.24 -1.45 21.37
N GLY A 292 -15.77 -2.37 22.17
CA GLY A 292 -17.19 -2.52 22.35
C GLY A 292 -17.81 -3.48 21.36
N SER A 293 -19.10 -3.75 21.56
CA SER A 293 -19.83 -4.61 20.64
C SER A 293 -19.84 -3.97 19.25
N ILE A 294 -19.59 -4.79 18.23
CA ILE A 294 -19.40 -4.33 16.86
C ILE A 294 -18.32 -3.25 16.89
N PRO A 295 -17.05 -3.62 17.08
CA PRO A 295 -16.04 -2.62 17.43
C PRO A 295 -15.72 -1.68 16.28
N ARG A 296 -16.32 -0.49 16.34
CA ARG A 296 -15.96 0.62 15.46
C ARG A 296 -15.87 1.95 16.18
N ARG A 297 -16.38 2.06 17.41
CA ARG A 297 -16.40 3.33 18.12
C ARG A 297 -14.99 3.68 18.62
N MET A 298 -14.90 4.81 19.33
CA MET A 298 -13.65 5.25 19.90
C MET A 298 -13.93 6.06 21.16
N TRP A 299 -13.08 5.89 22.17
CA TRP A 299 -13.22 6.57 23.43
C TRP A 299 -11.90 7.21 23.82
N LYS A 300 -11.98 8.31 24.56
CA LYS A 300 -10.79 9.04 25.00
C LYS A 300 -10.89 9.30 26.50
N CYS A 301 -9.76 9.12 27.19
CA CYS A 301 -9.66 9.42 28.61
C CYS A 301 -8.46 10.32 28.85
N ASN A 302 -8.70 11.46 29.50
CA ASN A 302 -7.65 12.42 29.79
C ASN A 302 -6.97 12.16 31.12
N ASN A 303 -7.38 11.12 31.85
CA ASN A 303 -6.83 10.70 33.14
C ASN A 303 -7.14 11.68 34.26
N ALA A 304 -7.77 12.82 33.97
CA ALA A 304 -8.15 13.78 34.98
C ALA A 304 -9.58 13.59 35.49
N THR A 305 -10.35 12.70 34.86
CA THR A 305 -11.73 12.46 35.25
C THR A 305 -12.15 11.09 34.75
N VAL A 306 -13.26 10.58 35.29
CA VAL A 306 -13.80 9.31 34.86
C VAL A 306 -14.82 9.45 33.73
N ASP A 307 -15.01 10.65 33.20
CA ASP A 307 -15.96 10.88 32.12
C ASP A 307 -15.24 10.69 30.78
N TRP A 308 -15.51 9.58 30.11
CA TRP A 308 -14.91 9.32 28.81
C TRP A 308 -15.50 10.23 27.75
N GLU A 309 -14.66 10.70 26.84
CA GLU A 309 -15.09 11.52 25.72
C GLU A 309 -15.24 10.66 24.48
N TRP A 310 -16.14 11.07 23.59
CA TRP A 310 -16.49 10.32 22.39
C TRP A 310 -15.77 10.91 21.18
N CYS A 311 -15.11 10.06 20.41
CA CYS A 311 -14.38 10.45 19.22
C CYS A 311 -15.07 9.88 17.98
N ALA A 312 -14.54 10.22 16.81
CA ALA A 312 -15.12 9.75 15.57
C ALA A 312 -14.98 8.23 15.47
N PRO A 313 -16.04 7.52 15.10
CA PRO A 313 -15.94 6.06 14.99
C PRO A 313 -15.03 5.65 13.84
N LEU A 314 -14.44 4.47 13.99
CA LEU A 314 -13.55 3.95 12.95
C LEU A 314 -14.34 3.70 11.68
N PRO A 315 -13.93 4.26 10.53
CA PRO A 315 -14.68 4.06 9.29
C PRO A 315 -14.39 2.75 8.57
N ARG A 316 -13.73 1.80 9.22
CA ARG A 316 -13.39 0.53 8.62
C ARG A 316 -13.78 -0.61 9.55
N ASP A 317 -14.17 -1.74 8.96
CA ASP A 317 -14.50 -2.94 9.72
C ASP A 317 -13.28 -3.86 9.71
N ARG A 318 -12.34 -3.56 10.60
CA ARG A 318 -11.10 -4.31 10.70
C ARG A 318 -10.81 -4.63 12.16
N LEU A 319 -10.06 -5.72 12.37
CA LEU A 319 -9.62 -6.13 13.69
C LEU A 319 -8.14 -6.51 13.61
N GLN A 320 -7.47 -6.47 14.75
CA GLN A 320 -6.03 -6.72 14.84
C GLN A 320 -5.25 -5.73 13.98
N HIS A 321 -5.71 -4.49 13.95
CA HIS A 321 -5.04 -3.41 13.23
C HIS A 321 -4.28 -2.54 14.23
N THR A 322 -3.02 -2.27 13.94
CA THR A 322 -2.17 -1.55 14.88
C THR A 322 -2.44 -0.05 14.83
N LEU A 323 -2.41 0.58 16.00
CA LEU A 323 -2.60 2.01 16.14
C LEU A 323 -1.30 2.63 16.64
N VAL A 324 -0.82 3.64 15.93
CA VAL A 324 0.43 4.32 16.26
C VAL A 324 0.16 5.82 16.38
N SER A 325 0.63 6.43 17.46
CA SER A 325 0.43 7.85 17.70
C SER A 325 1.64 8.63 17.21
N VAL A 326 1.39 9.66 16.41
CA VAL A 326 2.44 10.52 15.88
C VAL A 326 2.23 11.92 16.44
N PRO A 327 2.95 12.30 17.50
CA PRO A 327 2.84 13.66 18.01
C PRO A 327 3.35 14.72 17.05
N GLY A 328 4.30 14.36 16.17
CA GLY A 328 4.83 15.35 15.24
C GLY A 328 3.78 15.89 14.28
N LYS A 329 2.90 15.01 13.80
CA LYS A 329 1.76 15.42 13.00
C LYS A 329 0.46 15.43 13.80
N ASP A 330 0.52 15.08 15.09
CA ASP A 330 -0.63 15.07 15.96
C ASP A 330 -1.75 14.20 15.38
N ALA A 331 -1.39 12.97 15.01
CA ALA A 331 -2.31 12.06 14.34
C ALA A 331 -2.24 10.68 14.97
N ILE A 332 -3.24 9.87 14.65
CA ILE A 332 -3.28 8.46 15.07
C ILE A 332 -3.48 7.61 13.82
N TYR A 333 -2.50 6.77 13.51
CA TYR A 333 -2.52 5.97 12.29
C TYR A 333 -2.95 4.55 12.62
N SER A 334 -3.99 4.08 11.94
CA SER A 334 -4.43 2.70 12.02
C SER A 334 -3.97 1.98 10.75
N LEU A 335 -3.23 0.90 10.93
CA LEU A 335 -2.58 0.18 9.84
C LEU A 335 -2.89 -1.31 9.95
N GLY A 336 -2.96 -1.96 8.78
CA GLY A 336 -3.16 -3.40 8.73
C GLY A 336 -4.51 -3.84 9.24
N GLY A 337 -4.56 -5.07 9.69
CA GLY A 337 -5.78 -5.65 10.25
C GLY A 337 -6.53 -6.51 9.24
N LYS A 338 -7.18 -7.54 9.76
CA LYS A 338 -7.98 -8.43 8.93
C LYS A 338 -9.36 -7.83 8.65
N THR A 339 -10.03 -8.38 7.65
CA THR A 339 -11.37 -7.96 7.29
C THR A 339 -12.38 -9.00 7.75
N LEU A 340 -13.66 -8.69 7.55
CA LEU A 340 -14.73 -9.64 7.88
C LEU A 340 -14.79 -10.82 6.92
N GLN A 341 -14.06 -10.77 5.82
CA GLN A 341 -14.02 -11.85 4.84
C GLN A 341 -12.80 -12.73 4.99
N ASP A 342 -12.11 -12.64 6.13
CA ASP A 342 -10.88 -13.40 6.38
C ASP A 342 -9.81 -13.09 5.32
N THR A 343 -9.74 -11.83 4.91
CA THR A 343 -8.77 -11.37 3.94
C THR A 343 -7.98 -10.22 4.53
N LEU A 344 -6.66 -10.28 4.42
CA LEU A 344 -5.81 -9.24 4.97
C LEU A 344 -5.99 -7.94 4.21
N SER A 345 -5.97 -6.82 4.94
CA SER A 345 -6.17 -5.50 4.36
C SER A 345 -4.92 -4.67 4.56
N ASN A 346 -4.36 -4.17 3.46
CA ASN A 346 -3.21 -3.27 3.51
C ASN A 346 -3.67 -1.82 3.42
N ALA A 347 -4.49 -1.43 4.38
CA ALA A 347 -5.10 -0.09 4.40
C ALA A 347 -4.55 0.72 5.56
N VAL A 348 -4.22 1.98 5.28
CA VAL A 348 -3.67 2.91 6.27
C VAL A 348 -4.61 4.11 6.35
N ILE A 349 -5.08 4.41 7.55
CA ILE A 349 -5.99 5.54 7.75
C ILE A 349 -5.51 6.34 8.96
N TYR A 350 -5.42 7.65 8.80
CA TYR A 350 -4.96 8.52 9.89
C TYR A 350 -6.12 9.36 10.40
N TYR A 351 -6.16 9.54 11.71
CA TYR A 351 -7.19 10.30 12.40
C TYR A 351 -6.56 11.54 13.00
N ARG A 352 -7.15 12.69 12.73
CA ARG A 352 -6.65 13.97 13.24
C ARG A 352 -7.24 14.23 14.62
N VAL A 353 -6.37 14.55 15.58
CA VAL A 353 -6.83 14.83 16.94
C VAL A 353 -7.66 16.10 16.96
N GLY A 354 -7.21 17.15 16.27
CA GLY A 354 -7.92 18.41 16.27
C GLY A 354 -9.14 18.42 15.38
N ASP A 355 -8.98 18.00 14.13
CA ASP A 355 -10.11 18.01 13.20
C ASP A 355 -11.12 16.93 13.48
N ASN A 356 -10.74 15.89 14.25
CA ASN A 356 -11.63 14.77 14.57
C ASN A 356 -12.15 14.10 13.30
N VAL A 357 -11.26 13.91 12.33
CA VAL A 357 -11.62 13.34 11.03
C VAL A 357 -10.66 12.21 10.70
N TRP A 358 -11.20 11.13 10.14
CA TRP A 358 -10.41 10.01 9.63
C TRP A 358 -10.26 10.16 8.12
N THR A 359 -9.03 9.94 7.63
CA THR A 359 -8.75 10.08 6.21
C THR A 359 -7.80 8.98 5.77
N GLU A 360 -8.07 8.42 4.59
CA GLU A 360 -7.22 7.38 4.04
C GLU A 360 -5.91 7.98 3.52
N THR A 361 -4.91 7.11 3.37
CA THR A 361 -3.59 7.53 2.92
C THR A 361 -2.99 6.40 2.08
N THR A 362 -1.68 6.46 1.85
CA THR A 362 -1.01 5.49 1.01
C THR A 362 -1.08 4.09 1.62
N GLN A 363 -1.38 3.10 0.79
CA GLN A 363 -1.50 1.72 1.23
C GLN A 363 -0.13 1.10 1.47
N LEU A 364 -0.12 0.05 2.28
CA LEU A 364 1.12 -0.66 2.58
C LEU A 364 1.55 -1.52 1.40
N GLU A 365 2.84 -1.81 1.34
CA GLU A 365 3.37 -2.69 0.30
C GLU A 365 2.82 -4.10 0.45
N VAL A 366 2.77 -4.62 1.68
CA VAL A 366 2.25 -5.96 1.96
C VAL A 366 1.30 -5.87 3.14
N ALA A 367 0.17 -6.57 3.03
CA ALA A 367 -0.83 -6.55 4.10
C ALA A 367 -0.35 -7.36 5.29
N VAL A 368 -0.58 -6.83 6.49
CA VAL A 368 -0.20 -7.49 7.73
C VAL A 368 -1.36 -7.40 8.71
N SER A 369 -1.33 -8.28 9.72
CA SER A 369 -2.34 -8.30 10.76
C SER A 369 -1.67 -8.62 12.09
N GLY A 370 -1.88 -7.76 13.08
CA GLY A 370 -1.25 -7.93 14.36
C GLY A 370 0.21 -7.53 14.43
N ALA A 371 0.73 -6.91 13.38
CA ALA A 371 2.12 -6.50 13.36
C ALA A 371 2.37 -5.40 14.38
N ALA A 372 3.54 -5.44 15.03
CA ALA A 372 3.89 -4.42 16.01
C ALA A 372 4.24 -3.12 15.30
N GLY A 373 3.68 -2.02 15.78
CA GLY A 373 3.90 -0.71 15.18
C GLY A 373 4.64 0.20 16.15
N ALA A 374 5.65 0.91 15.62
CA ALA A 374 6.44 1.80 16.43
C ALA A 374 6.75 3.08 15.67
N ASN A 375 6.60 4.23 16.33
CA ASN A 375 6.89 5.52 15.72
C ASN A 375 8.25 6.00 16.18
N LEU A 376 9.07 6.46 15.23
CA LEU A 376 10.41 6.96 15.52
C LEU A 376 10.66 8.17 14.63
N ASN A 377 10.63 9.37 15.23
CA ASN A 377 10.93 10.62 14.52
C ASN A 377 10.08 10.78 13.28
N GLY A 378 8.81 10.39 13.36
CA GLY A 378 7.89 10.52 12.26
C GLY A 378 7.88 9.37 11.27
N ILE A 379 8.68 8.32 11.51
CA ILE A 379 8.71 7.15 10.64
C ILE A 379 8.04 5.99 11.37
N ILE A 380 7.07 5.36 10.74
CA ILE A 380 6.32 4.26 11.33
C ILE A 380 6.92 2.95 10.86
N TYR A 381 7.25 2.07 11.80
CA TYR A 381 7.81 0.76 11.50
C TYR A 381 6.80 -0.30 11.90
N LEU A 382 6.47 -1.17 10.95
CA LEU A 382 5.62 -2.32 11.17
C LEU A 382 6.46 -3.58 11.11
N LEU A 383 6.34 -4.42 12.13
CA LEU A 383 7.19 -5.59 12.32
C LEU A 383 6.32 -6.84 12.45
N GLY A 384 6.63 -7.84 11.65
CA GLY A 384 5.97 -9.14 11.79
C GLY A 384 4.50 -9.10 11.44
N GLY A 385 3.71 -9.83 12.21
CA GLY A 385 2.29 -9.95 11.95
C GLY A 385 1.92 -11.32 11.42
N GLU A 386 1.02 -11.36 10.44
CA GLU A 386 0.61 -12.61 9.80
C GLU A 386 0.53 -12.34 8.29
N GLU A 387 1.63 -12.60 7.59
CA GLU A 387 1.66 -12.39 6.16
C GLU A 387 0.80 -13.43 5.44
N ASN A 388 0.26 -13.04 4.28
CA ASN A 388 -0.58 -13.93 3.49
C ASN A 388 0.27 -15.00 2.84
N ASP A 389 0.08 -16.25 3.26
CA ASP A 389 0.82 -17.35 2.68
C ASP A 389 0.32 -17.65 1.27
N LEU A 390 1.13 -18.39 0.51
CA LEU A 390 0.77 -18.72 -0.86
C LEU A 390 -0.47 -19.61 -0.91
N ASP A 391 -0.58 -20.58 0.00
CA ASP A 391 -1.68 -21.52 -0.01
C ASP A 391 -2.85 -21.05 0.86
N PHE A 392 -3.28 -19.81 0.64
CA PHE A 392 -4.44 -19.23 1.31
C PHE A 392 -4.35 -19.37 2.83
N PHE A 393 -3.17 -19.08 3.37
CA PHE A 393 -2.93 -19.20 4.80
C PHE A 393 -2.29 -17.90 5.30
N THR A 394 -2.14 -17.82 6.63
CA THR A 394 -1.54 -16.66 7.29
C THR A 394 -0.32 -17.13 8.05
N LYS A 395 0.82 -17.15 7.36
CA LYS A 395 2.07 -17.55 8.01
C LYS A 395 2.54 -16.43 8.95
N PRO A 396 3.27 -16.78 10.01
CA PRO A 396 3.85 -15.75 10.88
C PRO A 396 4.92 -14.97 10.14
N SER A 397 4.75 -13.66 10.07
CA SER A 397 5.62 -12.81 9.29
C SER A 397 6.81 -12.31 10.13
N ARG A 398 7.89 -11.95 9.43
CA ARG A 398 9.08 -11.42 10.06
C ARG A 398 9.57 -10.15 9.37
N LEU A 399 8.82 -9.62 8.42
CA LEU A 399 9.27 -8.48 7.63
C LEU A 399 9.21 -7.19 8.44
N ILE A 400 10.05 -6.24 8.06
CA ILE A 400 10.04 -4.88 8.60
C ILE A 400 9.70 -3.94 7.47
N GLN A 401 8.62 -3.18 7.62
CA GLN A 401 8.21 -2.20 6.61
C GLN A 401 8.12 -0.82 7.24
N CYS A 402 8.74 0.16 6.60
CA CYS A 402 8.82 1.52 7.11
C CYS A 402 8.01 2.46 6.22
N PHE A 403 7.14 3.25 6.84
CA PHE A 403 6.31 4.24 6.18
C PHE A 403 6.73 5.61 6.66
N ASP A 404 7.04 6.51 5.74
CA ASP A 404 7.46 7.86 6.07
C ASP A 404 6.24 8.77 6.07
N THR A 405 5.94 9.37 7.22
CA THR A 405 4.76 10.22 7.34
C THR A 405 4.89 11.47 6.48
N GLU A 406 6.09 12.04 6.40
CA GLU A 406 6.27 13.30 5.67
C GLU A 406 5.98 13.13 4.19
N THR A 407 6.57 12.13 3.56
CA THR A 407 6.39 11.92 2.12
C THR A 407 5.26 10.96 1.79
N ASP A 408 4.60 10.39 2.80
CA ASP A 408 3.46 9.48 2.59
C ASP A 408 3.84 8.31 1.68
N LYS A 409 5.00 7.72 1.94
CA LYS A 409 5.48 6.57 1.18
C LYS A 409 5.96 5.48 2.13
N CYS A 410 5.81 4.24 1.71
CA CYS A 410 6.19 3.09 2.51
C CYS A 410 6.97 2.10 1.65
N HIS A 411 7.95 1.44 2.28
CA HIS A 411 8.74 0.43 1.59
C HIS A 411 9.22 -0.61 2.60
N VAL A 412 9.53 -1.80 2.09
CA VAL A 412 9.90 -2.93 2.92
C VAL A 412 11.42 -3.01 3.01
N LYS A 413 11.93 -3.16 4.23
CA LYS A 413 13.36 -3.32 4.43
C LYS A 413 13.82 -4.65 3.83
N PRO A 414 14.98 -4.66 3.14
CA PRO A 414 15.46 -5.92 2.57
C PRO A 414 15.73 -7.00 3.60
N TYR A 415 16.18 -6.64 4.80
CA TYR A 415 16.49 -7.62 5.82
C TYR A 415 15.23 -8.02 6.58
N VAL A 416 15.34 -9.10 7.34
CA VAL A 416 14.22 -9.67 8.08
C VAL A 416 14.62 -9.86 9.54
N LEU A 417 13.60 -9.95 10.39
CA LEU A 417 13.80 -10.12 11.82
C LEU A 417 14.16 -11.56 12.17
N PRO A 418 14.92 -11.77 13.25
CA PRO A 418 15.29 -13.13 13.64
C PRO A 418 14.10 -14.03 13.94
N PHE A 419 13.03 -13.49 14.51
CA PHE A 419 11.86 -14.27 14.88
C PHE A 419 10.62 -13.74 14.17
N ALA A 420 9.64 -14.63 14.00
CA ALA A 420 8.39 -14.30 13.32
C ALA A 420 7.22 -14.68 14.21
N GLY A 421 6.19 -13.84 14.21
CA GLY A 421 4.98 -14.06 14.98
C GLY A 421 4.56 -12.80 15.70
N ARG A 422 3.67 -12.95 16.67
CA ARG A 422 3.24 -11.82 17.47
C ARG A 422 4.39 -11.34 18.35
N MET A 423 4.43 -10.02 18.56
CA MET A 423 5.46 -9.41 19.38
C MET A 423 5.04 -7.99 19.72
N HIS A 424 5.73 -7.43 20.72
CA HIS A 424 5.47 -6.07 21.19
C HIS A 424 6.73 -5.24 20.99
N ALA A 425 6.57 -4.05 20.41
CA ALA A 425 7.69 -3.17 20.08
C ALA A 425 7.54 -1.85 20.83
N ALA A 426 8.66 -1.35 21.35
CA ALA A 426 8.67 -0.08 22.06
C ALA A 426 9.89 0.73 21.62
N VAL A 427 9.68 2.00 21.32
CA VAL A 427 10.76 2.87 20.88
C VAL A 427 11.41 3.51 22.11
N HIS A 428 12.70 3.32 22.26
CA HIS A 428 13.47 3.92 23.33
C HIS A 428 14.65 4.67 22.72
N LYS A 429 14.83 5.91 23.14
CA LYS A 429 15.88 6.77 22.59
C LYS A 429 15.77 6.83 21.08
N ASP A 430 16.77 6.29 20.39
CA ASP A 430 16.80 6.28 18.92
C ASP A 430 16.66 4.89 18.34
N LEU A 431 16.34 3.89 19.16
CA LEU A 431 16.25 2.51 18.69
C LEU A 431 14.93 1.89 19.16
N VAL A 432 14.71 0.63 18.78
CA VAL A 432 13.47 -0.08 19.04
C VAL A 432 13.79 -1.39 19.74
N PHE A 433 13.06 -1.69 20.81
CA PHE A 433 13.13 -2.99 21.48
C PHE A 433 11.91 -3.80 21.09
N ILE A 434 12.13 -5.03 20.65
CA ILE A 434 11.07 -5.92 20.20
C ILE A 434 11.15 -7.20 21.04
N VAL A 435 10.04 -7.55 21.68
CA VAL A 435 9.95 -8.77 22.49
C VAL A 435 8.89 -9.67 21.87
N ALA A 436 9.29 -10.89 21.53
CA ALA A 436 8.42 -11.86 20.87
C ALA A 436 8.23 -13.08 21.77
N GLU A 437 7.60 -14.12 21.21
CA GLU A 437 7.41 -15.35 21.94
C GLU A 437 8.75 -15.94 22.38
N GLY A 438 8.82 -16.34 23.65
CA GLY A 438 10.07 -16.81 24.21
C GLY A 438 10.74 -15.76 25.09
N ASP A 439 12.06 -15.82 25.19
CA ASP A 439 12.82 -14.88 26.02
C ASP A 439 13.81 -14.05 25.19
N SER A 440 13.57 -13.93 23.88
CA SER A 440 14.44 -13.17 23.00
C SER A 440 14.00 -11.70 22.98
N LEU A 441 14.99 -10.81 23.01
CA LEU A 441 14.74 -9.37 23.00
C LEU A 441 15.80 -8.71 22.12
N VAL A 442 15.40 -8.28 20.94
CA VAL A 442 16.31 -7.62 20.01
C VAL A 442 16.26 -6.12 20.25
N CYS A 443 17.29 -5.43 19.78
CA CYS A 443 17.44 -3.98 19.92
C CYS A 443 17.70 -3.35 18.55
N TYR A 444 16.81 -3.66 17.60
CA TYR A 444 17.00 -3.25 16.21
C TYR A 444 17.14 -1.73 16.10
N ASN A 445 18.17 -1.31 15.36
CA ASN A 445 18.42 0.10 15.10
C ASN A 445 18.11 0.40 13.64
N PRO A 446 17.13 1.25 13.34
CA PRO A 446 16.78 1.50 11.93
C PRO A 446 17.92 2.06 11.10
N LEU A 447 18.77 2.91 11.68
CA LEU A 447 19.83 3.54 10.89
C LEU A 447 20.93 2.54 10.54
N LEU A 448 21.36 1.73 11.51
CA LEU A 448 22.46 0.80 11.28
C LEU A 448 22.02 -0.51 10.65
N ASP A 449 20.71 -0.78 10.59
CA ASP A 449 20.18 -2.02 10.02
C ASP A 449 20.78 -3.25 10.69
N SER A 450 20.95 -3.19 12.00
CA SER A 450 21.55 -4.28 12.76
C SER A 450 20.74 -4.53 14.02
N PHE A 451 20.84 -5.75 14.52
CA PHE A 451 20.11 -6.21 15.70
C PHE A 451 21.07 -6.33 16.89
N THR A 452 20.50 -6.64 18.06
CA THR A 452 21.29 -6.87 19.26
C THR A 452 20.49 -7.80 20.16
N ARG A 453 20.93 -9.06 20.26
CA ARG A 453 20.20 -10.05 21.02
C ARG A 453 20.31 -9.79 22.53
N LEU A 454 19.21 -10.02 23.24
CA LEU A 454 19.18 -9.91 24.68
C LEU A 454 18.19 -10.92 25.22
N CYS A 455 18.52 -11.54 26.35
CA CYS A 455 17.74 -12.61 26.94
C CYS A 455 17.09 -12.14 28.23
N LEU A 456 15.77 -12.30 28.33
CA LEU A 456 15.03 -11.97 29.54
C LEU A 456 15.22 -13.06 30.58
N PRO A 457 15.08 -12.72 31.87
CA PRO A 457 15.16 -13.75 32.91
C PRO A 457 14.03 -14.75 32.77
N GLU A 458 14.34 -16.01 33.10
CA GLU A 458 13.37 -17.09 33.00
C GLU A 458 12.44 -17.10 34.22
N SER A 465 4.88 -18.17 27.36
CA SER A 465 4.72 -16.87 27.99
C SER A 465 5.27 -15.76 27.12
N LEU A 466 4.39 -14.85 26.68
CA LEU A 466 4.77 -13.73 25.85
C LEU A 466 4.87 -12.48 26.71
N TRP A 467 6.07 -11.92 26.81
CA TRP A 467 6.28 -10.73 27.62
C TRP A 467 5.85 -9.47 26.86
N LYS A 468 5.70 -8.38 27.60
CA LYS A 468 5.40 -7.08 27.03
C LYS A 468 6.33 -6.04 27.64
N ILE A 469 6.62 -4.99 26.88
CA ILE A 469 7.57 -3.98 27.31
C ILE A 469 6.98 -2.59 27.18
N ALA A 470 7.55 -1.66 27.93
CA ALA A 470 7.17 -0.25 27.88
C ALA A 470 8.37 0.60 28.24
N SER A 471 8.33 1.85 27.78
CA SER A 471 9.41 2.81 27.99
C SER A 471 8.87 3.95 28.87
N CYS A 472 9.18 3.86 30.17
CA CYS A 472 8.76 4.87 31.13
C CYS A 472 9.98 5.64 31.61
N ASN A 473 9.86 6.97 31.63
CA ASN A 473 10.94 7.86 32.03
C ASN A 473 12.19 7.59 31.21
N GLY A 474 13.22 7.01 31.83
CA GLY A 474 14.46 6.70 31.14
C GLY A 474 14.89 5.26 31.32
N SER A 475 13.94 4.36 31.56
CA SER A 475 14.23 2.96 31.77
C SER A 475 13.23 2.12 30.99
N ILE A 476 13.41 0.80 31.02
CA ILE A 476 12.54 -0.14 30.33
C ILE A 476 11.84 -1.00 31.38
N TYR A 477 10.53 -1.16 31.22
CA TYR A 477 9.74 -1.99 32.12
C TYR A 477 9.14 -3.16 31.34
N VAL A 478 9.17 -4.34 31.95
CA VAL A 478 8.69 -5.57 31.32
C VAL A 478 7.61 -6.17 32.21
N PHE A 479 6.46 -6.45 31.61
CA PHE A 479 5.32 -7.06 32.28
C PHE A 479 5.04 -8.42 31.68
N ARG A 480 4.80 -9.41 32.54
CA ARG A 480 4.44 -10.74 32.10
C ARG A 480 2.99 -10.75 31.60
N ASP A 481 2.69 -11.72 30.73
CA ASP A 481 1.34 -11.83 30.19
C ASP A 481 0.33 -12.16 31.27
N ARG A 482 0.66 -13.09 32.15
CA ARG A 482 -0.23 -13.50 33.24
C ARG A 482 0.58 -13.69 34.51
N TYR A 483 0.05 -13.17 35.62
CA TYR A 483 0.69 -13.28 36.92
C TYR A 483 -0.33 -13.78 37.93
N LYS A 484 0.07 -14.76 38.74
CA LYS A 484 -0.81 -15.31 39.76
C LYS A 484 0.00 -15.96 40.88
N ALA A 488 6.91 -12.43 41.06
CA ALA A 488 7.28 -11.17 40.41
C ALA A 488 6.50 -10.99 39.11
N ASN A 489 6.10 -9.75 38.85
CA ASN A 489 5.33 -9.43 37.64
C ASN A 489 5.98 -8.32 36.81
N THR A 490 6.60 -7.34 37.45
CA THR A 490 7.22 -6.21 36.75
C THR A 490 8.72 -6.26 36.93
N TYR A 491 9.46 -6.16 35.83
CA TYR A 491 10.91 -6.17 35.84
C TYR A 491 11.43 -4.88 35.22
N LYS A 492 12.31 -4.19 35.95
CA LYS A 492 12.91 -2.96 35.47
C LYS A 492 14.32 -3.24 34.98
N LEU A 493 14.61 -2.82 33.76
CA LEU A 493 15.92 -3.05 33.17
C LEU A 493 16.34 -1.85 32.34
N ASP A 494 17.65 -1.75 32.13
CA ASP A 494 18.27 -0.75 31.26
C ASP A 494 19.19 -1.47 30.29
N PRO A 495 19.36 -0.93 29.09
CA PRO A 495 20.24 -1.59 28.11
C PRO A 495 21.68 -1.72 28.58
N ALA A 496 22.16 -0.78 29.39
CA ALA A 496 23.51 -0.86 29.92
C ALA A 496 23.64 -2.00 30.91
N THR A 497 24.66 -2.84 30.73
CA THR A 497 25.01 -3.98 31.57
C THR A 497 23.97 -5.09 31.53
N SER A 498 22.86 -4.92 30.81
CA SER A 498 21.82 -5.94 30.70
C SER A 498 21.34 -6.41 32.06
N ALA A 499 21.15 -5.46 32.97
CA ALA A 499 20.75 -5.75 34.35
C ALA A 499 19.23 -5.66 34.48
N VAL A 500 18.63 -6.70 35.04
CA VAL A 500 17.19 -6.77 35.26
C VAL A 500 16.94 -6.93 36.75
N THR A 501 16.06 -6.08 37.29
CA THR A 501 15.77 -6.08 38.72
C THR A 501 14.27 -6.17 38.93
N VAL A 502 13.86 -7.00 39.89
CA VAL A 502 12.45 -7.11 40.23
C VAL A 502 12.01 -5.85 40.95
N THR A 503 10.92 -5.25 40.47
CA THR A 503 10.39 -4.02 41.05
C THR A 503 8.92 -4.22 41.40
N ARG A 504 8.49 -3.57 42.48
CA ARG A 504 7.12 -3.68 42.94
C ARG A 504 6.73 -2.48 43.80
N VAL A 508 -2.77 -2.37 42.91
CA VAL A 508 -3.70 -2.94 41.94
C VAL A 508 -3.09 -4.17 41.28
N LEU A 509 -3.92 -5.19 41.04
CA LEU A 509 -3.48 -6.42 40.42
C LEU A 509 -4.47 -6.81 39.32
N LEU A 510 -3.95 -7.10 38.14
CA LEU A 510 -4.76 -7.53 37.01
C LEU A 510 -4.41 -8.96 36.65
N THR A 511 -5.42 -9.83 36.62
CA THR A 511 -5.19 -11.22 36.24
C THR A 511 -4.71 -11.32 34.79
N ASN A 512 -5.31 -10.54 33.89
CA ASN A 512 -4.95 -10.52 32.49
C ASN A 512 -4.38 -9.16 32.13
N LEU A 513 -3.38 -9.15 31.24
CA LEU A 513 -2.78 -7.93 30.72
C LEU A 513 -2.83 -8.01 29.20
N GLN A 514 -3.95 -7.57 28.62
CA GLN A 514 -4.09 -7.64 27.16
C GLN A 514 -3.46 -6.45 26.45
N PHE A 515 -3.29 -5.31 27.11
CA PHE A 515 -2.68 -4.17 26.47
C PHE A 515 -1.84 -3.37 27.46
N VAL A 516 -0.66 -2.92 27.01
CA VAL A 516 0.19 -2.01 27.77
C VAL A 516 0.63 -0.90 26.82
N LEU A 517 0.48 0.34 27.27
CA LEU A 517 0.79 1.51 26.44
C LEU A 517 1.70 2.45 27.23
N ALA A 518 2.77 2.91 26.58
CA ALA A 518 3.71 3.81 27.20
C ALA A 518 3.68 5.18 26.52
N LYS B 9 -51.96 15.82 -3.73
CA LYS B 9 -52.40 15.15 -4.96
C LYS B 9 -52.06 13.66 -4.91
N LYS B 10 -51.16 13.28 -4.00
CA LYS B 10 -50.73 11.90 -3.83
C LYS B 10 -51.21 11.41 -2.48
N LYS B 11 -51.97 10.31 -2.49
CA LYS B 11 -52.47 9.72 -1.25
C LYS B 11 -51.33 9.04 -0.51
N VAL B 12 -50.95 9.56 0.64
CA VAL B 12 -49.85 9.05 1.43
C VAL B 12 -50.42 8.25 2.60
N CYS B 13 -50.02 6.98 2.68
CA CYS B 13 -50.47 6.09 3.76
C CYS B 13 -49.28 5.80 4.66
N TYR B 14 -49.39 6.18 5.93
CA TYR B 14 -48.30 6.06 6.89
C TYR B 14 -48.57 4.90 7.83
N TYR B 15 -47.59 4.00 7.95
CA TYR B 15 -47.71 2.80 8.77
C TYR B 15 -46.75 2.88 9.94
N TYR B 16 -47.27 2.69 11.16
CA TYR B 16 -46.46 2.74 12.36
C TYR B 16 -47.25 2.11 13.51
N ASP B 17 -46.59 1.26 14.27
CA ASP B 17 -47.19 0.64 15.45
C ASP B 17 -46.74 1.39 16.70
N GLY B 18 -47.69 1.62 17.60
CA GLY B 18 -47.37 2.39 18.81
C GLY B 18 -46.34 1.71 19.69
N ASP B 19 -46.51 0.42 19.93
CA ASP B 19 -45.60 -0.34 20.79
C ASP B 19 -44.57 -1.09 19.93
N ILE B 20 -43.76 -0.33 19.21
CA ILE B 20 -42.69 -0.91 18.41
C ILE B 20 -41.31 -0.43 18.84
N GLY B 21 -41.21 0.62 19.64
CA GLY B 21 -39.94 1.08 20.18
C GLY B 21 -39.55 0.42 21.47
N ASN B 22 -40.30 -0.59 21.93
CA ASN B 22 -40.03 -1.30 23.17
C ASN B 22 -39.37 -2.65 22.91
N TYR B 23 -38.47 -2.70 21.93
CA TYR B 23 -37.80 -3.94 21.55
C TYR B 23 -36.29 -3.75 21.59
N TYR B 24 -35.79 -3.21 22.70
CA TYR B 24 -34.37 -2.89 22.84
C TYR B 24 -33.50 -4.10 22.55
N TYR B 25 -32.47 -3.90 21.73
CA TYR B 25 -31.53 -4.95 21.34
C TYR B 25 -30.49 -5.24 22.41
N GLY B 26 -30.66 -4.72 23.62
CA GLY B 26 -29.67 -4.87 24.66
C GLY B 26 -28.70 -3.71 24.70
N GLN B 27 -27.98 -3.61 25.82
CA GLN B 27 -27.05 -2.51 26.02
C GLN B 27 -25.87 -2.62 25.05
N GLY B 28 -25.48 -1.48 24.48
CA GLY B 28 -24.32 -1.41 23.61
C GLY B 28 -24.58 -1.73 22.15
N HIS B 29 -25.80 -2.12 21.79
CA HIS B 29 -26.10 -2.45 20.41
C HIS B 29 -26.51 -1.18 19.66
N PRO B 30 -25.84 -0.84 18.55
CA PRO B 30 -26.18 0.42 17.85
C PRO B 30 -27.62 0.48 17.35
N MET B 31 -28.20 -0.65 16.96
CA MET B 31 -29.55 -0.66 16.41
C MET B 31 -30.56 -0.31 17.50
N LYS B 32 -31.14 0.89 17.41
CA LYS B 32 -32.15 1.36 18.35
C LYS B 32 -33.50 1.45 17.64
N PRO B 33 -34.41 0.49 17.85
CA PRO B 33 -35.71 0.58 17.16
C PRO B 33 -36.53 1.79 17.55
N HIS B 34 -36.38 2.29 18.78
CA HIS B 34 -37.23 3.38 19.26
C HIS B 34 -37.06 4.64 18.42
N ARG B 35 -35.99 4.75 17.63
CA ARG B 35 -35.84 5.88 16.73
C ARG B 35 -37.08 6.04 15.86
N ILE B 36 -37.68 4.93 15.45
CA ILE B 36 -38.91 5.00 14.64
C ILE B 36 -39.97 5.81 15.38
N ARG B 37 -40.22 5.45 16.64
CA ARG B 37 -41.17 6.22 17.44
C ARG B 37 -40.78 7.68 17.47
N MET B 38 -39.49 7.96 17.64
CA MET B 38 -39.01 9.33 17.63
C MET B 38 -39.51 10.06 16.39
N THR B 39 -39.30 9.46 15.22
CA THR B 39 -39.79 10.08 13.99
C THR B 39 -41.28 10.35 14.08
N HIS B 40 -42.05 9.33 14.48
CA HIS B 40 -43.50 9.51 14.61
C HIS B 40 -43.81 10.68 15.54
N ASN B 41 -43.07 10.78 16.65
CA ASN B 41 -43.32 11.86 17.59
C ASN B 41 -43.15 13.22 16.92
N LEU B 42 -42.09 13.37 16.12
CA LEU B 42 -41.91 14.61 15.39
C LEU B 42 -43.06 14.83 14.43
N LEU B 43 -43.50 13.76 13.75
CA LEU B 43 -44.63 13.89 12.84
C LEU B 43 -45.89 14.33 13.57
N LEU B 44 -45.99 14.05 14.86
CA LEU B 44 -47.13 14.53 15.63
C LEU B 44 -46.98 16.01 15.95
N ASN B 45 -45.76 16.48 16.19
CA ASN B 45 -45.54 17.85 16.62
C ASN B 45 -45.35 18.82 15.47
N TYR B 46 -44.82 18.35 14.34
CA TYR B 46 -44.67 19.23 13.18
C TYR B 46 -46.02 19.55 12.55
N GLY B 47 -47.02 18.68 12.74
CA GLY B 47 -48.34 18.90 12.19
C GLY B 47 -48.62 18.17 10.90
N LEU B 48 -47.64 17.47 10.33
CA LEU B 48 -47.84 16.75 9.08
C LEU B 48 -48.64 15.46 9.26
N TYR B 49 -48.80 14.98 10.49
CA TYR B 49 -49.53 13.74 10.72
C TYR B 49 -51.00 13.86 10.31
N ARG B 50 -51.58 15.06 10.43
CA ARG B 50 -52.97 15.25 10.03
C ARG B 50 -53.15 15.04 8.53
N LYS B 51 -52.18 15.48 7.72
CA LYS B 51 -52.32 15.39 6.28
C LYS B 51 -52.13 13.97 5.76
N MET B 52 -51.52 13.09 6.54
CA MET B 52 -51.22 11.73 6.10
C MET B 52 -52.20 10.74 6.69
N GLU B 53 -52.46 9.67 5.95
CA GLU B 53 -53.30 8.59 6.43
C GLU B 53 -52.48 7.66 7.32
N ILE B 54 -52.86 7.54 8.58
CA ILE B 54 -52.13 6.75 9.56
C ILE B 54 -52.84 5.42 9.76
N TYR B 55 -52.12 4.33 9.53
CA TYR B 55 -52.63 2.98 9.73
C TYR B 55 -51.89 2.29 10.86
N ARG B 56 -52.50 1.24 11.39
CA ARG B 56 -51.87 0.41 12.41
C ARG B 56 -51.50 -0.93 11.80
N PRO B 57 -50.22 -1.26 11.72
CA PRO B 57 -49.83 -2.53 11.10
C PRO B 57 -50.31 -3.73 11.91
N HIS B 58 -50.62 -4.81 11.21
CA HIS B 58 -51.06 -6.05 11.82
C HIS B 58 -49.92 -7.06 11.81
N LYS B 59 -49.81 -7.83 12.90
CA LYS B 59 -48.76 -8.82 13.01
C LYS B 59 -48.91 -9.88 11.94
N ALA B 60 -47.91 -9.97 11.06
CA ALA B 60 -47.94 -10.95 9.98
C ALA B 60 -47.80 -12.36 10.53
N THR B 61 -48.60 -13.27 10.00
CA THR B 61 -48.57 -14.66 10.45
C THR B 61 -47.28 -15.33 9.98
N ALA B 62 -46.91 -16.39 10.70
CA ALA B 62 -45.70 -17.13 10.34
C ALA B 62 -45.85 -17.78 8.97
N GLU B 63 -47.04 -18.31 8.67
CA GLU B 63 -47.27 -18.91 7.36
C GLU B 63 -47.15 -17.87 6.25
N GLU B 64 -47.66 -16.66 6.48
CA GLU B 64 -47.52 -15.60 5.49
C GLU B 64 -46.10 -15.08 5.42
N MET B 65 -45.37 -15.09 6.54
CA MET B 65 -44.02 -14.57 6.56
C MET B 65 -43.02 -15.54 5.92
N THR B 66 -43.29 -16.84 5.97
CA THR B 66 -42.37 -17.84 5.43
C THR B 66 -42.51 -18.02 3.92
N LYS B 67 -43.17 -17.07 3.23
CA LYS B 67 -43.25 -17.16 1.78
C LYS B 67 -41.88 -17.08 1.13
N TYR B 68 -40.92 -16.45 1.79
CA TYR B 68 -39.55 -16.39 1.33
C TYR B 68 -38.59 -17.20 2.19
N HIS B 69 -38.58 -16.96 3.50
CA HIS B 69 -37.69 -17.69 4.39
C HIS B 69 -38.15 -19.13 4.57
N SER B 70 -37.20 -20.00 4.88
CA SER B 70 -37.49 -21.42 5.08
C SER B 70 -38.34 -21.62 6.34
N ASP B 71 -39.12 -22.69 6.34
CA ASP B 71 -39.99 -22.98 7.48
C ASP B 71 -39.17 -23.25 8.74
N GLU B 72 -38.03 -23.94 8.60
CA GLU B 72 -37.19 -24.23 9.75
C GLU B 72 -36.67 -22.95 10.38
N TYR B 73 -36.24 -21.99 9.56
CA TYR B 73 -35.75 -20.73 10.10
C TYR B 73 -36.84 -19.96 10.83
N ILE B 74 -38.06 -19.96 10.27
CA ILE B 74 -39.17 -19.27 10.93
C ILE B 74 -39.51 -19.95 12.26
N LYS B 75 -39.50 -21.29 12.29
CA LYS B 75 -39.75 -22.00 13.53
C LYS B 75 -38.66 -21.70 14.56
N PHE B 76 -37.41 -21.61 14.10
CA PHE B 76 -36.31 -21.25 15.00
C PHE B 76 -36.52 -19.86 15.58
N LEU B 77 -36.92 -18.90 14.74
CA LEU B 77 -37.18 -17.55 15.23
C LEU B 77 -38.32 -17.53 16.24
N ARG B 78 -39.38 -18.29 15.97
CA ARG B 78 -40.52 -18.33 16.87
C ARG B 78 -40.15 -18.96 18.20
N SER B 79 -39.33 -20.01 18.19
CA SER B 79 -39.02 -20.76 19.40
C SER B 79 -37.89 -20.17 20.22
N ILE B 80 -37.17 -19.18 19.69
CA ILE B 80 -36.03 -18.60 20.41
C ILE B 80 -36.54 -17.66 21.50
N ARG B 81 -36.07 -17.88 22.72
CA ARG B 81 -36.37 -17.02 23.86
C ARG B 81 -35.10 -16.83 24.67
N PRO B 82 -34.94 -15.67 25.30
CA PRO B 82 -33.74 -15.46 26.14
C PRO B 82 -33.63 -16.43 27.29
N ASP B 83 -34.75 -16.85 27.89
CA ASP B 83 -34.70 -17.81 28.97
C ASP B 83 -34.37 -19.21 28.45
N ASN B 84 -34.96 -19.60 27.33
CA ASN B 84 -34.72 -20.91 26.73
C ASN B 84 -33.57 -20.84 25.73
N MET B 85 -32.41 -20.39 26.23
CA MET B 85 -31.22 -20.26 25.40
C MET B 85 -30.21 -21.38 25.63
N SER B 86 -30.18 -21.97 26.82
CA SER B 86 -29.26 -23.07 27.07
C SER B 86 -29.59 -24.28 26.19
N GLU B 87 -30.88 -24.60 26.05
CA GLU B 87 -31.27 -25.69 25.17
C GLU B 87 -30.96 -25.37 23.71
N TYR B 88 -31.20 -24.13 23.29
CA TYR B 88 -30.90 -23.70 21.93
C TYR B 88 -29.47 -23.18 21.88
N SER B 89 -28.53 -24.11 21.87
CA SER B 89 -27.11 -23.80 21.79
C SER B 89 -26.49 -24.13 20.44
N LYS B 90 -26.83 -25.28 19.86
CA LYS B 90 -26.31 -25.64 18.55
C LYS B 90 -27.06 -24.98 17.41
N GLN B 91 -28.24 -24.42 17.67
CA GLN B 91 -29.01 -23.75 16.63
C GLN B 91 -28.53 -22.32 16.38
N MET B 92 -28.01 -21.66 17.42
CA MET B 92 -27.54 -20.28 17.27
C MET B 92 -26.21 -20.20 16.53
N GLN B 93 -25.43 -21.28 16.51
CA GLN B 93 -24.14 -21.27 15.85
C GLN B 93 -24.23 -21.46 14.34
N ARG B 94 -25.39 -21.85 13.82
CA ARG B 94 -25.57 -22.05 12.39
C ARG B 94 -26.49 -21.03 11.75
N PHE B 95 -27.24 -20.26 12.54
CA PHE B 95 -28.15 -19.25 12.01
C PHE B 95 -27.61 -17.83 12.18
N ASN B 96 -26.36 -17.68 12.60
CA ASN B 96 -25.73 -16.37 12.78
C ASN B 96 -26.52 -15.49 13.75
N VAL B 97 -27.06 -16.11 14.79
CA VAL B 97 -27.83 -15.42 15.81
C VAL B 97 -27.12 -15.60 17.15
N GLY B 98 -26.97 -14.52 17.90
CA GLY B 98 -26.35 -14.58 19.20
C GLY B 98 -25.21 -13.59 19.39
N GLU B 99 -24.43 -13.36 18.33
CA GLU B 99 -23.34 -12.40 18.36
C GLU B 99 -23.59 -11.21 17.46
N ASP B 100 -23.83 -11.46 16.16
CA ASP B 100 -24.16 -10.37 15.25
C ASP B 100 -25.61 -9.93 15.41
N CYS B 101 -26.50 -10.86 15.73
CA CYS B 101 -27.93 -10.59 15.93
C CYS B 101 -28.28 -10.97 17.36
N PRO B 102 -28.25 -10.02 18.29
CA PRO B 102 -28.53 -10.36 19.70
C PRO B 102 -29.98 -10.78 19.88
N VAL B 103 -30.18 -11.66 20.86
CA VAL B 103 -31.51 -12.15 21.20
C VAL B 103 -32.08 -11.29 22.32
N PHE B 104 -33.27 -10.73 22.10
CA PHE B 104 -33.94 -9.89 23.07
C PHE B 104 -35.38 -10.35 23.21
N ASP B 105 -36.04 -9.85 24.26
CA ASP B 105 -37.41 -10.22 24.53
C ASP B 105 -38.34 -9.76 23.41
N GLY B 106 -39.23 -10.64 22.99
CA GLY B 106 -40.17 -10.32 21.92
C GLY B 106 -39.53 -10.10 20.57
N LEU B 107 -38.51 -10.89 20.23
CA LEU B 107 -37.88 -10.77 18.92
C LEU B 107 -38.87 -11.08 17.81
N PHE B 108 -39.65 -12.15 17.96
CA PHE B 108 -40.62 -12.52 16.93
C PHE B 108 -41.72 -11.48 16.82
N GLU B 109 -42.13 -10.90 17.95
CA GLU B 109 -43.12 -9.83 17.92
C GLU B 109 -42.59 -8.62 17.16
N PHE B 110 -41.33 -8.25 17.40
CA PHE B 110 -40.73 -7.14 16.66
C PHE B 110 -40.65 -7.44 15.18
N CYS B 111 -40.28 -8.67 14.82
CA CYS B 111 -40.21 -9.05 13.42
C CYS B 111 -41.59 -8.97 12.77
N GLN B 112 -42.62 -9.46 13.45
CA GLN B 112 -43.98 -9.37 12.93
C GLN B 112 -44.42 -7.92 12.75
N LEU B 113 -44.12 -7.07 13.73
CA LEU B 113 -44.50 -5.66 13.62
C LEU B 113 -43.79 -4.99 12.45
N SER B 114 -42.50 -5.27 12.27
CA SER B 114 -41.77 -4.68 11.16
C SER B 114 -42.29 -5.18 9.82
N THR B 115 -42.62 -6.47 9.72
CA THR B 115 -43.08 -7.02 8.45
C THR B 115 -44.49 -6.58 8.11
N GLY B 116 -45.34 -6.38 9.12
CA GLY B 116 -46.74 -6.08 8.84
C GLY B 116 -46.94 -4.78 8.09
N GLY B 117 -46.26 -3.72 8.54
CA GLY B 117 -46.39 -2.45 7.86
C GLY B 117 -45.86 -2.48 6.43
N SER B 118 -44.73 -3.14 6.23
CA SER B 118 -44.16 -3.25 4.89
C SER B 118 -45.08 -4.04 3.96
N VAL B 119 -45.68 -5.12 4.47
CA VAL B 119 -46.59 -5.91 3.64
C VAL B 119 -47.86 -5.13 3.34
N ALA B 120 -48.42 -4.45 4.34
CA ALA B 120 -49.65 -3.70 4.14
C ALA B 120 -49.44 -2.55 3.15
N GLY B 121 -48.30 -1.86 3.25
CA GLY B 121 -48.01 -0.81 2.30
C GLY B 121 -47.93 -1.31 0.87
N ALA B 122 -47.26 -2.46 0.68
CA ALA B 122 -47.19 -3.05 -0.66
C ALA B 122 -48.56 -3.54 -1.11
N VAL B 123 -49.36 -4.09 -0.20
CA VAL B 123 -50.67 -4.62 -0.56
C VAL B 123 -51.58 -3.50 -1.06
N LYS B 124 -51.60 -2.38 -0.35
CA LYS B 124 -52.44 -1.26 -0.72
C LYS B 124 -51.85 -0.49 -1.90
N ASN B 126 -50.44 -1.98 -4.43
CA ASN B 126 -50.69 -2.93 -5.51
C ASN B 126 -52.17 -2.94 -5.89
N ARG B 127 -53.02 -2.48 -4.98
CA ARG B 127 -54.45 -2.44 -5.20
C ARG B 127 -54.91 -1.16 -5.89
N GLN B 128 -53.99 -0.28 -6.26
CA GLN B 128 -54.30 1.00 -6.90
C GLN B 128 -55.25 1.83 -6.03
N GLN B 129 -55.06 1.75 -4.72
CA GLN B 129 -55.85 2.52 -3.77
C GLN B 129 -55.07 3.66 -3.12
N THR B 130 -53.79 3.80 -3.47
CA THR B 130 -52.96 4.86 -2.92
C THR B 130 -51.81 5.13 -3.89
N ASP B 131 -51.00 6.13 -3.57
CA ASP B 131 -49.86 6.51 -4.40
C ASP B 131 -48.53 6.32 -3.68
N MET B 132 -48.43 6.75 -2.42
CA MET B 132 -47.22 6.61 -1.63
C MET B 132 -47.53 5.88 -0.34
N ALA B 133 -46.67 4.93 0.03
CA ALA B 133 -46.80 4.18 1.27
C ALA B 133 -45.50 4.35 2.04
N VAL B 134 -45.58 5.01 3.20
CA VAL B 134 -44.42 5.30 4.03
C VAL B 134 -44.49 4.43 5.28
N ASN B 135 -43.49 3.56 5.44
CA ASN B 135 -43.39 2.67 6.60
C ASN B 135 -41.95 2.72 7.11
N TRP B 136 -41.72 3.51 8.14
CA TRP B 136 -40.39 3.60 8.73
C TRP B 136 -40.09 2.44 9.66
N ALA B 137 -41.07 1.58 9.95
CA ALA B 137 -40.83 0.43 10.80
C ALA B 137 -39.94 -0.61 10.13
N GLY B 138 -40.07 -0.76 8.82
CA GLY B 138 -39.34 -1.76 8.07
C GLY B 138 -38.01 -1.27 7.55
N GLY B 139 -37.58 -1.83 6.42
CA GLY B 139 -36.32 -1.50 5.81
C GLY B 139 -35.20 -2.47 6.06
N LEU B 140 -35.47 -3.61 6.70
CA LEU B 140 -34.44 -4.61 6.93
C LEU B 140 -34.06 -5.27 5.61
N HIS B 141 -32.80 -5.12 5.22
CA HIS B 141 -32.32 -5.57 3.91
C HIS B 141 -31.09 -6.45 4.02
N HIS B 142 -30.94 -7.15 5.14
CA HIS B 142 -29.81 -8.04 5.34
C HIS B 142 -30.18 -9.46 5.75
N ALA B 143 -31.43 -9.72 6.11
CA ALA B 143 -31.84 -11.06 6.54
C ALA B 143 -31.84 -12.00 5.35
N LYS B 144 -30.88 -12.91 5.30
CA LYS B 144 -30.81 -13.87 4.21
C LYS B 144 -31.80 -15.00 4.43
N LYS B 145 -32.07 -15.74 3.35
CA LYS B 145 -33.02 -16.85 3.41
C LYS B 145 -32.53 -17.94 4.36
N SER B 146 -31.24 -18.29 4.27
CA SER B 146 -30.72 -19.37 5.12
C SER B 146 -30.64 -18.95 6.57
N GLU B 147 -30.16 -17.74 6.83
CA GLU B 147 -29.96 -17.28 8.20
C GLU B 147 -29.96 -15.77 8.23
N ALA B 148 -30.09 -15.22 9.43
CA ALA B 148 -30.03 -13.77 9.61
C ALA B 148 -28.61 -13.26 9.43
N SER B 149 -28.51 -11.98 9.09
CA SER B 149 -27.22 -11.34 8.91
C SER B 149 -27.33 -9.88 9.30
N GLY B 150 -26.18 -9.29 9.65
CA GLY B 150 -26.17 -7.91 10.08
C GLY B 150 -27.00 -7.73 11.35
N PHE B 151 -27.86 -6.72 11.33
CA PHE B 151 -28.77 -6.45 12.43
C PHE B 151 -30.21 -6.80 12.11
N CYS B 152 -30.44 -7.50 11.00
CA CYS B 152 -31.78 -7.86 10.55
C CYS B 152 -32.10 -9.30 10.89
N TYR B 153 -33.39 -9.59 11.00
CA TYR B 153 -33.88 -10.94 11.25
C TYR B 153 -34.83 -11.44 10.19
N VAL B 154 -35.76 -10.59 9.72
CA VAL B 154 -36.69 -10.94 8.66
C VAL B 154 -36.59 -9.88 7.57
N ASN B 155 -36.39 -10.33 6.33
CA ASN B 155 -36.23 -9.42 5.20
C ASN B 155 -37.62 -9.07 4.68
N ASP B 156 -38.24 -8.09 5.34
CA ASP B 156 -39.58 -7.64 4.94
C ASP B 156 -39.58 -6.98 3.56
N ILE B 157 -38.44 -6.43 3.12
CA ILE B 157 -38.37 -5.83 1.80
C ILE B 157 -38.62 -6.87 0.72
N VAL B 158 -38.02 -8.05 0.87
CA VAL B 158 -38.22 -9.12 -0.10
C VAL B 158 -39.68 -9.54 -0.12
N LEU B 159 -40.31 -9.66 1.05
CA LEU B 159 -41.71 -10.03 1.11
C LEU B 159 -42.60 -8.99 0.44
N ALA B 160 -42.33 -7.70 0.68
CA ALA B 160 -43.10 -6.65 0.04
C ALA B 160 -42.93 -6.67 -1.47
N ILE B 161 -41.70 -6.88 -1.94
CA ILE B 161 -41.45 -6.95 -3.38
C ILE B 161 -42.17 -8.14 -4.00
N LEU B 162 -42.15 -9.29 -3.31
CA LEU B 162 -42.84 -10.47 -3.82
C LEU B 162 -44.35 -10.23 -3.87
N GLU B 163 -44.89 -9.57 -2.85
CA GLU B 163 -46.32 -9.24 -2.86
C GLU B 163 -46.66 -8.30 -4.02
N LEU B 164 -45.80 -7.32 -4.27
CA LEU B 164 -46.02 -6.42 -5.40
C LEU B 164 -45.92 -7.16 -6.73
N LEU B 165 -45.10 -8.21 -6.80
CA LEU B 165 -44.94 -8.97 -8.02
C LEU B 165 -46.22 -9.70 -8.43
N LYS B 166 -47.18 -9.83 -7.52
CA LYS B 166 -48.43 -10.52 -7.85
C LYS B 166 -49.19 -9.77 -8.95
N TYR B 167 -49.26 -8.44 -8.84
CA TYR B 167 -49.97 -7.62 -9.81
C TYR B 167 -49.02 -6.95 -10.80
N HIS B 168 -48.05 -6.20 -10.29
CA HIS B 168 -47.11 -5.49 -11.16
C HIS B 168 -46.14 -6.46 -11.82
N GLN B 169 -45.72 -6.09 -13.03
CA GLN B 169 -44.80 -6.93 -13.79
C GLN B 169 -43.35 -6.66 -13.42
N ARG B 170 -42.94 -5.39 -13.46
CA ARG B 170 -41.56 -5.00 -13.20
C ARG B 170 -41.50 -4.20 -11.90
N VAL B 171 -40.55 -4.56 -11.04
CA VAL B 171 -40.38 -3.92 -9.74
C VAL B 171 -38.95 -3.42 -9.63
N LEU B 172 -38.78 -2.15 -9.30
CA LEU B 172 -37.48 -1.52 -9.11
C LEU B 172 -37.27 -1.27 -7.63
N TYR B 173 -36.11 -1.69 -7.12
CA TYR B 173 -35.74 -1.49 -5.72
C TYR B 173 -34.51 -0.61 -5.68
N ILE B 174 -34.68 0.64 -5.24
CA ILE B 174 -33.60 1.60 -5.13
C ILE B 174 -33.18 1.69 -3.68
N ASP B 175 -31.90 1.40 -3.41
CA ASP B 175 -31.35 1.43 -2.07
C ASP B 175 -30.27 2.49 -2.01
N ILE B 176 -30.37 3.38 -1.02
CA ILE B 176 -29.41 4.45 -0.81
C ILE B 176 -28.68 4.31 0.52
N ASP B 177 -28.79 3.17 1.17
CA ASP B 177 -28.07 2.94 2.41
C ASP B 177 -26.59 2.69 2.11
N ILE B 178 -25.75 2.99 3.10
CA ILE B 178 -24.30 2.81 2.93
C ILE B 178 -23.97 1.34 2.71
N HIS B 179 -24.66 0.45 3.42
CA HIS B 179 -24.44 -0.97 3.23
C HIS B 179 -25.06 -1.44 1.91
N HIS B 180 -24.53 -2.55 1.39
CA HIS B 180 -24.96 -3.02 0.07
C HIS B 180 -26.35 -3.63 0.10
N GLY B 181 -26.80 -4.13 1.25
CA GLY B 181 -28.07 -4.83 1.29
C GLY B 181 -28.03 -6.11 0.49
N ASP B 182 -27.02 -6.95 0.76
CA ASP B 182 -26.79 -8.14 -0.05
C ASP B 182 -27.98 -9.09 -0.03
N GLY B 183 -28.82 -9.03 1.01
CA GLY B 183 -29.94 -9.95 1.09
C GLY B 183 -30.94 -9.77 -0.04
N VAL B 184 -31.30 -8.52 -0.32
CA VAL B 184 -32.26 -8.24 -1.39
C VAL B 184 -31.70 -8.64 -2.75
N GLU B 185 -30.43 -8.33 -3.00
CA GLU B 185 -29.81 -8.70 -4.26
C GLU B 185 -29.75 -10.21 -4.42
N GLU B 186 -29.39 -10.92 -3.36
CA GLU B 186 -29.33 -12.38 -3.43
C GLU B 186 -30.71 -13.00 -3.62
N ALA B 187 -31.75 -12.41 -3.03
CA ALA B 187 -33.09 -12.95 -3.16
C ALA B 187 -33.57 -12.92 -4.61
N PHE B 188 -33.28 -11.82 -5.32
CA PHE B 188 -33.72 -11.65 -6.70
C PHE B 188 -32.54 -11.62 -7.67
N TYR B 189 -31.48 -12.38 -7.37
CA TYR B 189 -30.30 -12.38 -8.22
C TYR B 189 -30.59 -13.04 -9.57
N THR B 190 -31.20 -14.23 -9.54
CA THR B 190 -31.44 -14.97 -10.77
C THR B 190 -32.59 -14.39 -11.59
N THR B 191 -33.68 -14.00 -10.93
CA THR B 191 -34.87 -13.56 -11.64
C THR B 191 -34.67 -12.16 -12.22
N ASP B 192 -35.30 -11.94 -13.38
CA ASP B 192 -35.29 -10.64 -14.04
C ASP B 192 -36.54 -9.82 -13.74
N ARG B 193 -37.44 -10.32 -12.91
CA ARG B 193 -38.66 -9.59 -12.57
C ARG B 193 -38.35 -8.35 -11.74
N VAL B 194 -37.30 -8.39 -10.93
CA VAL B 194 -36.97 -7.32 -10.01
C VAL B 194 -35.58 -6.79 -10.35
N MET B 195 -35.48 -5.48 -10.54
CA MET B 195 -34.20 -4.81 -10.77
C MET B 195 -33.84 -4.01 -9.53
N THR B 196 -32.67 -4.29 -8.96
CA THR B 196 -32.22 -3.64 -7.74
C THR B 196 -31.00 -2.78 -8.04
N VAL B 197 -31.07 -1.51 -7.67
CA VAL B 197 -29.96 -0.57 -7.83
C VAL B 197 -29.60 -0.06 -6.44
N SER B 198 -28.36 -0.29 -6.02
CA SER B 198 -27.89 0.07 -4.70
C SER B 198 -26.67 0.96 -4.81
N PHE B 199 -26.66 2.06 -4.05
CA PHE B 199 -25.53 2.98 -3.97
C PHE B 199 -24.91 2.77 -2.58
N HIS B 200 -23.84 2.00 -2.54
CA HIS B 200 -23.26 1.55 -1.28
C HIS B 200 -21.78 1.88 -1.22
N LYS B 201 -21.21 1.70 -0.03
CA LYS B 201 -19.78 1.87 0.20
C LYS B 201 -19.10 0.51 0.12
N TYR B 202 -18.04 0.44 -0.68
CA TYR B 202 -17.31 -0.80 -0.90
C TYR B 202 -15.86 -0.62 -0.50
N GLY B 203 -15.24 -1.71 -0.05
CA GLY B 203 -13.86 -1.67 0.41
C GLY B 203 -13.76 -1.92 1.90
N GLU B 204 -13.40 -3.15 2.27
CA GLU B 204 -13.27 -3.62 3.65
C GLU B 204 -14.38 -3.09 4.55
N TYR B 205 -15.61 -3.08 4.04
CA TYR B 205 -16.78 -2.67 4.80
C TYR B 205 -17.58 -3.90 5.21
N PHE B 206 -18.72 -3.66 5.86
CA PHE B 206 -19.53 -4.77 6.37
C PHE B 206 -20.03 -5.71 5.27
N PRO B 207 -20.70 -5.24 4.20
CA PRO B 207 -21.22 -6.19 3.22
C PRO B 207 -20.12 -6.93 2.46
N GLY B 208 -19.20 -6.19 1.84
CA GLY B 208 -18.12 -6.80 1.10
C GLY B 208 -18.57 -7.63 -0.09
N THR B 209 -19.77 -7.40 -0.60
CA THR B 209 -20.31 -8.18 -1.71
C THR B 209 -20.59 -7.34 -2.94
N GLY B 210 -21.25 -6.19 -2.79
CA GLY B 210 -21.57 -5.37 -3.95
C GLY B 210 -20.32 -4.80 -4.59
N ASP B 211 -20.21 -5.00 -5.90
CA ASP B 211 -19.07 -4.49 -6.64
C ASP B 211 -19.47 -4.31 -8.10
N LEU B 212 -18.68 -3.51 -8.81
CA LEU B 212 -18.97 -3.23 -10.22
C LEU B 212 -18.87 -4.48 -11.08
N ARG B 213 -18.05 -5.45 -10.67
CA ARG B 213 -17.78 -6.62 -11.49
C ARG B 213 -18.86 -7.68 -11.41
N ASP B 214 -19.79 -7.59 -10.46
CA ASP B 214 -20.82 -8.60 -10.28
C ASP B 214 -22.17 -8.09 -10.76
N ILE B 215 -22.88 -8.95 -11.50
CA ILE B 215 -24.25 -8.69 -11.95
C ILE B 215 -25.06 -9.96 -11.73
N GLY B 216 -26.38 -9.83 -11.90
CA GLY B 216 -27.28 -10.96 -11.71
C GLY B 216 -26.97 -12.13 -12.62
N ALA B 217 -26.90 -13.33 -12.05
CA ALA B 217 -26.57 -14.51 -12.82
C ALA B 217 -27.79 -15.02 -13.59
N GLY B 218 -27.52 -15.75 -14.67
CA GLY B 218 -28.60 -16.32 -15.46
C GLY B 218 -29.41 -15.24 -16.15
N LYS B 219 -30.73 -15.29 -15.96
CA LYS B 219 -31.63 -14.32 -16.57
C LYS B 219 -31.53 -12.94 -15.95
N GLY B 220 -30.83 -12.79 -14.83
CA GLY B 220 -30.70 -11.51 -14.18
C GLY B 220 -29.53 -10.68 -14.67
N LYS B 221 -28.98 -11.05 -15.82
CA LYS B 221 -27.85 -10.32 -16.38
C LYS B 221 -28.22 -8.88 -16.69
N TYR B 222 -27.35 -7.95 -16.31
CA TYR B 222 -27.54 -6.52 -16.52
C TYR B 222 -28.76 -5.99 -15.78
N TYR B 223 -29.08 -6.59 -14.63
CA TYR B 223 -30.17 -6.14 -13.77
C TYR B 223 -29.70 -5.59 -12.43
N ALA B 224 -28.90 -6.36 -11.70
CA ALA B 224 -28.41 -5.95 -10.39
C ALA B 224 -27.29 -4.93 -10.60
N VAL B 225 -27.67 -3.65 -10.58
CA VAL B 225 -26.72 -2.56 -10.79
C VAL B 225 -26.22 -2.10 -9.42
N ASN B 226 -24.92 -2.27 -9.18
CA ASN B 226 -24.30 -1.86 -7.93
C ASN B 226 -23.31 -0.74 -8.19
N PHE B 227 -23.32 0.27 -7.32
CA PHE B 227 -22.46 1.45 -7.46
C PHE B 227 -21.51 1.53 -6.29
N PRO B 228 -20.26 1.07 -6.43
CA PRO B 228 -19.29 1.23 -5.35
C PRO B 228 -18.97 2.71 -5.12
N MET B 229 -18.66 3.03 -3.87
CA MET B 229 -18.32 4.39 -3.48
C MET B 229 -17.18 4.36 -2.47
N ARG B 230 -16.57 5.52 -2.29
CA ARG B 230 -15.56 5.73 -1.25
C ARG B 230 -16.12 6.68 -0.19
N ASP B 231 -15.38 6.78 0.91
CA ASP B 231 -15.85 7.55 2.05
C ASP B 231 -15.87 9.05 1.74
N GLY B 232 -16.72 9.76 2.47
CA GLY B 232 -16.81 11.21 2.38
C GLY B 232 -17.31 11.76 1.05
N ILE B 233 -18.33 11.15 0.47
CA ILE B 233 -18.92 11.67 -0.76
C ILE B 233 -19.90 12.77 -0.41
N ASP B 234 -19.74 13.93 -1.05
CA ASP B 234 -20.56 15.09 -0.74
C ASP B 234 -21.92 14.99 -1.44
N ASP B 235 -22.81 15.93 -1.08
CA ASP B 235 -24.19 15.88 -1.56
C ASP B 235 -24.29 16.23 -3.03
N GLU B 236 -23.52 17.23 -3.49
CA GLU B 236 -23.62 17.66 -4.88
C GLU B 236 -23.23 16.56 -5.84
N SER B 237 -22.10 15.90 -5.59
CA SER B 237 -21.69 14.79 -6.43
C SER B 237 -22.67 13.63 -6.33
N TYR B 238 -23.20 13.39 -5.12
CA TYR B 238 -24.17 12.31 -4.95
C TYR B 238 -25.39 12.52 -5.81
N GLY B 239 -25.94 13.74 -5.81
CA GLY B 239 -27.09 14.03 -6.65
C GLY B 239 -26.76 13.98 -8.13
N GLN B 240 -25.63 14.59 -8.52
CA GLN B 240 -25.22 14.61 -9.92
C GLN B 240 -24.91 13.21 -10.45
N ILE B 241 -24.66 12.25 -9.56
CA ILE B 241 -24.50 10.86 -9.97
C ILE B 241 -25.84 10.14 -9.99
N PHE B 242 -26.65 10.34 -8.94
CA PHE B 242 -27.89 9.59 -8.79
C PHE B 242 -28.89 9.93 -9.89
N LYS B 243 -29.03 11.22 -10.24
CA LYS B 243 -30.07 11.60 -11.19
C LYS B 243 -29.89 10.97 -12.56
N PRO B 244 -28.72 11.04 -13.22
CA PRO B 244 -28.63 10.46 -14.57
C PRO B 244 -28.80 8.95 -14.59
N ILE B 245 -28.24 8.23 -13.59
CA ILE B 245 -28.33 6.78 -13.62
C ILE B 245 -29.77 6.33 -13.38
N ILE B 246 -30.48 6.98 -12.45
CA ILE B 246 -31.87 6.60 -12.21
C ILE B 246 -32.73 6.95 -13.42
N SER B 247 -32.45 8.08 -14.07
CA SER B 247 -33.20 8.43 -15.27
C SER B 247 -32.98 7.41 -16.37
N LYS B 248 -31.72 6.97 -16.57
CA LYS B 248 -31.43 5.97 -17.59
C LYS B 248 -32.09 4.64 -17.26
N VAL B 249 -32.07 4.25 -15.98
CA VAL B 249 -32.69 2.99 -15.58
C VAL B 249 -34.20 3.05 -15.83
N MET B 250 -34.84 4.17 -15.47
CA MET B 250 -36.27 4.30 -15.71
C MET B 250 -36.59 4.28 -17.20
N GLU B 251 -35.75 4.92 -18.01
CA GLU B 251 -35.99 4.95 -19.44
C GLU B 251 -35.77 3.59 -20.10
N MET B 252 -34.85 2.78 -19.58
CA MET B 252 -34.51 1.51 -20.19
C MET B 252 -35.23 0.32 -19.58
N TYR B 253 -35.76 0.45 -18.36
CA TYR B 253 -36.45 -0.65 -17.70
C TYR B 253 -37.94 -0.45 -17.56
N GLN B 254 -38.40 0.80 -17.44
CA GLN B 254 -39.81 1.13 -17.28
C GLN B 254 -40.47 0.32 -16.16
N PRO B 255 -40.03 0.50 -14.91
CA PRO B 255 -40.62 -0.27 -13.81
C PRO B 255 -42.07 0.14 -13.57
N SER B 256 -42.89 -0.84 -13.21
CA SER B 256 -44.28 -0.55 -12.86
C SER B 256 -44.37 0.18 -11.52
N ALA B 257 -43.55 -0.22 -10.56
CA ALA B 257 -43.52 0.43 -9.26
C ALA B 257 -42.08 0.44 -8.76
N VAL B 258 -41.78 1.40 -7.89
CA VAL B 258 -40.45 1.57 -7.33
C VAL B 258 -40.53 1.43 -5.82
N VAL B 259 -39.68 0.57 -5.26
CA VAL B 259 -39.60 0.38 -3.81
C VAL B 259 -38.35 1.12 -3.36
N LEU B 260 -38.53 2.35 -2.92
CA LEU B 260 -37.42 3.20 -2.50
C LEU B 260 -37.14 2.94 -1.02
N GLN B 261 -35.90 2.54 -0.73
CA GLN B 261 -35.44 2.35 0.64
C GLN B 261 -34.46 3.46 0.96
N CYS B 262 -34.74 4.21 2.02
CA CYS B 262 -33.95 5.37 2.40
C CYS B 262 -33.24 5.08 3.71
N GLY B 263 -32.05 4.47 3.61
CA GLY B 263 -31.24 4.24 4.78
C GLY B 263 -30.70 5.56 5.33
N ALA B 264 -30.61 5.64 6.66
CA ALA B 264 -30.15 6.85 7.32
C ALA B 264 -28.66 6.81 7.65
N ASP B 265 -27.95 5.77 7.23
CA ASP B 265 -26.51 5.70 7.47
C ASP B 265 -25.76 6.74 6.64
N SER B 266 -26.31 7.12 5.50
CA SER B 266 -25.61 8.02 4.58
C SER B 266 -25.42 9.42 5.14
N LEU B 267 -26.16 9.78 6.19
CA LEU B 267 -26.04 11.11 6.76
C LEU B 267 -24.70 11.30 7.45
N SER B 268 -24.28 12.56 7.55
CA SER B 268 -23.02 12.89 8.21
C SER B 268 -23.12 12.62 9.71
N GLY B 269 -21.99 12.26 10.30
CA GLY B 269 -21.94 11.98 11.72
C GLY B 269 -22.53 10.66 12.14
N ASP B 270 -22.81 9.76 11.20
CA ASP B 270 -23.39 8.47 11.54
C ASP B 270 -22.38 7.62 12.30
N ARG B 271 -22.89 6.83 13.26
CA ARG B 271 -22.01 5.99 14.06
C ARG B 271 -21.34 4.91 13.21
N LEU B 272 -22.08 4.32 12.28
CA LEU B 272 -21.55 3.26 11.43
C LEU B 272 -21.52 3.68 9.95
N GLY B 273 -21.29 4.95 9.69
CA GLY B 273 -21.29 5.46 8.33
C GLY B 273 -20.11 6.37 8.07
N CYS B 274 -19.48 6.20 6.91
CA CYS B 274 -18.34 6.99 6.51
C CYS B 274 -18.69 8.08 5.51
N PHE B 275 -19.95 8.21 5.13
CA PHE B 275 -20.34 9.24 4.18
C PHE B 275 -20.51 10.58 4.87
N ASN B 276 -20.53 11.65 4.06
CA ASN B 276 -20.72 13.01 4.54
C ASN B 276 -21.83 13.64 3.70
N LEU B 277 -23.06 13.60 4.21
CA LEU B 277 -24.21 14.10 3.47
C LEU B 277 -25.09 14.93 4.40
N THR B 278 -25.89 15.81 3.80
CA THR B 278 -26.86 16.61 4.50
C THR B 278 -28.27 16.07 4.27
N VAL B 279 -29.24 16.67 4.94
CA VAL B 279 -30.61 16.19 4.84
C VAL B 279 -31.15 16.39 3.43
N LYS B 280 -30.87 17.55 2.82
CA LYS B 280 -31.30 17.77 1.44
C LYS B 280 -30.54 16.89 0.47
N GLY B 281 -29.22 16.76 0.68
CA GLY B 281 -28.44 15.88 -0.18
C GLY B 281 -28.92 14.45 -0.12
N HIS B 282 -29.33 14.00 1.07
CA HIS B 282 -29.87 12.64 1.20
C HIS B 282 -31.25 12.54 0.56
N ALA B 283 -32.20 13.35 1.01
CA ALA B 283 -33.56 13.28 0.49
C ALA B 283 -33.78 14.25 -0.67
N LYS B 284 -32.85 14.28 -1.62
CA LYS B 284 -33.15 14.73 -2.96
C LYS B 284 -33.45 13.58 -3.90
N CYS B 285 -33.00 12.37 -3.57
CA CYS B 285 -33.34 11.19 -4.37
C CYS B 285 -34.83 10.93 -4.36
N VAL B 286 -35.49 11.12 -3.21
CA VAL B 286 -36.94 10.98 -3.15
C VAL B 286 -37.62 12.00 -4.03
N GLU B 287 -37.12 13.25 -4.02
CA GLU B 287 -37.69 14.28 -4.89
C GLU B 287 -37.53 13.92 -6.35
N VAL B 288 -36.36 13.39 -6.72
CA VAL B 288 -36.11 13.00 -8.11
C VAL B 288 -37.03 11.86 -8.52
N VAL B 289 -37.17 10.85 -7.66
CA VAL B 289 -37.96 9.67 -8.03
C VAL B 289 -39.46 9.96 -8.00
N LYS B 290 -39.89 10.95 -7.22
CA LYS B 290 -41.32 11.29 -7.19
C LYS B 290 -41.77 11.95 -8.49
N THR B 291 -40.85 12.42 -9.32
CA THR B 291 -41.20 13.09 -10.55
C THR B 291 -41.57 12.13 -11.67
N PHE B 292 -41.38 10.83 -11.49
CA PHE B 292 -41.68 9.86 -12.53
C PHE B 292 -43.15 9.46 -12.57
N ASN B 293 -43.94 9.87 -11.57
CA ASN B 293 -45.39 9.61 -11.53
C ASN B 293 -45.68 8.12 -11.60
N LEU B 294 -45.10 7.38 -10.65
CA LEU B 294 -45.30 5.95 -10.53
C LEU B 294 -45.60 5.59 -9.08
N PRO B 295 -46.30 4.49 -8.84
CA PRO B 295 -46.52 4.06 -7.45
C PRO B 295 -45.19 3.84 -6.74
N LEU B 296 -45.12 4.30 -5.49
CA LEU B 296 -43.86 4.35 -4.77
C LEU B 296 -44.05 3.85 -3.35
N LEU B 297 -43.04 3.14 -2.84
CA LEU B 297 -43.04 2.63 -1.48
C LEU B 297 -41.78 3.12 -0.77
N MET B 298 -41.95 3.76 0.37
CA MET B 298 -40.84 4.26 1.18
C MET B 298 -40.70 3.39 2.42
N LEU B 299 -39.48 2.94 2.69
CA LEU B 299 -39.18 2.08 3.82
C LEU B 299 -38.01 2.65 4.61
N GLY B 300 -37.91 2.25 5.87
CA GLY B 300 -36.81 2.64 6.72
C GLY B 300 -35.55 1.86 6.39
N GLY B 301 -34.76 1.59 7.41
CA GLY B 301 -33.56 0.80 7.20
C GLY B 301 -32.49 1.19 8.21
N GLY B 302 -31.24 1.08 7.78
CA GLY B 302 -30.10 1.33 8.64
C GLY B 302 -30.06 2.75 9.18
N GLY B 303 -30.24 2.88 10.49
CA GLY B 303 -30.12 4.16 11.16
C GLY B 303 -29.58 4.00 12.56
N TYR B 304 -28.48 4.70 12.87
CA TYR B 304 -27.84 4.55 14.17
C TYR B 304 -27.55 5.88 14.86
N THR B 305 -27.84 7.01 14.23
CA THR B 305 -27.76 8.32 14.86
C THR B 305 -29.19 8.83 14.95
N ILE B 306 -29.85 8.51 16.08
CA ILE B 306 -31.29 8.70 16.21
C ILE B 306 -31.67 10.15 15.97
N ARG B 307 -30.85 11.09 16.46
CA ARG B 307 -31.12 12.51 16.25
C ARG B 307 -31.16 12.84 14.77
N ASN B 308 -30.21 12.32 13.99
CA ASN B 308 -30.21 12.56 12.56
C ASN B 308 -31.25 11.70 11.83
N VAL B 309 -31.48 10.47 12.31
CA VAL B 309 -32.43 9.58 11.65
C VAL B 309 -33.83 10.18 11.69
N ALA B 310 -34.23 10.69 12.86
CA ALA B 310 -35.56 11.28 12.99
C ALA B 310 -35.74 12.46 12.06
N ARG B 311 -34.74 13.35 12.01
CA ARG B 311 -34.83 14.53 11.15
C ARG B 311 -34.90 14.13 9.69
N CYS B 312 -34.05 13.19 9.26
CA CYS B 312 -34.05 12.76 7.87
C CYS B 312 -35.39 12.12 7.49
N TRP B 313 -35.92 11.25 8.34
CA TRP B 313 -37.18 10.60 8.03
C TRP B 313 -38.34 11.60 8.00
N THR B 314 -38.35 12.56 8.92
CA THR B 314 -39.40 13.58 8.91
C THR B 314 -39.32 14.42 7.65
N TYR B 315 -38.11 14.82 7.23
CA TYR B 315 -37.98 15.60 6.01
C TYR B 315 -38.42 14.78 4.80
N GLU B 316 -38.07 13.49 4.77
CA GLU B 316 -38.49 12.63 3.67
C GLU B 316 -40.00 12.51 3.61
N THR B 317 -40.65 12.33 4.76
CA THR B 317 -42.10 12.24 4.78
C THR B 317 -42.74 13.56 4.34
N ALA B 318 -42.17 14.69 4.78
CA ALA B 318 -42.70 15.98 4.39
C ALA B 318 -42.59 16.20 2.89
N VAL B 319 -41.44 15.85 2.30
CA VAL B 319 -41.30 16.03 0.86
C VAL B 319 -42.16 15.02 0.09
N ALA B 320 -42.45 13.87 0.69
CA ALA B 320 -43.42 12.96 0.11
C ALA B 320 -44.81 13.59 0.10
N LEU B 321 -45.16 14.30 1.17
CA LEU B 321 -46.42 15.03 1.24
C LEU B 321 -46.45 16.24 0.33
N ASP B 322 -45.31 16.61 -0.27
CA ASP B 322 -45.19 17.79 -1.12
C ASP B 322 -45.52 19.07 -0.36
N CYS B 323 -45.20 19.09 0.93
CA CYS B 323 -45.38 20.24 1.80
C CYS B 323 -44.02 20.75 2.26
N GLU B 324 -44.05 21.85 3.02
CA GLU B 324 -42.84 22.48 3.53
C GLU B 324 -42.97 22.66 5.03
N ILE B 325 -41.85 22.52 5.74
CA ILE B 325 -41.83 22.66 7.20
C ILE B 325 -40.69 23.59 7.59
N PRO B 326 -40.82 24.37 8.64
CA PRO B 326 -39.72 25.24 9.08
C PRO B 326 -38.57 24.44 9.66
N ASN B 327 -37.38 25.04 9.59
CA ASN B 327 -36.19 24.39 10.15
C ASN B 327 -36.29 24.27 11.67
N GLU B 328 -37.01 25.18 12.32
CA GLU B 328 -37.16 25.14 13.77
C GLU B 328 -37.97 23.90 14.16
N LEU B 329 -37.33 22.97 14.84
CA LEU B 329 -38.01 21.74 15.25
C LEU B 329 -39.08 22.05 16.28
N PRO B 330 -40.25 21.43 16.17
CA PRO B 330 -41.31 21.66 17.15
C PRO B 330 -40.97 21.09 18.51
N TYR B 331 -41.60 21.65 19.54
CA TYR B 331 -41.37 21.23 20.93
C TYR B 331 -42.03 19.87 21.14
N ASN B 332 -41.30 18.83 20.78
CA ASN B 332 -41.78 17.46 20.91
C ASN B 332 -41.33 16.87 22.25
N ASP B 333 -41.77 15.63 22.51
CA ASP B 333 -41.36 14.95 23.73
C ASP B 333 -39.87 14.65 23.74
N TYR B 334 -39.27 14.44 22.57
CA TYR B 334 -37.86 14.15 22.45
C TYR B 334 -37.04 15.38 22.07
N PHE B 335 -37.54 16.57 22.39
CA PHE B 335 -36.83 17.81 22.10
C PHE B 335 -35.63 18.03 23.03
N GLU B 336 -35.48 17.21 24.07
CA GLU B 336 -34.42 17.44 25.05
C GLU B 336 -33.04 17.18 24.45
N TYR B 337 -32.78 15.96 23.98
CA TYR B 337 -31.45 15.58 23.53
C TYR B 337 -31.15 16.00 22.10
N PHE B 338 -31.99 16.84 21.49
CA PHE B 338 -31.65 17.41 20.20
C PHE B 338 -30.50 18.40 20.33
N GLY B 339 -29.90 18.73 19.19
CA GLY B 339 -28.74 19.58 19.16
C GLY B 339 -29.01 20.97 19.71
N PRO B 340 -27.94 21.67 20.12
CA PRO B 340 -28.12 23.02 20.68
C PRO B 340 -28.74 24.00 19.71
N ASP B 341 -28.59 23.78 18.40
CA ASP B 341 -29.27 24.63 17.43
C ASP B 341 -30.76 24.31 17.37
N PHE B 342 -31.15 23.08 17.69
CA PHE B 342 -32.54 22.63 17.68
C PHE B 342 -33.20 22.84 16.32
N LYS B 343 -32.42 22.69 15.25
CA LYS B 343 -32.91 22.90 13.89
C LYS B 343 -33.00 21.56 13.16
N LEU B 344 -33.84 21.56 12.12
CA LEU B 344 -34.06 20.34 11.34
C LEU B 344 -32.83 20.00 10.50
N HIS B 345 -32.42 20.93 9.65
CA HIS B 345 -31.31 20.68 8.73
C HIS B 345 -29.98 20.70 9.48
N ILE B 346 -29.01 19.97 8.95
CA ILE B 346 -27.70 19.81 9.56
C ILE B 346 -26.63 20.19 8.55
N SER B 347 -25.61 20.90 9.00
CA SER B 347 -24.51 21.29 8.13
C SER B 347 -23.49 20.17 8.05
N PRO B 348 -23.13 19.71 6.86
CA PRO B 348 -22.15 18.62 6.74
C PRO B 348 -20.80 19.02 7.33
N SER B 349 -20.14 18.05 7.95
CA SER B 349 -18.80 18.26 8.47
C SER B 349 -17.78 18.19 7.35
N ASN B 350 -16.79 19.08 7.39
CA ASN B 350 -15.79 19.16 6.34
C ASN B 350 -14.91 17.92 6.38
N MET B 351 -15.10 17.02 5.41
CA MET B 351 -14.34 15.79 5.31
C MET B 351 -13.81 15.65 3.90
N THR B 352 -12.60 15.11 3.78
CA THR B 352 -11.99 14.93 2.47
C THR B 352 -12.80 13.96 1.63
N ASN B 353 -12.99 14.30 0.35
CA ASN B 353 -13.76 13.49 -0.58
C ASN B 353 -12.80 12.71 -1.47
N GLN B 354 -12.70 11.40 -1.24
CA GLN B 354 -11.86 10.56 -2.07
C GLN B 354 -12.52 10.18 -3.39
N ASN B 355 -13.79 10.53 -3.58
CA ASN B 355 -14.50 10.24 -4.83
C ASN B 355 -14.09 11.28 -5.86
N THR B 356 -12.98 11.01 -6.54
CA THR B 356 -12.50 11.92 -7.57
C THR B 356 -13.46 11.94 -8.76
N PRO B 357 -13.59 13.08 -9.43
CA PRO B 357 -14.53 13.16 -10.56
C PRO B 357 -14.25 12.15 -11.66
N GLU B 358 -12.98 11.84 -11.93
CA GLU B 358 -12.65 10.85 -12.94
C GLU B 358 -13.18 9.48 -12.55
N TYR B 359 -13.04 9.11 -11.28
CA TYR B 359 -13.52 7.81 -10.81
C TYR B 359 -15.04 7.69 -10.97
N MET B 360 -15.77 8.73 -10.55
CA MET B 360 -17.21 8.71 -10.68
C MET B 360 -17.64 8.69 -12.14
N GLU B 361 -16.94 9.46 -12.98
CA GLU B 361 -17.25 9.47 -14.41
C GLU B 361 -17.04 8.10 -15.04
N LYS B 362 -15.93 7.43 -14.68
CA LYS B 362 -15.67 6.11 -15.21
C LYS B 362 -16.73 5.10 -14.76
N ILE B 363 -17.13 5.16 -13.49
CA ILE B 363 -18.16 4.25 -13.00
C ILE B 363 -19.49 4.53 -13.70
N LYS B 364 -19.82 5.80 -13.88
CA LYS B 364 -21.05 6.16 -14.56
C LYS B 364 -21.06 5.68 -16.01
N GLN B 365 -19.93 5.83 -16.70
CA GLN B 365 -19.83 5.35 -18.08
C GLN B 365 -19.98 3.83 -18.14
N ARG B 366 -19.34 3.12 -17.20
CA ARG B 366 -19.46 1.67 -17.17
C ARG B 366 -20.90 1.24 -16.93
N LEU B 367 -21.58 1.91 -16.00
CA LEU B 367 -22.98 1.54 -15.72
C LEU B 367 -23.89 1.89 -16.89
N PHE B 368 -23.62 3.00 -17.58
CA PHE B 368 -24.40 3.33 -18.78
C PHE B 368 -24.18 2.28 -19.87
N GLU B 369 -22.94 1.81 -20.03
CA GLU B 369 -22.69 0.74 -20.99
C GLU B 369 -23.43 -0.54 -20.60
N ASN B 370 -23.44 -0.87 -19.31
CA ASN B 370 -24.16 -2.05 -18.85
C ASN B 370 -25.66 -1.91 -19.11
N LEU B 371 -26.22 -0.73 -18.84
CA LEU B 371 -27.64 -0.52 -19.06
C LEU B 371 -27.99 -0.51 -20.54
N ARG B 372 -27.05 -0.12 -21.40
CA ARG B 372 -27.31 -0.13 -22.83
C ARG B 372 -27.50 -1.55 -23.35
N MET B 373 -26.92 -2.54 -22.68
CA MET B 373 -27.09 -3.93 -23.07
C MET B 373 -28.38 -4.54 -22.55
N LEU B 374 -29.13 -3.83 -21.72
CA LEU B 374 -30.39 -4.34 -21.22
C LEU B 374 -31.39 -4.50 -22.36
N PRO B 375 -32.04 -5.65 -22.50
CA PRO B 375 -33.02 -5.82 -23.59
C PRO B 375 -34.15 -4.81 -23.48
N HIS B 376 -34.61 -4.35 -24.64
CA HIS B 376 -35.70 -3.38 -24.70
C HIS B 376 -36.56 -3.60 -25.94
N MET C 11 23.63 -10.44 18.10
CA MET C 11 25.05 -10.19 18.24
C MET C 11 25.46 -10.09 19.71
N ASP C 12 26.64 -9.51 19.95
CA ASP C 12 27.15 -9.33 21.30
C ASP C 12 27.72 -7.93 21.47
N GLU C 13 27.00 -6.93 20.97
CA GLU C 13 27.44 -5.53 21.03
C GLU C 13 26.27 -4.68 21.51
N ASN C 14 26.37 -4.16 22.72
CA ASN C 14 25.34 -3.27 23.25
C ASN C 14 25.51 -1.89 22.65
N TYR C 15 24.43 -1.37 22.06
CA TYR C 15 24.47 -0.04 21.46
C TYR C 15 24.71 1.05 22.49
N PHE C 16 24.41 0.78 23.76
CA PHE C 16 24.65 1.74 24.83
C PHE C 16 26.01 1.59 25.48
N VAL C 17 26.79 0.57 25.11
CA VAL C 17 28.09 0.34 25.73
C VAL C 17 29.18 0.29 24.66
N ASN C 18 29.03 -0.60 23.70
CA ASN C 18 30.08 -0.82 22.70
C ASN C 18 29.47 -1.43 21.45
N TYR C 19 29.67 -0.78 20.31
CA TYR C 19 29.21 -1.32 19.03
C TYR C 19 30.07 -0.71 17.92
N THR C 20 30.06 -1.38 16.77
CA THR C 20 30.82 -0.94 15.62
C THR C 20 29.91 -0.22 14.63
N PHE C 21 30.39 0.91 14.10
CA PHE C 21 29.64 1.73 13.17
C PHE C 21 30.20 1.54 11.76
N LYS C 22 29.31 1.22 10.81
CA LYS C 22 29.69 1.04 9.42
C LYS C 22 29.09 2.20 8.62
N ASP C 23 29.94 2.95 7.93
CA ASP C 23 29.50 4.09 7.13
C ASP C 23 29.30 3.63 5.69
N ARG C 24 28.03 3.53 5.27
CA ARG C 24 27.72 3.10 3.92
C ARG C 24 28.09 4.14 2.87
N SER C 25 28.38 5.38 3.27
CA SER C 25 28.74 6.44 2.34
C SER C 25 30.24 6.61 2.20
N HIS C 26 31.05 5.75 2.83
CA HIS C 26 32.50 5.87 2.74
C HIS C 26 32.99 5.69 1.31
N SER C 27 32.44 4.69 0.60
CA SER C 27 32.84 4.47 -0.78
C SER C 27 32.49 5.67 -1.65
N GLY C 28 31.28 6.20 -1.50
CA GLY C 28 30.91 7.39 -2.24
C GLY C 28 31.77 8.59 -1.91
N ARG C 29 32.07 8.76 -0.62
CA ARG C 29 32.91 9.88 -0.19
C ARG C 29 34.29 9.79 -0.83
N VAL C 30 34.93 8.62 -0.78
CA VAL C 30 36.28 8.51 -1.32
C VAL C 30 36.27 8.62 -2.84
N ALA C 31 35.25 8.06 -3.49
CA ALA C 31 35.15 8.19 -4.95
C ALA C 31 34.98 9.64 -5.36
N GLN C 32 34.12 10.38 -4.68
CA GLN C 32 33.92 11.79 -5.01
C GLN C 32 35.18 12.59 -4.72
N GLY C 33 35.87 12.29 -3.63
CA GLY C 33 37.12 12.99 -3.34
C GLY C 33 38.18 12.75 -4.39
N ILE C 34 38.32 11.50 -4.83
CA ILE C 34 39.27 11.20 -5.89
C ILE C 34 38.89 11.92 -7.19
N MET C 35 37.60 11.92 -7.51
CA MET C 35 37.15 12.55 -8.75
C MET C 35 37.37 14.06 -8.72
N LYS C 36 37.17 14.69 -7.56
CA LYS C 36 37.22 16.15 -7.48
C LYS C 36 38.63 16.68 -7.25
N LEU C 37 39.45 15.99 -6.47
CA LEU C 37 40.75 16.52 -6.04
C LEU C 37 41.89 16.10 -6.96
N CYS C 38 41.60 15.45 -8.09
CA CYS C 38 42.65 15.01 -9.00
C CYS C 38 42.57 15.68 -10.36
N LEU C 39 41.38 15.74 -10.97
CA LEU C 39 41.23 16.27 -12.32
C LEU C 39 40.84 17.74 -12.34
N GLU C 40 39.88 18.14 -11.50
CA GLU C 40 39.52 19.55 -11.44
C GLU C 40 40.69 20.40 -10.95
N GLU C 41 41.41 19.92 -9.95
CA GLU C 41 42.62 20.57 -9.47
C GLU C 41 43.68 19.50 -9.25
N GLU C 42 44.83 19.66 -9.90
CA GLU C 42 45.89 18.66 -9.89
C GLU C 42 46.75 18.88 -8.66
N LEU C 43 46.73 17.91 -7.74
CA LEU C 43 47.56 17.96 -6.54
C LEU C 43 48.07 16.55 -6.22
N PHE C 44 49.22 16.51 -5.56
CA PHE C 44 49.82 15.25 -5.08
C PHE C 44 49.99 14.25 -6.22
N ALA C 45 50.41 14.73 -7.40
CA ALA C 45 50.59 13.85 -8.54
C ALA C 45 51.72 12.86 -8.31
N ASP C 46 52.88 13.36 -7.88
CA ASP C 46 54.05 12.56 -7.49
C ASP C 46 54.48 11.56 -8.56
N VAL C 47 54.00 11.72 -9.79
CA VAL C 47 54.38 10.84 -10.90
C VAL C 47 53.99 11.52 -12.20
N THR C 48 54.79 11.29 -13.24
CA THR C 48 54.53 11.84 -14.57
C THR C 48 54.57 10.71 -15.58
N ILE C 49 53.62 10.72 -16.51
CA ILE C 49 53.53 9.71 -17.56
C ILE C 49 53.63 10.39 -18.91
N SER C 50 54.54 9.93 -19.75
CA SER C 50 54.74 10.48 -21.09
C SER C 50 54.21 9.49 -22.12
N VAL C 51 53.28 9.95 -22.94
CA VAL C 51 52.69 9.15 -24.01
C VAL C 51 52.71 10.00 -25.27
N GLU C 52 53.57 9.63 -26.22
CA GLU C 52 53.69 10.32 -27.51
C GLU C 52 53.93 11.82 -27.31
N GLY C 53 54.74 12.16 -26.31
CA GLY C 53 55.03 13.53 -25.98
C GLY C 53 54.08 14.15 -24.97
N ARG C 54 52.82 13.71 -24.95
CA ARG C 54 51.86 14.24 -23.99
C ARG C 54 52.24 13.84 -22.58
N GLU C 55 52.12 14.80 -21.65
CA GLU C 55 52.50 14.58 -20.27
C GLU C 55 51.24 14.55 -19.40
N PHE C 56 51.14 13.54 -18.54
CA PHE C 56 50.01 13.36 -17.65
C PHE C 56 50.51 13.31 -16.21
N GLN C 57 49.86 14.10 -15.34
CA GLN C 57 50.19 14.13 -13.92
C GLN C 57 49.20 13.24 -13.19
N LEU C 58 49.44 11.93 -13.26
CA LEU C 58 48.55 10.94 -12.68
C LEU C 58 48.90 10.73 -11.21
N HIS C 59 48.28 9.74 -10.58
CA HIS C 59 48.55 9.37 -9.20
C HIS C 59 48.81 7.87 -9.14
N ARG C 60 49.91 7.50 -8.48
CA ARG C 60 50.27 6.08 -8.40
C ARG C 60 49.23 5.29 -7.61
N LEU C 61 48.72 5.88 -6.51
CA LEU C 61 47.74 5.17 -5.68
C LEU C 61 46.47 4.89 -6.45
N VAL C 62 45.96 5.88 -7.18
CA VAL C 62 44.72 5.69 -7.95
C VAL C 62 44.96 4.73 -9.11
N LEU C 63 46.09 4.88 -9.80
CA LEU C 63 46.38 4.02 -10.94
C LEU C 63 46.54 2.56 -10.51
N SER C 64 47.18 2.33 -9.37
CA SER C 64 47.40 0.98 -8.87
C SER C 64 46.27 0.46 -8.02
N ALA C 65 45.19 1.23 -7.87
CA ALA C 65 44.08 0.80 -7.02
C ALA C 65 43.24 -0.28 -7.71
N GLN C 66 42.64 0.06 -8.86
CA GLN C 66 41.81 -0.88 -9.60
C GLN C 66 42.54 -1.55 -10.75
N SER C 67 43.85 -1.33 -10.87
CA SER C 67 44.64 -1.98 -11.91
C SER C 67 45.94 -2.49 -11.29
N CYS C 68 46.16 -3.79 -11.38
CA CYS C 68 47.38 -4.39 -10.85
C CYS C 68 48.56 -4.29 -11.79
N PHE C 69 48.33 -3.86 -13.04
CA PHE C 69 49.43 -3.69 -13.98
C PHE C 69 50.40 -2.61 -13.49
N PHE C 70 49.87 -1.46 -13.10
CA PHE C 70 50.72 -0.41 -12.54
C PHE C 70 51.30 -0.83 -11.20
N ARG C 71 50.51 -1.52 -10.37
CA ARG C 71 50.99 -1.97 -9.07
C ARG C 71 52.14 -2.96 -9.23
N SER C 72 52.06 -3.81 -10.26
CA SER C 72 53.13 -4.80 -10.47
C SER C 72 54.45 -4.13 -10.83
N MET C 73 54.40 -2.99 -11.50
CA MET C 73 55.63 -2.30 -11.93
C MET C 73 56.02 -1.14 -11.02
N PHE C 74 55.06 -0.48 -10.38
CA PHE C 74 55.41 0.58 -9.43
C PHE C 74 56.21 0.02 -8.25
N THR C 75 55.78 -1.12 -7.70
CA THR C 75 56.51 -1.73 -6.61
C THR C 75 57.88 -2.23 -7.07
N SER C 76 57.93 -2.86 -8.25
CA SER C 76 59.18 -3.39 -8.79
C SER C 76 59.85 -2.32 -9.66
N ASN C 77 60.26 -1.24 -9.00
CA ASN C 77 60.92 -0.11 -9.65
C ASN C 77 60.10 0.45 -10.80
N ASN C 83 61.90 7.64 -9.00
CA ASN C 83 60.67 8.20 -9.54
C ASN C 83 60.95 9.26 -10.60
N ARG C 84 60.60 8.97 -11.85
CA ARG C 84 60.85 9.85 -12.96
C ARG C 84 59.75 9.66 -14.00
N VAL C 85 59.99 10.18 -15.20
CA VAL C 85 59.01 10.08 -16.28
C VAL C 85 59.04 8.68 -16.87
N ILE C 86 57.86 8.14 -17.16
CA ILE C 86 57.71 6.79 -17.71
C ILE C 86 57.03 6.91 -19.07
N VAL C 87 57.60 6.26 -20.08
CA VAL C 87 57.09 6.30 -21.44
C VAL C 87 56.59 4.90 -21.80
N LEU C 88 55.37 4.84 -22.34
CA LEU C 88 54.78 3.57 -22.75
C LEU C 88 55.27 3.20 -24.14
N GLN C 89 54.69 2.16 -24.73
CA GLN C 89 55.14 1.65 -26.02
C GLN C 89 54.13 1.90 -27.14
N ASP C 90 52.90 1.41 -27.00
CA ASP C 90 51.88 1.55 -28.04
C ASP C 90 50.57 1.98 -27.38
N VAL C 91 50.41 3.29 -27.18
CA VAL C 91 49.17 3.86 -26.66
C VAL C 91 48.94 5.20 -27.35
N SER C 92 47.75 5.39 -27.88
CA SER C 92 47.41 6.66 -28.49
C SER C 92 47.16 7.73 -27.43
N GLU C 93 47.34 8.99 -27.81
CA GLU C 93 47.17 10.08 -26.86
C GLU C 93 45.71 10.20 -26.41
N SER C 94 44.77 10.21 -27.37
CA SER C 94 43.37 10.28 -27.01
C SER C 94 42.91 9.03 -26.27
N VAL C 95 43.41 7.87 -26.68
CA VAL C 95 43.07 6.62 -26.00
C VAL C 95 43.55 6.67 -24.56
N PHE C 96 44.79 7.12 -24.34
CA PHE C 96 45.30 7.22 -22.98
C PHE C 96 44.52 8.25 -22.16
N GLN C 97 44.12 9.36 -22.79
CA GLN C 97 43.33 10.36 -22.08
C GLN C 97 41.99 9.79 -21.62
N LEU C 98 41.30 9.08 -22.51
CA LEU C 98 40.02 8.50 -22.13
C LEU C 98 40.19 7.37 -21.12
N LEU C 99 41.30 6.62 -21.19
CA LEU C 99 41.58 5.62 -20.17
C LEU C 99 41.79 6.26 -18.82
N VAL C 100 42.52 7.38 -18.77
CA VAL C 100 42.71 8.10 -17.52
C VAL C 100 41.38 8.61 -16.99
N ASP C 101 40.54 9.14 -17.87
CA ASP C 101 39.22 9.62 -17.44
C ASP C 101 38.39 8.48 -16.86
N TYR C 102 38.41 7.31 -17.52
CA TYR C 102 37.68 6.16 -17.00
C TYR C 102 38.23 5.71 -15.65
N ILE C 103 39.56 5.72 -15.49
CA ILE C 103 40.15 5.29 -14.23
C ILE C 103 39.79 6.26 -13.11
N TYR C 104 39.78 7.56 -13.39
CA TYR C 104 39.50 8.56 -12.35
C TYR C 104 38.01 8.87 -12.23
N HIS C 105 37.40 9.36 -13.31
CA HIS C 105 35.99 9.73 -13.25
C HIS C 105 35.09 8.50 -13.08
N GLY C 106 35.41 7.41 -13.78
CA GLY C 106 34.57 6.24 -13.79
C GLY C 106 33.53 6.22 -14.89
N THR C 107 33.37 7.32 -15.64
CA THR C 107 32.45 7.39 -16.77
C THR C 107 33.24 7.83 -18.00
N VAL C 108 33.21 7.01 -19.04
CA VAL C 108 33.92 7.32 -20.28
C VAL C 108 32.95 7.16 -21.44
N LYS C 109 33.21 7.91 -22.52
CA LYS C 109 32.39 7.88 -23.72
C LYS C 109 33.09 7.03 -24.76
N LEU C 110 32.59 5.80 -24.95
CA LEU C 110 33.17 4.89 -25.93
C LEU C 110 32.71 5.26 -27.33
N ARG C 111 33.61 5.14 -28.30
CA ARG C 111 33.33 5.48 -29.69
C ARG C 111 33.83 4.36 -30.59
N ALA C 112 33.09 4.12 -31.68
CA ALA C 112 33.44 3.03 -32.59
C ALA C 112 34.72 3.31 -33.38
N GLU C 113 35.20 4.56 -33.39
CA GLU C 113 36.43 4.88 -34.10
C GLU C 113 37.63 4.20 -33.44
N GLU C 114 37.89 4.54 -32.18
CA GLU C 114 38.94 3.88 -31.40
C GLU C 114 38.29 2.82 -30.52
N LEU C 115 38.00 1.68 -31.12
CA LEU C 115 37.35 0.57 -30.43
C LEU C 115 38.23 -0.66 -30.29
N GLN C 116 38.96 -1.04 -31.33
CA GLN C 116 39.86 -2.18 -31.21
C GLN C 116 41.10 -1.83 -30.40
N GLU C 117 41.63 -0.62 -30.59
CA GLU C 117 42.83 -0.22 -29.86
C GLU C 117 42.57 -0.16 -28.37
N ILE C 118 41.45 0.43 -27.96
CA ILE C 118 41.13 0.50 -26.53
C ILE C 118 40.89 -0.90 -25.98
N TYR C 119 40.29 -1.78 -26.77
CA TYR C 119 40.09 -3.16 -26.33
C TYR C 119 41.42 -3.85 -26.08
N GLU C 120 42.36 -3.72 -27.01
CA GLU C 120 43.68 -4.33 -26.83
C GLU C 120 44.40 -3.75 -25.62
N VAL C 121 44.34 -2.43 -25.45
CA VAL C 121 45.03 -1.81 -24.32
C VAL C 121 44.41 -2.27 -23.00
N SER C 122 43.08 -2.29 -22.93
CA SER C 122 42.41 -2.74 -21.71
C SER C 122 42.69 -4.21 -21.43
N ASP C 123 42.87 -5.03 -22.47
CA ASP C 123 43.30 -6.40 -22.25
C ASP C 123 44.71 -6.45 -21.67
N MET C 124 45.62 -5.65 -22.23
CA MET C 124 46.98 -5.59 -21.69
C MET C 124 46.98 -5.01 -20.28
N TYR C 125 46.19 -3.97 -20.05
CA TYR C 125 46.06 -3.37 -18.73
C TYR C 125 45.17 -4.23 -17.85
N GLN C 126 45.15 -3.90 -16.56
CA GLN C 126 44.33 -4.62 -15.58
C GLN C 126 43.03 -3.85 -15.32
N LEU C 127 42.15 -3.87 -16.31
CA LEU C 127 40.84 -3.22 -16.23
C LEU C 127 39.81 -4.21 -16.76
N THR C 128 39.27 -5.05 -15.86
CA THR C 128 38.34 -6.10 -16.28
C THR C 128 36.99 -5.51 -16.69
N SER C 129 36.52 -4.49 -15.99
CA SER C 129 35.22 -3.90 -16.32
C SER C 129 35.24 -3.26 -17.70
N LEU C 130 36.25 -2.45 -17.97
CA LEU C 130 36.37 -1.83 -19.29
C LEU C 130 36.61 -2.90 -20.36
N PHE C 131 37.37 -3.94 -20.02
CA PHE C 131 37.62 -5.01 -20.99
C PHE C 131 36.33 -5.71 -21.39
N GLU C 132 35.48 -6.04 -20.40
CA GLU C 132 34.23 -6.71 -20.73
C GLU C 132 33.25 -5.76 -21.42
N GLU C 133 33.28 -4.47 -21.07
CA GLU C 133 32.44 -3.51 -21.78
C GLU C 133 32.84 -3.41 -23.25
N CYS C 134 34.14 -3.34 -23.52
CA CYS C 134 34.60 -3.32 -24.91
C CYS C 134 34.31 -4.64 -25.61
N SER C 135 34.36 -5.75 -24.88
CA SER C 135 34.01 -7.03 -25.47
C SER C 135 32.55 -7.05 -25.91
N ARG C 136 31.65 -6.56 -25.06
CA ARG C 136 30.25 -6.47 -25.43
C ARG C 136 30.04 -5.50 -26.58
N PHE C 137 30.77 -4.38 -26.59
CA PHE C 137 30.68 -3.43 -27.69
C PHE C 137 31.07 -4.08 -29.00
N LEU C 138 32.17 -4.83 -29.01
CA LEU C 138 32.60 -5.54 -30.22
C LEU C 138 31.59 -6.61 -30.61
N ALA C 139 31.01 -7.29 -29.63
CA ALA C 139 30.04 -8.34 -29.92
C ALA C 139 28.79 -7.77 -30.58
N ARG C 140 28.33 -6.60 -30.13
CA ARG C 140 27.12 -6.03 -30.70
C ARG C 140 27.36 -5.30 -32.03
N THR C 141 28.62 -5.01 -32.38
CA THR C 141 28.93 -4.30 -33.61
C THR C 141 29.59 -5.19 -34.66
N VAL C 142 29.69 -6.50 -34.40
CA VAL C 142 30.36 -7.39 -35.34
C VAL C 142 29.58 -7.45 -36.64
N GLN C 143 30.31 -7.42 -37.76
CA GLN C 143 29.73 -7.48 -39.09
C GLN C 143 30.42 -8.58 -39.88
N VAL C 144 29.73 -9.05 -40.92
CA VAL C 144 30.25 -10.15 -41.73
C VAL C 144 31.55 -9.75 -42.43
N GLY C 145 31.67 -8.48 -42.83
CA GLY C 145 32.88 -8.04 -43.51
C GLY C 145 34.12 -8.13 -42.64
N ASN C 146 33.99 -7.76 -41.37
CA ASN C 146 35.10 -7.78 -40.43
C ASN C 146 34.97 -8.87 -39.38
N CYS C 147 34.17 -9.91 -39.65
CA CYS C 147 33.97 -10.97 -38.68
C CYS C 147 35.27 -11.71 -38.40
N LEU C 148 36.08 -11.98 -39.44
CA LEU C 148 37.31 -12.73 -39.24
C LEU C 148 38.32 -11.94 -38.43
N GLN C 149 38.37 -10.62 -38.63
CA GLN C 149 39.28 -9.79 -37.83
C GLN C 149 38.91 -9.85 -36.35
N VAL C 150 37.61 -9.77 -36.05
CA VAL C 150 37.17 -9.85 -34.65
C VAL C 150 37.44 -11.24 -34.09
N MET C 151 37.27 -12.28 -34.92
CA MET C 151 37.58 -13.64 -34.48
C MET C 151 39.05 -13.78 -34.12
N TRP C 152 39.93 -13.25 -34.96
CA TRP C 152 41.36 -13.31 -34.68
C TRP C 152 41.71 -12.50 -33.44
N LEU C 153 41.09 -11.33 -33.28
CA LEU C 153 41.34 -10.51 -32.10
C LEU C 153 40.92 -11.22 -30.82
N ALA C 154 39.77 -11.89 -30.85
CA ALA C 154 39.32 -12.64 -29.68
C ALA C 154 40.20 -13.85 -29.41
N ASP C 155 40.67 -14.52 -30.48
CA ASP C 155 41.54 -15.68 -30.31
C ASP C 155 42.88 -15.28 -29.70
N ARG C 156 43.42 -14.14 -30.13
CA ARG C 156 44.71 -13.70 -29.60
C ARG C 156 44.61 -13.41 -28.10
N HIS C 157 43.53 -12.81 -27.65
CA HIS C 157 43.32 -12.47 -26.26
C HIS C 157 42.52 -13.57 -25.57
N SER C 158 42.12 -13.32 -24.33
CA SER C 158 41.31 -14.25 -23.55
C SER C 158 39.91 -13.67 -23.44
N ASP C 159 39.01 -14.11 -24.33
CA ASP C 159 37.65 -13.58 -24.40
C ASP C 159 36.74 -14.62 -25.02
N PRO C 160 36.25 -15.57 -24.21
CA PRO C 160 35.35 -16.59 -24.76
C PRO C 160 34.07 -16.04 -25.36
N GLU C 161 33.51 -14.97 -24.76
CA GLU C 161 32.25 -14.43 -25.25
C GLU C 161 32.39 -13.84 -26.64
N LEU C 162 33.43 -13.04 -26.86
CA LEU C 162 33.66 -12.47 -28.19
C LEU C 162 33.99 -13.56 -29.19
N TYR C 163 34.71 -14.60 -28.76
CA TYR C 163 35.01 -15.72 -29.64
C TYR C 163 33.74 -16.41 -30.09
N THR C 164 32.82 -16.66 -29.15
CA THR C 164 31.54 -17.30 -29.50
C THR C 164 30.70 -16.41 -30.40
N ALA C 165 30.69 -15.10 -30.14
CA ALA C 165 29.94 -14.18 -30.99
C ALA C 165 30.49 -14.18 -32.41
N ALA C 166 31.82 -14.14 -32.55
CA ALA C 166 32.43 -14.18 -33.88
C ALA C 166 32.15 -15.51 -34.57
N LYS C 167 32.18 -16.62 -33.83
CA LYS C 167 31.86 -17.91 -34.42
C LYS C 167 30.43 -17.96 -34.92
N HIS C 168 29.49 -17.42 -34.13
CA HIS C 168 28.10 -17.37 -34.56
C HIS C 168 27.93 -16.49 -35.80
N CYS C 169 28.62 -15.34 -35.82
CA CYS C 169 28.51 -14.45 -36.98
C CYS C 169 29.08 -15.11 -38.24
N ALA C 170 30.20 -15.81 -38.11
CA ALA C 170 30.81 -16.44 -39.28
C ALA C 170 30.00 -17.65 -39.75
N LYS C 171 29.43 -18.42 -38.82
CA LYS C 171 28.70 -19.63 -39.19
C LYS C 171 27.46 -19.29 -40.00
N THR C 172 26.72 -18.26 -39.59
CA THR C 172 25.49 -17.91 -40.28
C THR C 172 25.74 -17.19 -41.60
N HIS C 173 26.97 -16.78 -41.89
CA HIS C 173 27.31 -16.10 -43.13
C HIS C 173 28.53 -16.72 -43.79
N LEU C 174 28.69 -18.04 -43.65
CA LEU C 174 29.83 -18.72 -44.26
C LEU C 174 29.75 -18.79 -45.77
N ALA C 175 28.56 -18.53 -46.35
CA ALA C 175 28.43 -18.58 -47.80
C ALA C 175 29.29 -17.54 -48.48
N GLN C 176 29.29 -16.31 -47.96
CA GLN C 176 30.09 -15.23 -48.52
C GLN C 176 31.52 -15.22 -47.99
N LEU C 177 31.85 -16.11 -47.06
CA LEU C 177 33.20 -16.21 -46.52
C LEU C 177 34.05 -17.24 -47.26
N GLN C 178 33.55 -17.80 -48.37
CA GLN C 178 34.33 -18.77 -49.12
C GLN C 178 35.60 -18.14 -49.69
N ASN C 179 35.50 -16.92 -50.21
CA ASN C 179 36.66 -16.19 -50.75
C ASN C 179 36.56 -14.74 -50.29
N THR C 180 37.21 -14.43 -49.16
CA THR C 180 37.19 -13.09 -48.60
C THR C 180 38.59 -12.57 -48.30
N GLU C 181 39.64 -13.26 -48.76
CA GLU C 181 41.03 -12.85 -48.59
C GLU C 181 41.48 -12.94 -47.13
N GLU C 182 40.56 -13.33 -46.24
CA GLU C 182 40.88 -13.61 -44.85
C GLU C 182 40.62 -15.05 -44.48
N PHE C 183 39.55 -15.65 -45.00
CA PHE C 183 39.32 -17.08 -44.80
C PHE C 183 40.35 -17.92 -45.53
N LEU C 184 40.86 -17.43 -46.67
CA LEU C 184 41.89 -18.16 -47.39
C LEU C 184 43.16 -18.29 -46.56
N HIS C 185 43.53 -17.22 -45.85
CA HIS C 185 44.72 -17.22 -44.99
C HIS C 185 44.40 -17.61 -43.56
N LEU C 186 43.15 -17.96 -43.26
CA LEU C 186 42.78 -18.31 -41.89
C LEU C 186 43.45 -19.62 -41.48
N PRO C 187 44.03 -19.69 -40.29
CA PRO C 187 44.67 -20.93 -39.85
C PRO C 187 43.66 -22.04 -39.62
N HIS C 188 44.15 -23.28 -39.71
CA HIS C 188 43.29 -24.44 -39.49
C HIS C 188 42.73 -24.48 -38.08
N ARG C 189 43.46 -23.93 -37.10
CA ARG C 189 42.99 -23.95 -35.72
C ARG C 189 41.69 -23.17 -35.56
N LEU C 190 41.59 -22.01 -36.20
CA LEU C 190 40.35 -21.24 -36.16
C LEU C 190 39.28 -21.84 -37.06
N LEU C 191 39.69 -22.43 -38.20
CA LEU C 191 38.73 -23.02 -39.11
C LEU C 191 38.01 -24.20 -38.47
N THR C 192 38.74 -25.01 -37.69
CA THR C 192 38.10 -26.13 -37.00
C THR C 192 37.02 -25.66 -36.04
N ASP C 193 37.33 -24.62 -35.25
CA ASP C 193 36.34 -24.08 -34.33
C ASP C 193 35.15 -23.47 -35.08
N ILE C 194 35.43 -22.79 -36.20
CA ILE C 194 34.35 -22.18 -36.98
C ILE C 194 33.42 -23.25 -37.55
N ILE C 195 33.99 -24.34 -38.08
CA ILE C 195 33.20 -25.41 -38.67
C ILE C 195 32.62 -26.37 -37.64
N SER C 196 33.05 -26.26 -36.37
CA SER C 196 32.48 -27.10 -35.33
C SER C 196 31.00 -26.81 -35.14
N ASP C 197 30.61 -25.55 -35.23
CA ASP C 197 29.21 -25.18 -35.06
C ASP C 197 28.38 -25.65 -36.26
N GLY C 198 27.07 -25.65 -36.08
CA GLY C 198 26.16 -26.14 -37.09
C GLY C 198 25.85 -25.14 -38.19
N VAL C 199 26.78 -24.93 -39.10
CA VAL C 199 26.55 -24.03 -40.23
C VAL C 199 25.46 -24.60 -41.11
N PRO C 200 24.45 -23.81 -41.49
CA PRO C 200 23.36 -24.34 -42.32
C PRO C 200 23.86 -24.82 -43.67
N CYS C 201 23.25 -25.89 -44.18
CA CYS C 201 23.60 -26.42 -45.48
C CYS C 201 23.19 -25.48 -46.62
N SER C 202 22.25 -24.56 -46.37
CA SER C 202 21.83 -23.62 -47.39
C SER C 202 22.94 -22.66 -47.78
N GLN C 203 23.95 -22.48 -46.93
CA GLN C 203 25.08 -21.62 -47.22
C GLN C 203 26.19 -22.33 -47.96
N ASN C 204 25.98 -23.59 -48.35
CA ASN C 204 26.97 -24.40 -49.04
C ASN C 204 28.30 -24.47 -48.27
N PRO C 205 28.29 -25.08 -47.07
CA PRO C 205 29.56 -25.19 -46.32
C PRO C 205 30.60 -26.04 -47.03
N THR C 206 30.18 -27.00 -47.86
CA THR C 206 31.14 -27.87 -48.53
C THR C 206 32.04 -27.08 -49.47
N GLU C 207 31.47 -26.17 -50.25
CA GLU C 207 32.28 -25.37 -51.18
C GLU C 207 33.24 -24.46 -50.42
N ALA C 208 32.78 -23.84 -49.34
CA ALA C 208 33.66 -22.98 -48.55
C ALA C 208 34.80 -23.78 -47.93
N ILE C 209 34.51 -24.97 -47.43
CA ILE C 209 35.55 -25.82 -46.86
C ILE C 209 36.54 -26.24 -47.95
N GLU C 210 36.04 -26.60 -49.13
CA GLU C 210 36.91 -27.00 -50.22
C GLU C 210 37.77 -25.86 -50.73
N ALA C 211 37.30 -24.61 -50.57
CA ALA C 211 38.10 -23.46 -50.99
C ALA C 211 39.41 -23.41 -50.21
N TRP C 212 39.34 -23.42 -48.88
CA TRP C 212 40.50 -23.47 -48.00
C TRP C 212 41.59 -22.51 -48.45
N ILE C 213 42.79 -23.02 -48.68
CA ILE C 213 43.90 -22.20 -49.15
C ILE C 213 44.20 -22.39 -50.64
N ASN C 214 43.74 -23.48 -51.25
CA ASN C 214 43.95 -23.76 -52.67
C ASN C 214 45.42 -23.76 -53.03
N ALA C 224 42.75 -31.58 -42.14
CA ALA C 224 42.26 -31.96 -43.47
C ALA C 224 41.04 -32.87 -43.35
N GLU C 225 41.30 -34.17 -43.20
CA GLU C 225 40.21 -35.13 -43.06
C GLU C 225 39.40 -34.87 -41.79
N SER C 226 40.09 -34.55 -40.69
CA SER C 226 39.38 -34.24 -39.45
C SER C 226 38.53 -32.99 -39.59
N LEU C 227 39.05 -31.97 -40.27
CA LEU C 227 38.27 -30.75 -40.50
C LEU C 227 37.06 -31.04 -41.37
N ARG C 228 37.21 -31.89 -42.39
CA ARG C 228 36.09 -32.28 -43.22
C ARG C 228 35.05 -33.05 -42.42
N THR C 229 35.50 -33.91 -41.50
CA THR C 229 34.57 -34.65 -40.65
C THR C 229 33.78 -33.70 -39.75
N SER C 230 34.45 -32.69 -39.19
CA SER C 230 33.78 -31.71 -38.32
C SER C 230 33.11 -30.64 -39.18
N LEU C 231 32.08 -31.06 -39.89
CA LEU C 231 31.31 -30.21 -40.78
C LEU C 231 29.82 -30.43 -40.57
N LYS C 232 29.40 -30.42 -39.30
CA LYS C 232 28.00 -30.65 -38.97
C LYS C 232 27.13 -29.54 -39.55
N GLU C 233 26.01 -29.92 -40.14
CA GLU C 233 25.08 -28.96 -40.75
C GLU C 233 23.77 -28.91 -39.98
N GLU C 236 19.05 -24.74 -42.71
CA GLU C 236 18.25 -23.54 -42.54
C GLU C 236 16.85 -23.87 -42.02
N ASN C 237 16.34 -23.02 -41.14
CA ASN C 237 15.03 -23.20 -40.55
C ASN C 237 14.28 -21.88 -40.57
N VAL C 238 12.94 -21.96 -40.56
CA VAL C 238 12.11 -20.77 -40.58
C VAL C 238 12.25 -20.04 -39.24
N HIS C 239 12.49 -18.73 -39.30
CA HIS C 239 12.70 -17.94 -38.11
C HIS C 239 11.69 -16.82 -37.93
N ILE C 240 10.88 -16.50 -38.95
CA ILE C 240 9.87 -15.46 -38.87
C ILE C 240 8.51 -16.09 -39.17
N TYR C 241 7.56 -15.89 -38.26
CA TYR C 241 6.19 -16.38 -38.43
C TYR C 241 5.23 -15.22 -38.23
N LEU C 242 4.28 -15.08 -39.14
CA LEU C 242 3.27 -14.03 -39.09
C LEU C 242 1.90 -14.67 -38.93
N ILE C 243 1.20 -14.33 -37.86
CA ILE C 243 -0.15 -14.82 -37.60
C ILE C 243 -1.12 -13.69 -37.91
N GLY C 244 -1.95 -13.89 -38.92
CA GLY C 244 -2.87 -12.85 -39.35
C GLY C 244 -4.12 -13.35 -40.03
N LYS C 245 -4.81 -12.45 -40.75
CA LYS C 245 -6.04 -12.69 -41.50
C LYS C 245 -7.23 -12.98 -40.61
N GLU C 246 -7.05 -13.05 -39.29
CA GLU C 246 -8.12 -13.30 -38.34
C GLU C 246 -8.90 -14.57 -38.67
N SER C 252 -8.03 -17.99 -39.31
CA SER C 252 -6.74 -17.34 -39.11
C SER C 252 -5.64 -18.05 -39.89
N LEU C 253 -4.68 -17.29 -40.40
CA LEU C 253 -3.57 -17.81 -41.16
C LEU C 253 -2.26 -17.52 -40.44
N ALA C 254 -1.32 -18.47 -40.54
CA ALA C 254 -0.01 -18.35 -39.90
C ALA C 254 1.05 -18.62 -40.97
N VAL C 255 1.52 -17.55 -41.61
CA VAL C 255 2.53 -17.68 -42.64
C VAL C 255 3.92 -17.47 -42.06
N LEU C 257 8.30 -16.66 -42.55
CA LEU C 257 9.17 -16.04 -43.54
C LEU C 257 10.60 -16.56 -43.41
N HIS C 258 11.37 -16.43 -44.49
CA HIS C 258 12.76 -16.87 -44.53
C HIS C 258 13.60 -15.75 -45.12
N CYS C 259 14.39 -15.09 -44.28
CA CYS C 259 15.24 -13.98 -44.73
C CYS C 259 16.47 -14.57 -45.41
N ALA C 260 16.50 -14.49 -46.74
CA ALA C 260 17.62 -15.01 -47.52
C ALA C 260 18.13 -13.97 -48.49
N GLU C 261 19.08 -14.37 -49.35
CA GLU C 261 19.69 -13.49 -50.35
C GLU C 261 20.31 -12.31 -49.61
N ASP C 262 20.10 -11.07 -50.05
CA ASP C 262 20.65 -9.90 -49.39
C ASP C 262 19.51 -8.93 -49.10
N ASP C 263 19.31 -8.61 -47.82
CA ASP C 263 18.26 -7.69 -47.38
C ASP C 263 16.89 -8.13 -47.86
N ILE C 265 13.33 -10.89 -48.21
CA ILE C 265 12.64 -11.95 -47.47
C ILE C 265 11.91 -12.87 -48.45
N SER C 266 11.63 -14.10 -48.00
CA SER C 266 10.95 -15.08 -48.82
C SER C 266 9.91 -15.80 -47.97
N VAL C 267 8.91 -16.36 -48.65
CA VAL C 267 7.84 -17.09 -47.99
C VAL C 267 8.10 -18.59 -48.07
N GLN C 270 2.37 -21.63 -45.78
CA GLN C 270 1.12 -20.92 -45.56
C GLN C 270 0.14 -21.77 -44.75
N ASN C 271 0.63 -22.33 -43.64
CA ASN C 271 -0.21 -23.14 -42.78
C ASN C 271 -1.28 -22.30 -42.12
N SER C 272 -2.49 -22.84 -42.04
CA SER C 272 -3.63 -22.16 -41.46
C SER C 272 -4.23 -23.04 -40.36
N LEU C 273 -4.47 -22.45 -39.20
CA LEU C 273 -5.04 -23.17 -38.06
C LEU C 273 -6.51 -22.85 -37.81
N CYS C 274 -6.95 -21.64 -38.18
CA CYS C 274 -8.34 -21.21 -37.98
C CYS C 274 -8.78 -21.38 -36.54
N HIS C 275 -7.89 -20.98 -35.61
CA HIS C 275 -8.15 -21.11 -34.19
C HIS C 275 -7.78 -19.80 -33.49
N GLN C 276 -8.59 -19.40 -32.52
CA GLN C 276 -8.33 -18.17 -31.79
C GLN C 276 -7.07 -18.31 -30.94
N ILE C 277 -6.30 -17.23 -30.88
CA ILE C 277 -5.03 -17.22 -30.18
C ILE C 277 -4.99 -16.01 -29.24
N THR C 278 -4.70 -16.24 -27.97
CA THR C 278 -4.48 -15.17 -27.02
C THR C 278 -3.00 -14.89 -26.76
N ALA C 279 -2.14 -15.89 -26.94
CA ALA C 279 -0.70 -15.72 -26.79
C ALA C 279 -0.01 -16.78 -27.63
N ALA C 280 1.25 -16.52 -27.96
CA ALA C 280 2.04 -17.43 -28.77
C ALA C 280 3.51 -17.19 -28.53
N CYS C 281 4.34 -18.15 -28.91
CA CYS C 281 5.78 -18.05 -28.73
C CYS C 281 6.48 -18.96 -29.72
N LYS C 282 7.78 -18.74 -29.87
CA LYS C 282 8.64 -19.53 -30.73
C LYS C 282 9.75 -20.15 -29.89
N HIS C 283 9.91 -21.47 -29.99
CA HIS C 283 10.92 -22.21 -29.23
C HIS C 283 11.73 -23.04 -30.21
N GLY C 284 12.81 -22.45 -30.74
CA GLY C 284 13.70 -23.15 -31.65
C GLY C 284 13.02 -23.60 -32.91
N GLY C 285 12.22 -22.74 -33.52
CA GLY C 285 11.49 -23.08 -34.72
C GLY C 285 10.16 -23.76 -34.49
N ASP C 286 9.79 -24.01 -33.23
CA ASP C 286 8.51 -24.64 -32.89
C ASP C 286 7.54 -23.52 -32.50
N LEU C 287 6.57 -23.27 -33.38
CA LEU C 287 5.60 -22.20 -33.18
C LEU C 287 4.49 -22.70 -32.26
N TYR C 288 4.57 -22.37 -30.98
CA TYR C 288 3.56 -22.76 -30.02
C TYR C 288 2.51 -21.66 -29.91
N VAL C 289 1.24 -22.05 -29.97
CA VAL C 289 0.12 -21.11 -29.93
C VAL C 289 -0.87 -21.57 -28.87
N VAL C 290 -1.29 -20.64 -28.02
CA VAL C 290 -2.26 -20.93 -26.98
C VAL C 290 -3.68 -20.88 -27.54
N PRO C 295 -8.91 -20.04 -21.51
CA PRO C 295 -8.25 -20.68 -22.66
C PRO C 295 -7.08 -21.56 -22.25
N ARG C 296 -7.11 -22.84 -22.64
CA ARG C 296 -6.06 -23.77 -22.30
C ARG C 296 -5.59 -24.61 -23.48
N ARG C 297 -6.16 -24.43 -24.66
CA ARG C 297 -5.75 -25.21 -25.82
C ARG C 297 -4.34 -24.84 -26.25
N MET C 298 -3.56 -25.86 -26.61
CA MET C 298 -2.19 -25.67 -27.06
C MET C 298 -1.98 -26.40 -28.38
N TRP C 299 -1.24 -25.75 -29.28
CA TRP C 299 -0.93 -26.34 -30.58
C TRP C 299 0.50 -25.98 -30.96
N LYS C 300 1.07 -26.80 -31.84
CA LYS C 300 2.45 -26.61 -32.28
C LYS C 300 2.53 -26.65 -33.80
N TRP C 308 0.48 -28.34 -35.92
CA TRP C 308 -0.86 -28.65 -35.45
C TRP C 308 -0.85 -29.90 -34.59
N GLU C 309 -0.08 -29.86 -33.50
CA GLU C 309 0.01 -30.97 -32.56
C GLU C 309 -0.48 -30.50 -31.19
N TRP C 310 -1.44 -31.23 -30.64
CA TRP C 310 -2.00 -30.89 -29.34
C TRP C 310 -0.98 -31.11 -28.23
N CYS C 311 -0.93 -30.17 -27.29
CA CYS C 311 -0.01 -30.23 -26.16
C CYS C 311 -0.81 -30.18 -24.85
N ALA C 312 -0.08 -30.22 -23.74
CA ALA C 312 -0.71 -30.24 -22.43
C ALA C 312 -1.52 -28.97 -22.21
N PRO C 313 -2.73 -29.07 -21.65
CA PRO C 313 -3.54 -27.87 -21.42
C PRO C 313 -2.95 -26.97 -20.35
N LEU C 314 -3.30 -25.69 -20.45
CA LEU C 314 -2.86 -24.73 -19.45
C LEU C 314 -3.49 -25.04 -18.09
N PRO C 315 -2.74 -24.88 -17.00
CA PRO C 315 -3.31 -25.10 -15.66
C PRO C 315 -4.17 -23.94 -15.17
N ARG C 316 -4.25 -22.85 -15.93
CA ARG C 316 -5.03 -21.69 -15.53
C ARG C 316 -5.57 -21.00 -16.77
N ASP C 317 -6.78 -20.45 -16.67
CA ASP C 317 -7.42 -19.77 -17.79
C ASP C 317 -7.10 -18.27 -17.69
N ARG C 318 -6.26 -17.78 -18.59
CA ARG C 318 -5.87 -16.38 -18.60
C ARG C 318 -5.84 -15.88 -20.04
N LEU C 319 -5.97 -14.57 -20.19
CA LEU C 319 -5.94 -13.92 -21.49
C LEU C 319 -4.94 -12.77 -21.46
N GLN C 320 -4.34 -12.50 -22.61
CA GLN C 320 -3.35 -11.41 -22.77
C GLN C 320 -2.20 -11.58 -21.79
N HIS C 321 -1.64 -12.79 -21.74
CA HIS C 321 -0.52 -13.11 -20.88
C HIS C 321 0.75 -13.22 -21.70
N THR C 322 1.82 -12.59 -21.23
CA THR C 322 3.09 -12.62 -21.93
C THR C 322 3.67 -14.03 -21.92
N LEU C 323 4.26 -14.43 -23.04
CA LEU C 323 4.84 -15.75 -23.21
C LEU C 323 6.24 -15.62 -23.77
N VAL C 324 7.21 -16.27 -23.12
CA VAL C 324 8.61 -16.22 -23.54
C VAL C 324 9.16 -17.64 -23.58
N SER C 325 10.29 -17.78 -24.27
CA SER C 325 10.88 -19.10 -24.53
C SER C 325 12.32 -19.18 -24.06
N VAL C 326 12.58 -18.78 -22.82
CA VAL C 326 13.92 -18.79 -22.23
C VAL C 326 14.53 -20.17 -22.36
N PRO C 327 15.62 -20.33 -23.13
CA PRO C 327 16.27 -21.64 -23.26
C PRO C 327 17.29 -21.95 -22.18
N GLY C 328 17.61 -21.01 -21.30
CA GLY C 328 18.56 -21.29 -20.24
C GLY C 328 18.09 -22.41 -19.34
N LYS C 329 16.82 -22.37 -18.94
CA LYS C 329 16.20 -23.45 -18.19
C LYS C 329 15.43 -24.42 -19.09
N ASP C 330 15.47 -24.21 -20.41
CA ASP C 330 14.77 -25.06 -21.38
C ASP C 330 13.28 -25.15 -21.06
N ALA C 331 12.67 -24.01 -20.76
CA ALA C 331 11.25 -23.96 -20.41
C ALA C 331 10.61 -22.72 -21.03
N ILE C 332 9.30 -22.82 -21.25
CA ILE C 332 8.51 -21.71 -21.79
C ILE C 332 7.74 -21.08 -20.63
N TYR C 333 7.90 -19.78 -20.45
CA TYR C 333 7.38 -19.06 -19.30
C TYR C 333 6.18 -18.22 -19.68
N SER C 334 5.11 -18.30 -18.90
CA SER C 334 3.93 -17.46 -19.06
C SER C 334 3.79 -16.57 -17.83
N LEU C 335 3.68 -15.27 -18.06
CA LEU C 335 3.60 -14.30 -16.98
C LEU C 335 2.47 -13.32 -17.24
N GLY C 336 1.91 -12.79 -16.15
CA GLY C 336 0.86 -11.80 -16.26
C GLY C 336 -0.42 -12.36 -16.86
N GLY C 337 -1.21 -11.46 -17.43
CA GLY C 337 -2.48 -11.80 -18.06
C GLY C 337 -3.66 -11.36 -17.22
N LYS C 338 -4.84 -11.56 -17.80
CA LYS C 338 -6.11 -11.21 -17.15
C LYS C 338 -6.90 -12.49 -16.90
N THR C 339 -7.44 -12.61 -15.70
CA THR C 339 -8.23 -13.79 -15.35
C THR C 339 -9.58 -13.76 -16.05
N LEU C 340 -10.27 -14.91 -16.02
CA LEU C 340 -11.59 -15.00 -16.63
C LEU C 340 -12.61 -14.12 -15.94
N GLN C 341 -12.36 -13.70 -14.70
CA GLN C 341 -13.25 -12.84 -13.95
C GLN C 341 -12.95 -11.35 -14.16
N ASP C 342 -12.33 -10.99 -15.29
CA ASP C 342 -11.99 -9.61 -15.62
C ASP C 342 -11.12 -8.97 -14.54
N THR C 343 -10.18 -9.75 -14.01
CA THR C 343 -9.23 -9.29 -13.01
C THR C 343 -7.82 -9.64 -13.45
N LEU C 344 -6.89 -8.73 -13.21
CA LEU C 344 -5.50 -8.96 -13.60
C LEU C 344 -4.91 -10.13 -12.82
N SER C 345 -4.19 -11.00 -13.52
CA SER C 345 -3.58 -12.16 -12.90
C SER C 345 -2.16 -11.87 -12.45
N ASN C 346 -1.69 -12.65 -11.49
CA ASN C 346 -0.36 -12.47 -10.91
C ASN C 346 0.37 -13.80 -10.75
N ALA C 347 0.11 -14.75 -11.64
CA ALA C 347 0.67 -16.09 -11.54
C ALA C 347 1.62 -16.36 -12.69
N VAL C 348 2.68 -17.12 -12.39
CA VAL C 348 3.67 -17.52 -13.38
C VAL C 348 3.80 -19.04 -13.35
N ILE C 349 3.78 -19.66 -14.52
CA ILE C 349 3.84 -21.12 -14.64
C ILE C 349 4.86 -21.50 -15.69
N TYR C 350 5.62 -22.56 -15.42
CA TYR C 350 6.63 -23.05 -16.34
C TYR C 350 6.00 -23.91 -17.43
N TYR C 351 6.81 -24.26 -18.43
CA TYR C 351 6.42 -25.25 -19.44
C TYR C 351 7.70 -25.86 -20.00
N ARG C 352 8.06 -27.04 -19.51
CA ARG C 352 9.21 -27.75 -20.02
C ARG C 352 8.85 -28.43 -21.34
N VAL C 353 9.70 -28.25 -22.35
CA VAL C 353 9.43 -28.86 -23.66
C VAL C 353 9.59 -30.37 -23.58
N GLY C 354 10.58 -30.85 -22.84
CA GLY C 354 10.79 -32.29 -22.73
C GLY C 354 9.64 -32.99 -22.02
N ASP C 355 9.19 -32.42 -20.90
CA ASP C 355 8.08 -32.96 -20.14
C ASP C 355 7.02 -31.88 -20.00
N ASN C 356 5.87 -32.09 -20.64
CA ASN C 356 4.82 -31.08 -20.65
C ASN C 356 4.11 -31.01 -19.30
N VAL C 357 4.81 -30.53 -18.29
CA VAL C 357 4.26 -30.38 -16.94
C VAL C 357 4.37 -28.90 -16.58
N TRP C 358 3.24 -28.21 -16.58
CA TRP C 358 3.21 -26.79 -16.24
C TRP C 358 3.36 -26.65 -14.72
N THR C 359 4.49 -26.08 -14.31
CA THR C 359 4.83 -25.97 -12.89
C THR C 359 4.73 -24.52 -12.43
N GLU C 360 4.07 -24.30 -11.30
CA GLU C 360 3.95 -22.97 -10.73
C GLU C 360 5.28 -22.53 -10.11
N THR C 361 5.37 -21.24 -9.81
CA THR C 361 6.59 -20.66 -9.26
C THR C 361 6.22 -19.39 -8.50
N THR C 362 7.23 -18.58 -8.19
CA THR C 362 7.01 -17.35 -7.44
C THR C 362 6.15 -16.38 -8.24
N GLN C 363 5.26 -15.68 -7.54
CA GLN C 363 4.35 -14.73 -8.17
C GLN C 363 5.03 -13.38 -8.34
N LEU C 364 4.60 -12.65 -9.37
CA LEU C 364 5.15 -11.32 -9.63
C LEU C 364 4.72 -10.34 -8.54
N GLU C 365 5.58 -9.37 -8.27
CA GLU C 365 5.26 -8.36 -7.26
C GLU C 365 4.08 -7.50 -7.70
N VAL C 366 4.05 -7.11 -8.97
CA VAL C 366 2.99 -6.26 -9.52
C VAL C 366 2.33 -7.01 -10.67
N ALA C 367 1.01 -7.12 -10.63
CA ALA C 367 0.26 -7.81 -11.67
C ALA C 367 0.06 -6.90 -12.88
N VAL C 368 0.44 -7.38 -14.06
CA VAL C 368 0.30 -6.63 -15.29
C VAL C 368 -0.33 -7.52 -16.36
N SER C 369 -0.92 -6.88 -17.35
CA SER C 369 -1.55 -7.58 -18.46
C SER C 369 -1.24 -6.87 -19.76
N GLY C 370 -1.01 -7.64 -20.82
CA GLY C 370 -0.69 -7.07 -22.11
C GLY C 370 0.68 -6.44 -22.21
N ALA C 371 1.61 -6.83 -21.34
CA ALA C 371 2.95 -6.27 -21.34
C ALA C 371 3.77 -6.89 -22.48
N ALA C 372 5.00 -6.41 -22.62
CA ALA C 372 5.95 -6.94 -23.60
C ALA C 372 6.98 -7.79 -22.89
N GLY C 373 7.17 -9.02 -23.37
CA GLY C 373 8.10 -9.95 -22.77
C GLY C 373 9.36 -10.09 -23.60
N ALA C 374 10.51 -9.94 -22.92
CA ALA C 374 11.81 -10.04 -23.56
C ALA C 374 12.68 -11.02 -22.79
N ASN C 375 13.43 -11.83 -23.51
CA ASN C 375 14.34 -12.81 -22.92
C ASN C 375 15.78 -12.39 -23.20
N LEU C 376 16.60 -12.35 -22.16
CA LEU C 376 18.00 -11.97 -22.30
C LEU C 376 18.83 -12.67 -21.25
N ASN C 377 19.61 -13.66 -21.67
CA ASN C 377 20.55 -14.38 -20.79
C ASN C 377 19.84 -14.98 -19.59
N GLY C 378 18.65 -15.56 -19.82
CA GLY C 378 17.92 -16.22 -18.76
C GLY C 378 17.11 -15.31 -17.86
N ILE C 379 17.06 -14.02 -18.14
CA ILE C 379 16.30 -13.06 -17.35
C ILE C 379 15.15 -12.54 -18.19
N ILE C 380 13.94 -12.59 -17.63
CA ILE C 380 12.73 -12.18 -18.33
C ILE C 380 12.42 -10.74 -17.95
N TYR C 381 12.15 -9.91 -18.95
CA TYR C 381 11.81 -8.51 -18.75
C TYR C 381 10.39 -8.27 -19.24
N LEU C 382 9.53 -7.80 -18.34
CA LEU C 382 8.17 -7.41 -18.67
C LEU C 382 8.09 -5.89 -18.72
N LEU C 383 7.61 -5.36 -19.83
CA LEU C 383 7.62 -3.93 -20.10
C LEU C 383 6.19 -3.43 -20.27
N GLY C 384 5.84 -2.40 -19.51
CA GLY C 384 4.56 -1.71 -19.64
C GLY C 384 3.38 -2.63 -19.37
N GLY C 385 2.27 -2.31 -20.02
CA GLY C 385 1.08 -3.15 -19.93
C GLY C 385 -0.14 -2.42 -19.43
N GLU C 386 -1.10 -3.18 -18.89
CA GLU C 386 -2.31 -2.62 -18.30
C GLU C 386 -2.28 -2.90 -16.81
N GLU C 387 -2.18 -1.84 -16.00
CA GLU C 387 -2.08 -1.96 -14.56
C GLU C 387 -3.40 -1.53 -13.91
N ASN C 388 -3.65 -2.08 -12.72
CA ASN C 388 -4.86 -1.75 -11.99
C ASN C 388 -4.89 -0.27 -11.63
N ASP C 389 -6.06 0.34 -11.78
CA ASP C 389 -6.24 1.75 -11.49
C ASP C 389 -7.64 1.95 -10.93
N LEU C 390 -7.74 2.78 -9.89
CA LEU C 390 -8.98 3.07 -9.18
C LEU C 390 -9.63 1.81 -8.61
N ASP C 391 -8.86 0.72 -8.49
CA ASP C 391 -9.28 -0.57 -7.96
C ASP C 391 -10.37 -1.23 -8.79
N PHE C 392 -10.78 -0.63 -9.91
CA PHE C 392 -11.82 -1.20 -10.74
C PHE C 392 -11.52 -1.19 -12.23
N PHE C 393 -10.51 -0.45 -12.70
CA PHE C 393 -10.26 -0.32 -14.13
C PHE C 393 -8.79 -0.57 -14.42
N THR C 394 -8.42 -0.42 -15.69
CA THR C 394 -7.05 -0.63 -16.14
C THR C 394 -6.52 0.64 -16.79
N LYS C 395 -5.24 0.91 -16.59
CA LYS C 395 -4.57 2.07 -17.16
C LYS C 395 -3.27 1.63 -17.82
N PRO C 396 -2.82 2.37 -18.83
CA PRO C 396 -1.49 2.10 -19.40
C PRO C 396 -0.41 2.24 -18.35
N SER C 397 0.57 1.33 -18.39
CA SER C 397 1.62 1.28 -17.40
C SER C 397 2.97 1.10 -18.08
N ARG C 398 3.95 1.85 -17.60
CA ARG C 398 5.33 1.81 -18.10
C ARG C 398 6.23 1.41 -16.92
N LEU C 399 6.35 0.10 -16.69
CA LEU C 399 7.16 -0.44 -15.61
C LEU C 399 8.02 -1.58 -16.13
N ILE C 400 9.14 -1.81 -15.43
CA ILE C 400 10.09 -2.86 -15.79
C ILE C 400 10.03 -3.92 -14.71
N GLN C 401 9.65 -5.14 -15.10
CA GLN C 401 9.62 -6.29 -14.20
C GLN C 401 10.73 -7.25 -14.60
N CYS C 402 11.71 -7.44 -13.72
CA CYS C 402 12.83 -8.33 -13.97
C CYS C 402 12.62 -9.63 -13.20
N PHE C 403 12.63 -10.75 -13.92
CA PHE C 403 12.42 -12.07 -13.34
C PHE C 403 13.65 -12.91 -13.61
N ASP C 404 14.29 -13.38 -12.54
CA ASP C 404 15.44 -14.28 -12.64
C ASP C 404 14.94 -15.71 -12.57
N THR C 405 15.04 -16.43 -13.69
CA THR C 405 14.57 -17.81 -13.75
C THR C 405 15.49 -18.76 -13.00
N GLU C 406 16.81 -18.50 -13.03
CA GLU C 406 17.75 -19.40 -12.39
C GLU C 406 17.54 -19.44 -10.88
N THR C 407 17.34 -18.27 -10.27
CA THR C 407 17.09 -18.19 -8.83
C THR C 407 15.61 -18.08 -8.49
N ASP C 408 14.73 -18.01 -9.49
CA ASP C 408 13.29 -17.92 -9.30
C ASP C 408 12.94 -16.73 -8.41
N LYS C 409 13.29 -15.54 -8.90
CA LYS C 409 13.06 -14.31 -8.16
C LYS C 409 12.42 -13.27 -9.07
N CYS C 410 11.73 -12.30 -8.46
CA CYS C 410 11.09 -11.23 -9.19
C CYS C 410 11.39 -9.90 -8.52
N HIS C 411 11.50 -8.85 -9.34
CA HIS C 411 11.74 -7.50 -8.82
C HIS C 411 11.23 -6.49 -9.82
N VAL C 412 11.08 -5.24 -9.36
CA VAL C 412 10.62 -4.14 -10.19
C VAL C 412 11.70 -3.08 -10.24
N LYS C 413 12.12 -2.72 -11.46
CA LYS C 413 13.15 -1.70 -11.61
C LYS C 413 12.56 -0.31 -11.40
N PRO C 414 13.26 0.57 -10.67
CA PRO C 414 12.73 1.93 -10.46
C PRO C 414 12.52 2.72 -11.74
N TYR C 415 13.32 2.47 -12.77
CA TYR C 415 13.21 3.21 -14.02
C TYR C 415 11.90 2.87 -14.73
N VAL C 416 11.38 3.86 -15.45
CA VAL C 416 10.12 3.72 -16.18
C VAL C 416 10.38 3.92 -17.66
N LEU C 417 9.53 3.32 -18.48
CA LEU C 417 9.66 3.43 -19.93
C LEU C 417 9.31 4.84 -20.39
N PRO C 418 9.90 5.30 -21.50
CA PRO C 418 9.54 6.64 -22.01
C PRO C 418 8.07 6.75 -22.40
N PHE C 419 7.47 5.69 -22.91
CA PHE C 419 6.07 5.71 -23.32
C PHE C 419 5.36 4.48 -22.77
N ALA C 420 4.14 4.68 -22.27
CA ALA C 420 3.35 3.62 -21.68
C ALA C 420 2.45 2.99 -22.74
N GLY C 421 1.51 2.17 -22.32
CA GLY C 421 0.59 1.51 -23.23
C GLY C 421 1.13 0.19 -23.74
N ARG C 422 0.38 -0.38 -24.69
CA ARG C 422 0.79 -1.63 -25.30
C ARG C 422 2.08 -1.44 -26.08
N MET C 423 3.05 -2.33 -25.87
CA MET C 423 4.36 -2.21 -26.48
C MET C 423 4.81 -3.57 -26.99
N HIS C 424 5.66 -3.56 -28.01
CA HIS C 424 6.23 -4.77 -28.58
C HIS C 424 7.75 -4.68 -28.55
N ALA C 425 8.40 -5.70 -28.00
CA ALA C 425 9.82 -5.68 -27.76
C ALA C 425 10.50 -6.87 -28.42
N ALA C 426 11.74 -6.66 -28.85
CA ALA C 426 12.54 -7.71 -29.48
C ALA C 426 13.99 -7.55 -29.08
N VAL C 427 14.66 -8.67 -28.79
CA VAL C 427 16.04 -8.67 -28.34
C VAL C 427 16.92 -8.91 -29.56
N HIS C 428 17.65 -7.88 -29.99
CA HIS C 428 18.54 -8.02 -31.13
C HIS C 428 19.89 -8.59 -30.71
N LYS C 429 20.64 -7.83 -29.89
CA LYS C 429 21.97 -8.24 -29.45
C LYS C 429 22.23 -7.59 -28.10
N ASP C 430 22.11 -8.38 -27.03
CA ASP C 430 22.34 -7.95 -25.64
C ASP C 430 21.68 -6.61 -25.31
N LEU C 431 20.58 -6.30 -25.99
CA LEU C 431 19.72 -5.18 -25.64
C LEU C 431 18.38 -5.37 -26.33
N VAL C 432 17.39 -4.60 -25.90
CA VAL C 432 16.01 -4.77 -26.32
C VAL C 432 15.54 -3.53 -27.04
N PHE C 433 15.02 -3.71 -28.26
CA PHE C 433 14.39 -2.63 -29.01
C PHE C 433 12.88 -2.75 -28.86
N ILE C 434 12.24 -1.66 -28.44
CA ILE C 434 10.81 -1.62 -28.16
C ILE C 434 10.16 -0.58 -29.06
N VAL C 435 9.04 -0.96 -29.67
CA VAL C 435 8.28 -0.07 -30.53
C VAL C 435 6.80 -0.21 -30.17
N ALA C 436 6.03 0.82 -30.52
CA ALA C 436 4.59 0.86 -30.29
C ALA C 436 4.00 1.91 -31.22
N GLU C 437 2.73 2.23 -31.00
CA GLU C 437 2.08 3.27 -31.78
C GLU C 437 2.68 4.63 -31.45
N GLY C 438 3.03 5.38 -32.49
CA GLY C 438 3.64 6.69 -32.29
C GLY C 438 4.87 6.90 -33.16
N ASP C 439 5.39 5.81 -33.72
CA ASP C 439 6.56 5.85 -34.60
C ASP C 439 7.76 6.47 -33.89
N SER C 440 8.09 5.93 -32.72
CA SER C 440 9.24 6.38 -31.93
C SER C 440 9.85 5.15 -31.26
N LEU C 441 10.88 4.58 -31.89
CA LEU C 441 11.50 3.38 -31.36
C LEU C 441 12.41 3.73 -30.19
N VAL C 442 12.56 2.79 -29.26
CA VAL C 442 13.44 2.97 -28.13
C VAL C 442 14.34 1.75 -27.99
N CYS C 443 15.54 1.98 -27.47
CA CYS C 443 16.50 0.92 -27.20
C CYS C 443 16.87 0.96 -25.73
N TYR C 444 16.77 -0.19 -25.06
CA TYR C 444 17.06 -0.31 -23.64
C TYR C 444 18.07 -1.43 -23.45
N ASN C 445 19.20 -1.10 -22.83
CA ASN C 445 20.20 -2.09 -22.49
C ASN C 445 20.12 -2.39 -21.00
N PRO C 446 19.70 -3.58 -20.60
CA PRO C 446 19.47 -3.83 -19.15
C PRO C 446 20.71 -3.63 -18.29
N LEU C 447 21.90 -3.88 -18.83
CA LEU C 447 23.11 -3.71 -18.03
C LEU C 447 23.31 -2.25 -17.62
N LEU C 448 23.04 -1.32 -18.52
CA LEU C 448 23.19 0.10 -18.26
C LEU C 448 21.85 0.72 -17.88
N ASP C 449 21.93 1.85 -17.18
CA ASP C 449 20.73 2.58 -16.77
C ASP C 449 20.53 3.76 -17.71
N SER C 450 20.08 3.45 -18.93
CA SER C 450 19.87 4.49 -19.93
C SER C 450 18.96 3.95 -21.03
N PHE C 451 18.37 4.88 -21.78
CA PHE C 451 17.54 4.58 -22.93
C PHE C 451 18.06 5.35 -24.12
N THR C 452 17.65 4.91 -25.31
CA THR C 452 18.05 5.59 -26.56
C THR C 452 16.83 5.73 -27.46
N ARG C 453 16.47 6.96 -27.79
CA ARG C 453 15.35 7.22 -28.67
C ARG C 453 15.80 7.16 -30.13
N LEU C 454 14.86 6.82 -31.01
CA LEU C 454 15.13 6.76 -32.45
C LEU C 454 13.86 7.08 -33.21
N CYS C 455 13.99 7.89 -34.24
CA CYS C 455 12.86 8.29 -35.06
C CYS C 455 12.44 7.15 -35.99
N LEU C 456 11.16 7.15 -36.34
CA LEU C 456 10.58 6.15 -37.22
C LEU C 456 9.71 6.85 -38.27
N PRO C 457 9.62 6.29 -39.48
CA PRO C 457 8.76 6.89 -40.50
C PRO C 457 7.31 6.95 -40.05
N GLU C 458 6.63 8.04 -40.42
CA GLU C 458 5.25 8.22 -40.02
C GLU C 458 4.35 7.15 -40.62
N ALA C 459 4.57 6.81 -41.88
CA ALA C 459 3.78 5.80 -42.60
C ALA C 459 2.28 6.10 -42.54
N SER C 465 -1.37 3.27 -36.87
CA SER C 465 -1.24 1.82 -36.81
C SER C 465 -0.09 1.42 -35.90
N LEU C 466 -0.36 0.50 -34.97
CA LEU C 466 0.67 0.02 -34.06
C LEU C 466 1.72 -0.77 -34.83
N TRP C 467 2.99 -0.51 -34.51
CA TRP C 467 4.08 -1.18 -35.19
C TRP C 467 4.32 -2.57 -34.59
N LYS C 468 5.05 -3.39 -35.34
CA LYS C 468 5.36 -4.76 -34.93
C LYS C 468 6.82 -5.02 -35.25
N ILE C 469 7.67 -5.02 -34.23
CA ILE C 469 9.10 -5.17 -34.39
C ILE C 469 9.48 -6.64 -34.27
N ALA C 470 10.54 -7.04 -34.98
CA ALA C 470 11.05 -8.39 -34.95
C ALA C 470 12.54 -8.35 -34.62
N SER C 471 13.17 -9.52 -34.62
CA SER C 471 14.60 -9.63 -34.31
C SER C 471 15.13 -10.85 -35.05
N CYS C 472 15.80 -10.62 -36.18
CA CYS C 472 16.39 -11.68 -36.98
C CYS C 472 17.91 -11.66 -36.81
N ASN C 473 18.54 -12.72 -37.34
CA ASN C 473 20.00 -12.81 -37.27
C ASN C 473 20.65 -11.69 -38.08
N GLY C 474 20.10 -11.37 -39.24
CA GLY C 474 20.67 -10.33 -40.09
C GLY C 474 20.54 -8.94 -39.51
N SER C 475 19.31 -8.47 -39.34
CA SER C 475 19.07 -7.12 -38.84
C SER C 475 17.67 -7.09 -38.22
N ILE C 476 17.22 -5.89 -37.89
CA ILE C 476 15.91 -5.70 -37.26
C ILE C 476 14.85 -5.50 -38.34
N TYR C 477 13.67 -6.05 -38.10
CA TYR C 477 12.54 -5.91 -39.02
C TYR C 477 11.35 -5.38 -38.24
N VAL C 478 10.73 -4.32 -38.76
CA VAL C 478 9.58 -3.68 -38.15
C VAL C 478 8.39 -3.79 -39.10
N PHE C 479 7.25 -4.23 -38.56
CA PHE C 479 6.04 -4.42 -39.35
C PHE C 479 4.95 -3.48 -38.86
N ARG C 480 3.95 -3.29 -39.71
CA ARG C 480 2.80 -2.46 -39.41
C ARG C 480 1.53 -3.32 -39.42
N ASP C 481 0.66 -3.09 -38.43
CA ASP C 481 -0.58 -3.87 -38.36
C ASP C 481 -1.46 -3.61 -39.57
N ARG C 482 -1.57 -2.36 -39.99
CA ARG C 482 -2.37 -2.01 -41.16
C ARG C 482 -1.57 -2.30 -42.43
N TYR C 483 -2.06 -3.25 -43.24
CA TYR C 483 -1.37 -3.60 -44.47
C TYR C 483 -1.35 -2.43 -45.44
N LYS C 484 -2.47 -1.73 -45.57
CA LYS C 484 -2.58 -0.56 -46.46
C LYS C 484 -2.20 -0.90 -47.89
N ALA C 488 4.60 0.43 -42.98
CA ALA C 488 3.73 -0.21 -43.96
C ALA C 488 4.13 -1.67 -44.19
N ASN C 489 4.97 -1.90 -45.19
CA ASN C 489 5.43 -3.23 -45.51
C ASN C 489 6.67 -3.56 -44.68
N THR C 490 7.35 -4.66 -45.03
CA THR C 490 8.52 -5.09 -44.29
C THR C 490 9.65 -4.08 -44.45
N TYR C 491 10.25 -3.69 -43.33
CA TYR C 491 11.36 -2.74 -43.31
C TYR C 491 12.56 -3.37 -42.62
N LYS C 492 13.74 -2.83 -42.92
CA LYS C 492 14.98 -3.26 -42.27
C LYS C 492 15.75 -2.00 -41.88
N LEU C 493 16.04 -1.85 -40.59
CA LEU C 493 16.72 -0.66 -40.10
C LEU C 493 18.06 -1.04 -39.48
N ASP C 494 19.07 -0.23 -39.79
CA ASP C 494 20.39 -0.42 -39.20
C ASP C 494 20.51 0.44 -37.95
N PRO C 495 20.65 -0.16 -36.76
CA PRO C 495 20.70 0.66 -35.53
C PRO C 495 21.85 1.64 -35.49
N ALA C 496 22.99 1.29 -36.09
CA ALA C 496 24.14 2.20 -36.06
C ALA C 496 23.86 3.47 -36.86
N THR C 497 23.39 3.33 -38.10
CA THR C 497 23.13 4.48 -38.95
C THR C 497 21.73 5.05 -38.77
N SER C 498 20.85 4.37 -38.03
CA SER C 498 19.47 4.80 -37.83
C SER C 498 18.74 4.98 -39.16
N ALA C 499 19.11 4.20 -40.17
CA ALA C 499 18.52 4.28 -41.49
C ALA C 499 17.67 3.04 -41.75
N VAL C 500 16.46 3.25 -42.24
CA VAL C 500 15.50 2.18 -42.49
C VAL C 500 15.22 2.12 -43.98
N THR C 501 15.29 0.92 -44.55
CA THR C 501 15.05 0.70 -45.98
C THR C 501 13.95 -0.33 -46.16
N VAL C 502 13.11 -0.12 -47.17
CA VAL C 502 12.04 -1.06 -47.46
C VAL C 502 12.62 -2.35 -48.02
N THR C 503 11.94 -3.46 -47.74
CA THR C 503 12.37 -4.77 -48.21
C THR C 503 12.39 -4.84 -49.73
N LEU C 509 -0.14 -12.01 -48.61
CA LEU C 509 -0.52 -10.74 -48.00
C LEU C 509 -1.60 -10.94 -46.95
N LEU C 510 -1.39 -10.39 -45.76
CA LEU C 510 -2.33 -10.49 -44.66
C LEU C 510 -2.90 -9.11 -44.35
N THR C 511 -4.23 -9.01 -44.34
CA THR C 511 -4.89 -7.74 -44.03
C THR C 511 -4.64 -7.33 -42.59
N ASN C 512 -4.71 -8.28 -41.66
CA ASN C 512 -4.47 -8.03 -40.24
C ASN C 512 -3.20 -8.73 -39.79
N LEU C 513 -2.46 -8.08 -38.90
CA LEU C 513 -1.24 -8.66 -38.31
C LEU C 513 -1.39 -8.55 -36.79
N GLN C 514 -1.93 -9.61 -36.18
CA GLN C 514 -2.19 -9.60 -34.74
C GLN C 514 -1.00 -10.10 -33.93
N PHE C 515 -0.20 -11.01 -34.46
CA PHE C 515 0.96 -11.52 -33.71
C PHE C 515 2.12 -11.77 -34.67
N VAL C 516 3.29 -11.25 -34.32
CA VAL C 516 4.52 -11.48 -35.06
C VAL C 516 5.55 -12.06 -34.10
N LEU C 517 6.18 -13.17 -34.51
CA LEU C 517 7.17 -13.83 -33.68
C LEU C 517 8.46 -14.02 -34.47
N ALA C 518 9.59 -13.72 -33.83
CA ALA C 518 10.90 -13.88 -34.44
C ALA C 518 11.76 -14.87 -33.68
N ARG D 22 -22.87 -15.61 -3.22
CA ARG D 22 -23.35 -16.96 -3.42
C ARG D 22 -24.59 -16.97 -4.31
N VAL D 23 -24.68 -17.97 -5.18
CA VAL D 23 -25.85 -18.09 -6.05
C VAL D 23 -27.10 -18.35 -5.22
N GLY D 24 -27.00 -19.28 -4.27
CA GLY D 24 -28.08 -19.55 -3.35
C GLY D 24 -29.39 -19.94 -4.04
N PRO D 25 -29.42 -21.13 -4.65
CA PRO D 25 -30.66 -21.58 -5.28
C PRO D 25 -31.84 -21.63 -4.31
N GLN D 26 -31.59 -22.06 -3.07
CA GLN D 26 -32.60 -21.93 -2.04
C GLN D 26 -32.67 -20.51 -1.50
N TYR D 27 -31.55 -19.80 -1.48
CA TYR D 27 -31.53 -18.43 -0.97
C TYR D 27 -32.34 -17.50 -1.87
N GLN D 28 -32.30 -17.72 -3.18
CA GLN D 28 -33.03 -16.86 -4.12
C GLN D 28 -34.53 -16.96 -3.87
N ALA D 29 -35.20 -15.82 -3.94
CA ALA D 29 -36.64 -15.78 -3.73
C ALA D 29 -37.36 -16.53 -4.84
N VAL D 30 -38.47 -17.19 -4.47
CA VAL D 30 -39.25 -17.96 -5.42
C VAL D 30 -40.24 -17.04 -6.11
N VAL D 31 -39.81 -16.39 -7.19
CA VAL D 31 -40.70 -15.49 -7.93
C VAL D 31 -41.72 -16.32 -8.70
N PRO D 32 -42.98 -15.86 -8.82
CA PRO D 32 -44.01 -16.58 -9.56
C PRO D 32 -43.86 -16.46 -11.08
N ASN D 48 -56.40 -5.71 3.18
CA ASN D 48 -55.18 -5.21 3.81
C ASN D 48 -55.15 -5.54 5.30
N LEU D 49 -56.35 -5.59 5.90
CA LEU D 49 -56.52 -5.90 7.32
C LEU D 49 -55.77 -4.91 8.21
N GLY D 50 -55.66 -3.66 7.77
CA GLY D 50 -54.99 -2.62 8.52
C GLY D 50 -55.99 -1.74 9.25
N MET D 51 -55.63 -1.36 10.47
CA MET D 51 -56.48 -0.51 11.30
C MET D 51 -56.13 0.95 11.04
N LEU D 52 -57.07 1.69 10.46
CA LEU D 52 -56.86 3.10 10.14
C LEU D 52 -57.00 3.91 11.42
N VAL D 53 -55.88 4.23 12.05
CA VAL D 53 -55.91 5.00 13.30
C VAL D 53 -56.43 6.41 13.04
N TRP D 54 -55.93 7.06 11.99
CA TRP D 54 -56.32 8.43 11.69
C TRP D 54 -56.35 8.63 10.19
N SER D 55 -57.33 9.40 9.72
CA SER D 55 -57.47 9.76 8.33
C SER D 55 -57.75 11.26 8.22
N PRO D 56 -57.24 11.91 7.16
CA PRO D 56 -57.51 13.33 6.99
C PRO D 56 -58.98 13.61 6.72
N ASN D 57 -59.42 14.78 7.15
CA ASN D 57 -60.79 15.23 6.95
C ASN D 57 -60.78 16.45 6.03
N GLN D 58 -61.31 16.28 4.82
CA GLN D 58 -61.36 17.39 3.88
C GLN D 58 -62.28 18.49 4.35
N ASN D 59 -63.44 18.13 4.89
CA ASN D 59 -64.40 19.14 5.36
C ASN D 59 -63.83 19.94 6.52
N LEU D 60 -63.16 19.29 7.46
CA LEU D 60 -62.61 19.99 8.61
C LEU D 60 -61.48 20.91 8.20
N SER D 61 -61.48 22.12 8.77
CA SER D 61 -60.44 23.09 8.49
C SER D 61 -59.22 22.84 9.35
N GLU D 62 -58.05 23.21 8.82
CA GLU D 62 -56.81 23.04 9.57
C GLU D 62 -56.81 23.88 10.84
N ALA D 63 -57.26 25.13 10.73
CA ALA D 63 -57.34 25.99 11.93
C ALA D 63 -58.34 25.43 12.92
N LYS D 64 -59.50 24.98 12.45
CA LYS D 64 -60.50 24.41 13.34
C LYS D 64 -59.98 23.15 14.02
N LEU D 65 -59.30 22.29 13.26
CA LEU D 65 -58.73 21.07 13.84
C LEU D 65 -57.67 21.40 14.88
N ASP D 66 -56.82 22.39 14.59
CA ASP D 66 -55.80 22.79 15.55
C ASP D 66 -56.42 23.35 16.82
N GLU D 67 -57.46 24.18 16.68
CA GLU D 67 -58.15 24.72 17.84
C GLU D 67 -58.80 23.62 18.66
N TYR D 68 -59.42 22.64 18.00
CA TYR D 68 -60.03 21.53 18.71
C TYR D 68 -58.98 20.71 19.46
N ILE D 69 -57.84 20.46 18.82
CA ILE D 69 -56.78 19.70 19.48
C ILE D 69 -56.24 20.45 20.68
N ALA D 70 -56.05 21.76 20.55
CA ALA D 70 -55.57 22.57 21.67
C ALA D 70 -56.57 22.57 22.81
N ILE D 71 -57.86 22.69 22.50
CA ILE D 71 -58.89 22.69 23.53
C ILE D 71 -58.92 21.33 24.23
N ALA D 72 -58.82 20.24 23.47
CA ALA D 72 -58.82 18.92 24.07
C ALA D 72 -57.61 18.73 24.98
N LYS D 73 -56.44 19.18 24.54
CA LYS D 73 -55.23 19.07 25.36
C LYS D 73 -55.37 19.89 26.64
N GLU D 74 -55.95 21.09 26.54
CA GLU D 74 -56.08 21.95 27.71
C GLU D 74 -57.10 21.40 28.70
N LYS D 75 -58.19 20.82 28.20
CA LYS D 75 -59.28 20.38 29.08
C LYS D 75 -59.09 18.95 29.57
N HIS D 76 -59.07 17.98 28.65
CA HIS D 76 -58.94 16.58 29.02
C HIS D 76 -57.48 16.14 29.04
N ASN D 79 -53.43 13.43 24.50
CA ASN D 79 -52.41 13.75 23.51
C ASN D 79 -53.04 14.08 22.16
N MET D 80 -52.22 14.59 21.23
CA MET D 80 -52.72 14.93 19.90
C MET D 80 -53.22 13.70 19.17
N GLU D 81 -52.50 12.58 19.28
CA GLU D 81 -52.94 11.34 18.64
C GLU D 81 -54.27 10.86 19.20
N GLN D 82 -54.43 10.94 20.53
CA GLN D 82 -55.69 10.53 21.13
C GLN D 82 -56.85 11.39 20.66
N ALA D 83 -56.64 12.70 20.60
CA ALA D 83 -57.70 13.59 20.12
C ALA D 83 -58.02 13.33 18.66
N LEU D 84 -57.00 13.08 17.83
CA LEU D 84 -57.25 12.77 16.43
C LEU D 84 -58.03 11.46 16.28
N GLY D 85 -57.67 10.45 17.07
CA GLY D 85 -58.42 9.20 17.03
C GLY D 85 -59.86 9.36 17.49
N MET D 86 -60.08 10.16 18.53
CA MET D 86 -61.44 10.42 18.99
C MET D 86 -62.26 11.14 17.94
N LEU D 87 -61.65 12.12 17.26
CA LEU D 87 -62.35 12.83 16.19
C LEU D 87 -62.65 11.90 15.02
N PHE D 88 -61.71 11.02 14.67
CA PHE D 88 -61.93 10.09 13.57
C PHE D 88 -63.03 9.09 13.89
N TRP D 89 -63.08 8.63 15.14
CA TRP D 89 -64.11 7.66 15.54
C TRP D 89 -65.52 8.26 15.44
N HIS D 90 -65.63 9.59 15.53
CA HIS D 90 -66.90 10.28 15.45
C HIS D 90 -67.26 10.66 14.00
N LYS D 91 -66.70 9.96 13.02
CA LYS D 91 -66.94 10.25 11.60
C LYS D 91 -66.59 11.70 11.27
N HIS D 92 -65.46 12.16 11.78
CA HIS D 92 -64.96 13.52 11.52
C HIS D 92 -65.98 14.58 11.96
N ASN D 93 -66.42 14.47 13.21
CA ASN D 93 -67.35 15.41 13.81
C ASN D 93 -66.65 16.08 14.98
N ILE D 94 -66.24 17.34 14.80
CA ILE D 94 -65.54 18.07 15.85
C ILE D 94 -66.44 18.28 17.05
N GLU D 95 -67.70 18.67 16.81
CA GLU D 95 -68.62 18.91 17.92
C GLU D 95 -68.89 17.63 18.71
N LYS D 96 -69.11 16.52 18.02
CA LYS D 96 -69.35 15.25 18.72
C LYS D 96 -68.12 14.81 19.50
N SER D 97 -66.93 14.98 18.92
CA SER D 97 -65.70 14.62 19.62
C SER D 97 -65.51 15.47 20.87
N LEU D 98 -65.79 16.78 20.77
CA LEU D 98 -65.67 17.65 21.93
C LEU D 98 -66.70 17.28 23.00
N ALA D 99 -67.92 16.94 22.58
CA ALA D 99 -68.93 16.53 23.55
C ALA D 99 -68.54 15.24 24.26
N ASP D 100 -67.98 14.29 23.52
CA ASP D 100 -67.55 13.01 24.08
C ASP D 100 -66.13 13.05 24.62
N LEU D 101 -65.45 14.19 24.54
CA LEU D 101 -64.09 14.27 25.06
C LEU D 101 -63.99 14.01 26.56
N PRO D 102 -64.83 14.57 27.43
CA PRO D 102 -64.75 14.22 28.85
C PRO D 102 -65.01 12.75 29.13
N ASN D 103 -65.78 12.07 28.29
CA ASN D 103 -66.08 10.65 28.48
C ASN D 103 -64.83 9.79 28.24
N SER D 141 -37.47 -6.20 29.62
CA SER D 141 -38.38 -7.23 30.11
C SER D 141 -39.74 -7.13 29.42
N ILE D 142 -40.42 -6.00 29.61
CA ILE D 142 -41.73 -5.75 29.03
C ILE D 142 -41.72 -4.39 28.35
N ALA D 143 -42.79 -4.09 27.65
CA ALA D 143 -42.94 -2.82 26.94
C ALA D 143 -43.05 -1.66 27.92
N LYS D 147 -39.93 3.44 26.15
CA LYS D 147 -40.90 4.26 26.88
C LYS D 147 -40.46 4.44 28.32
N PHE D 148 -40.81 3.47 29.18
CA PHE D 148 -40.43 3.54 30.59
C PHE D 148 -38.93 3.53 30.75
N TYR D 149 -38.23 2.66 30.01
CA TYR D 149 -36.78 2.62 30.08
C TYR D 149 -36.16 3.85 29.43
N TYR D 150 -36.74 4.33 28.34
CA TYR D 150 -36.21 5.51 27.66
C TYR D 150 -36.38 6.76 28.51
N SER D 151 -37.36 6.79 29.41
CA SER D 151 -37.54 7.94 30.28
C SER D 151 -36.34 8.14 31.20
N TRP D 152 -35.77 7.04 31.72
CA TRP D 152 -34.59 7.15 32.55
C TRP D 152 -33.41 7.71 31.78
N LYS D 153 -33.22 7.26 30.53
CA LYS D 153 -32.13 7.78 29.72
C LYS D 153 -32.34 9.25 29.40
N LYS D 154 -33.58 9.66 29.12
CA LYS D 154 -33.87 11.06 28.88
C LYS D 154 -33.59 11.91 30.10
N THR D 155 -33.96 11.40 31.29
CA THR D 155 -33.69 12.13 32.52
C THR D 155 -32.19 12.25 32.77
N ARG D 156 -31.44 11.18 32.50
CA ARG D 156 -30.00 11.21 32.70
C ARG D 156 -29.30 12.16 31.74
N THR D 157 -29.93 12.49 30.61
CA THR D 157 -29.34 13.40 29.64
C THR D 157 -29.33 14.84 30.16
#